data_9F7L
#
_entry.id   9F7L
#
_cell.length_a   71.334
_cell.length_b   128.047
_cell.length_c   128.710
_cell.angle_alpha   90.000
_cell.angle_beta   94.820
_cell.angle_gamma   90.000
#
_symmetry.space_group_name_H-M   'P 1 21 1'
#
loop_
_entity.id
_entity.type
_entity.pdbx_description
1 polymer "3'-5' exonuclease"
2 polymer "DNA (5'-R(P*DGP*DG)-3')"
3 non-polymer 'SODIUM ION'
4 non-polymer 'CHLORIDE ION'
5 water water
#
loop_
_entity_poly.entity_id
_entity_poly.type
_entity_poly.pdbx_seq_one_letter_code
_entity_poly.pdbx_strand_id
1 'polypeptide(L)'
;SMTEIRVHQGDLPNLDNYRIDAVAVDTETLGLQPHRDRLCVVQLSSGDGTADVIQIAKGQKSAPNLVRLLSDRDITKIFH
FGRFDLAILAHTFGVMPDVVFCTKIASKLTRTYTDRHGLKEICGELLNVNISKQQQSSDWAAETLSRAQIEYAASDVLYL
HRLKDIFEERLKREERESVAKACFQFLPMRANLDLLGWSEIDIFAHS
;
A,C,E,G,I,K,M,O
2 'polydeoxyribonucleotide' (DG)(DG) B,D,F,H,J,L,N,P
#
# COMPACT_ATOMS: atom_id res chain seq x y z
N MET A 2 -8.87 -25.42 -40.64
CA MET A 2 -8.17 -25.23 -41.91
C MET A 2 -6.78 -24.61 -41.69
N THR A 3 -6.44 -24.33 -40.43
CA THR A 3 -5.12 -23.81 -40.07
C THR A 3 -4.14 -24.98 -40.00
N GLU A 4 -3.18 -25.02 -40.93
CA GLU A 4 -2.17 -26.07 -40.93
C GLU A 4 -1.16 -25.84 -39.80
N ILE A 5 -0.99 -26.83 -38.94
CA ILE A 5 -0.02 -26.79 -37.85
C ILE A 5 0.84 -28.04 -37.93
N ARG A 6 2.14 -27.87 -38.20
CA ARG A 6 3.10 -28.97 -38.22
C ARG A 6 3.77 -29.09 -36.85
N VAL A 7 3.63 -30.27 -36.23
CA VAL A 7 4.20 -30.55 -34.91
C VAL A 7 5.48 -31.34 -35.06
N HIS A 8 6.54 -30.94 -34.34
CA HIS A 8 7.83 -31.60 -34.40
C HIS A 8 8.33 -31.98 -33.00
N GLN A 9 9.19 -32.98 -32.97
CA GLN A 9 9.96 -33.35 -31.78
C GLN A 9 11.35 -32.73 -31.90
N GLY A 10 11.68 -31.83 -30.99
CA GLY A 10 13.06 -31.39 -30.86
C GLY A 10 13.51 -30.24 -31.73
N ASP A 11 13.22 -30.30 -33.03
CA ASP A 11 13.74 -29.32 -33.97
C ASP A 11 12.88 -29.32 -35.23
N LEU A 12 12.97 -28.23 -35.99
CA LEU A 12 12.50 -28.27 -37.36
C LEU A 12 13.31 -29.32 -38.13
N PRO A 13 12.69 -30.03 -39.09
CA PRO A 13 13.47 -30.98 -39.91
C PRO A 13 14.45 -30.29 -40.85
N ASN A 14 14.15 -29.06 -41.26
CA ASN A 14 14.96 -28.28 -42.19
C ASN A 14 14.38 -26.86 -42.19
N LEU A 15 14.98 -25.98 -42.99
CA LEU A 15 14.57 -24.58 -43.00
C LEU A 15 13.82 -24.19 -44.27
N ASP A 16 13.27 -25.17 -45.01
CA ASP A 16 12.66 -24.89 -46.32
C ASP A 16 11.50 -23.89 -46.21
N ASN A 17 10.79 -23.85 -45.08
CA ASN A 17 9.68 -22.91 -44.90
C ASN A 17 10.11 -21.58 -44.27
N TYR A 18 11.40 -21.35 -44.07
CA TYR A 18 11.85 -20.15 -43.39
C TYR A 18 12.95 -19.44 -44.17
N ARG A 19 12.84 -19.43 -45.50
CA ARG A 19 13.67 -18.57 -46.35
C ARG A 19 12.99 -17.21 -46.50
N ILE A 20 12.91 -16.48 -45.39
CA ILE A 20 12.06 -15.31 -45.27
C ILE A 20 12.80 -14.19 -44.52
N ASP A 21 12.22 -12.99 -44.58
CA ASP A 21 12.83 -11.81 -43.98
C ASP A 21 12.57 -11.69 -42.48
N ALA A 22 11.50 -12.30 -41.98
CA ALA A 22 11.06 -12.13 -40.60
C ALA A 22 10.25 -13.35 -40.20
N VAL A 23 10.48 -13.85 -39.00
CA VAL A 23 9.78 -15.03 -38.49
C VAL A 23 9.09 -14.68 -37.17
N ALA A 24 7.86 -15.18 -37.01
CA ALA A 24 7.12 -15.06 -35.77
C ALA A 24 7.55 -16.16 -34.81
N VAL A 25 7.88 -15.79 -33.57
CA VAL A 25 8.38 -16.74 -32.56
C VAL A 25 7.58 -16.59 -31.28
N ASP A 26 7.27 -17.71 -30.63
CA ASP A 26 6.71 -17.72 -29.29
C ASP A 26 7.16 -19.00 -28.59
N THR A 27 6.97 -19.03 -27.26
CA THR A 27 7.41 -20.18 -26.48
C THR A 27 6.32 -20.55 -25.49
N GLU A 28 6.36 -21.80 -25.05
CA GLU A 28 5.66 -22.25 -23.85
C GLU A 28 6.67 -22.86 -22.88
N THR A 29 6.40 -22.71 -21.59
CA THR A 29 7.33 -23.11 -20.54
C THR A 29 6.53 -23.67 -19.37
N LEU A 30 7.23 -24.12 -18.34
CA LEU A 30 6.61 -24.48 -17.08
C LEU A 30 6.40 -23.27 -16.15
N GLY A 31 6.78 -22.07 -16.56
CA GLY A 31 6.53 -20.90 -15.74
C GLY A 31 7.36 -19.71 -16.19
N LEU A 32 7.37 -18.68 -15.33
CA LEU A 32 7.98 -17.41 -15.68
C LEU A 32 9.45 -17.29 -15.27
N GLN A 33 9.99 -18.27 -14.55
CA GLN A 33 11.36 -18.17 -14.04
C GLN A 33 12.29 -19.11 -14.82
N PRO A 34 13.08 -18.58 -15.75
CA PRO A 34 13.82 -19.48 -16.66
C PRO A 34 14.82 -20.38 -15.94
N HIS A 35 15.40 -19.97 -14.81
CA HIS A 35 16.31 -20.87 -14.12
C HIS A 35 15.61 -22.07 -13.49
N ARG A 36 14.28 -22.01 -13.31
CA ARG A 36 13.52 -23.11 -12.73
C ARG A 36 12.60 -23.80 -13.73
N ASP A 37 12.03 -23.04 -14.68
CA ASP A 37 10.91 -23.49 -15.50
C ASP A 37 11.41 -23.66 -16.94
N ARG A 38 11.55 -24.91 -17.35
CA ARG A 38 12.20 -25.21 -18.62
C ARG A 38 11.34 -24.81 -19.82
N LEU A 39 12.03 -24.50 -20.92
CA LEU A 39 11.39 -24.42 -22.22
C LEU A 39 10.74 -25.75 -22.60
N CYS A 40 9.47 -25.69 -22.99
CA CYS A 40 8.68 -26.86 -23.38
C CYS A 40 8.30 -26.88 -24.85
N VAL A 41 8.03 -25.71 -25.44
CA VAL A 41 7.54 -25.59 -26.80
C VAL A 41 8.11 -24.30 -27.40
N VAL A 42 8.52 -24.38 -28.66
CA VAL A 42 8.82 -23.21 -29.48
C VAL A 42 7.88 -23.23 -30.68
N GLN A 43 7.25 -22.10 -30.96
CA GLN A 43 6.33 -21.97 -32.06
C GLN A 43 6.86 -20.94 -33.04
N LEU A 44 6.70 -21.24 -34.33
CA LEU A 44 7.19 -20.41 -35.41
C LEU A 44 6.10 -20.24 -36.45
N SER A 45 6.15 -19.11 -37.17
CA SER A 45 5.31 -18.92 -38.33
C SER A 45 6.01 -17.98 -39.30
N SER A 46 5.91 -18.31 -40.57
CA SER A 46 6.39 -17.44 -41.63
C SER A 46 5.43 -16.31 -41.95
N GLY A 47 4.23 -16.31 -41.38
CA GLY A 47 3.21 -15.37 -41.77
C GLY A 47 2.28 -15.85 -42.86
N ASP A 48 2.39 -17.09 -43.31
CA ASP A 48 1.55 -17.60 -44.39
C ASP A 48 0.30 -18.30 -43.88
N GLY A 49 -0.02 -18.16 -42.59
CA GLY A 49 -1.20 -18.76 -41.99
C GLY A 49 -0.98 -20.12 -41.39
N THR A 50 0.21 -20.69 -41.54
CA THR A 50 0.57 -21.97 -40.98
C THR A 50 1.61 -21.78 -39.86
N ALA A 51 1.71 -22.76 -38.98
CA ALA A 51 2.63 -22.64 -37.85
C ALA A 51 3.37 -23.96 -37.65
N ASP A 52 4.58 -23.84 -37.10
CA ASP A 52 5.35 -25.00 -36.65
C ASP A 52 5.41 -24.96 -35.14
N VAL A 53 5.07 -26.09 -34.52
CA VAL A 53 5.07 -26.25 -33.07
C VAL A 53 6.12 -27.31 -32.75
N ILE A 54 7.17 -26.91 -32.04
CA ILE A 54 8.32 -27.76 -31.75
C ILE A 54 8.32 -28.08 -30.27
N GLN A 55 8.26 -29.35 -29.94
CA GLN A 55 8.29 -29.81 -28.56
C GLN A 55 9.75 -29.93 -28.11
N ILE A 56 10.10 -29.22 -27.05
CA ILE A 56 11.45 -29.26 -26.53
C ILE A 56 11.47 -30.25 -25.37
N ALA A 57 12.36 -31.23 -25.47
CA ALA A 57 12.48 -32.25 -24.42
C ALA A 57 13.20 -31.69 -23.20
N LYS A 58 12.92 -32.28 -22.04
CA LYS A 58 13.62 -31.92 -20.81
C LYS A 58 15.10 -32.25 -20.94
N GLY A 59 15.96 -31.28 -20.64
CA GLY A 59 17.38 -31.47 -20.77
C GLY A 59 17.95 -31.23 -22.16
N GLN A 60 17.12 -30.85 -23.13
CA GLN A 60 17.59 -30.73 -24.51
C GLN A 60 18.56 -29.57 -24.67
N LYS A 61 19.76 -29.86 -25.19
CA LYS A 61 20.81 -28.86 -25.35
C LYS A 61 20.84 -28.20 -26.71
N SER A 62 20.31 -28.87 -27.74
CA SER A 62 20.56 -28.52 -29.13
C SER A 62 19.26 -28.49 -29.92
N ALA A 63 19.19 -27.56 -30.89
CA ALA A 63 18.11 -27.55 -31.88
C ALA A 63 18.63 -26.85 -33.13
N PRO A 64 19.50 -27.53 -33.89
CA PRO A 64 20.35 -26.84 -34.90
C PRO A 64 19.62 -25.94 -35.89
N ASN A 65 18.50 -26.40 -36.46
CA ASN A 65 17.81 -25.58 -37.44
C ASN A 65 17.16 -24.37 -36.79
N LEU A 66 16.39 -24.59 -35.73
CA LEU A 66 15.76 -23.48 -35.02
C LEU A 66 16.78 -22.43 -34.60
N VAL A 67 17.89 -22.88 -34.01
CA VAL A 67 18.87 -21.95 -33.45
C VAL A 67 19.61 -21.22 -34.58
N ARG A 68 19.83 -21.88 -35.72
CA ARG A 68 20.35 -21.18 -36.90
C ARG A 68 19.46 -20.00 -37.27
N LEU A 69 18.14 -20.21 -37.26
CA LEU A 69 17.17 -19.15 -37.50
C LEU A 69 17.30 -18.04 -36.46
N LEU A 70 17.37 -18.43 -35.18
CA LEU A 70 17.46 -17.46 -34.09
C LEU A 70 18.69 -16.58 -34.20
N SER A 71 19.79 -17.10 -34.75
CA SER A 71 21.02 -16.31 -34.83
C SER A 71 21.31 -15.78 -36.24
N ASP A 72 20.34 -15.88 -37.16
CA ASP A 72 20.49 -15.34 -38.50
C ASP A 72 20.11 -13.86 -38.49
N ARG A 73 21.10 -12.98 -38.55
CA ARG A 73 20.87 -11.55 -38.45
C ARG A 73 20.14 -10.96 -39.65
N ASP A 74 20.00 -11.70 -40.75
CA ASP A 74 19.20 -11.22 -41.87
C ASP A 74 17.73 -11.57 -41.72
N ILE A 75 17.34 -12.19 -40.60
CA ILE A 75 15.95 -12.56 -40.36
C ILE A 75 15.51 -11.87 -39.07
N THR A 76 14.46 -11.05 -39.15
CA THR A 76 13.96 -10.41 -37.94
C THR A 76 13.09 -11.39 -37.18
N LYS A 77 13.38 -11.55 -35.88
CA LYS A 77 12.55 -12.36 -35.00
C LYS A 77 11.48 -11.46 -34.40
N ILE A 78 10.21 -11.77 -34.70
CA ILE A 78 9.08 -11.02 -34.17
C ILE A 78 8.56 -11.74 -32.93
N PHE A 79 8.32 -10.99 -31.86
CA PHE A 79 7.73 -11.54 -30.65
C PHE A 79 6.63 -10.63 -30.15
N HIS A 80 5.75 -11.19 -29.33
CA HIS A 80 4.97 -10.40 -28.38
C HIS A 80 5.62 -10.56 -27.02
N PHE A 81 6.15 -9.45 -26.49
CA PHE A 81 6.96 -9.44 -25.27
C PHE A 81 8.19 -10.36 -25.41
N GLY A 82 9.02 -10.04 -26.42
CA GLY A 82 10.27 -10.73 -26.65
C GLY A 82 11.20 -10.82 -25.44
N ARG A 83 11.08 -9.88 -24.50
CA ARG A 83 11.88 -9.95 -23.29
C ARG A 83 11.77 -11.31 -22.60
N PHE A 84 10.57 -11.88 -22.53
CA PHE A 84 10.45 -13.21 -21.95
C PHE A 84 11.04 -14.29 -22.86
N ASP A 85 10.63 -14.32 -24.13
CA ASP A 85 11.02 -15.43 -25.00
C ASP A 85 12.54 -15.46 -25.22
N LEU A 86 13.15 -14.28 -25.43
CA LEU A 86 14.59 -14.19 -25.61
C LEU A 86 15.34 -14.74 -24.39
N ALA A 87 14.82 -14.49 -23.19
CA ALA A 87 15.48 -15.00 -21.99
C ALA A 87 15.47 -16.53 -21.96
N ILE A 88 14.31 -17.15 -22.16
CA ILE A 88 14.28 -18.61 -22.01
C ILE A 88 14.97 -19.29 -23.19
N LEU A 89 14.88 -18.70 -24.40
CA LEU A 89 15.58 -19.26 -25.56
C LEU A 89 17.08 -19.21 -25.36
N ALA A 90 17.61 -18.04 -24.93
CA ALA A 90 19.05 -17.93 -24.73
C ALA A 90 19.51 -18.81 -23.58
N HIS A 91 18.74 -18.87 -22.50
CA HIS A 91 19.09 -19.75 -21.39
C HIS A 91 19.16 -21.21 -21.83
N THR A 92 18.25 -21.62 -22.73
CA THR A 92 18.15 -23.04 -23.07
C THR A 92 19.22 -23.44 -24.08
N PHE A 93 19.34 -22.70 -25.17
CA PHE A 93 20.22 -23.08 -26.27
C PHE A 93 21.51 -22.26 -26.34
N GLY A 94 21.68 -21.26 -25.47
CA GLY A 94 22.95 -20.54 -25.38
C GLY A 94 23.18 -19.49 -26.44
N VAL A 95 22.16 -19.11 -27.20
CA VAL A 95 22.27 -18.18 -28.32
C VAL A 95 21.23 -17.09 -28.12
N MET A 96 21.70 -15.84 -28.01
CA MET A 96 20.80 -14.70 -27.87
C MET A 96 20.63 -14.04 -29.24
N PRO A 97 19.41 -14.01 -29.79
CA PRO A 97 19.20 -13.31 -31.08
C PRO A 97 19.56 -11.82 -30.98
N ASP A 98 20.01 -11.28 -32.12
CA ASP A 98 20.37 -9.86 -32.27
C ASP A 98 19.23 -9.01 -32.79
N VAL A 99 18.50 -9.50 -33.80
CA VAL A 99 17.60 -8.68 -34.60
C VAL A 99 16.17 -9.10 -34.27
N VAL A 100 15.45 -8.22 -33.56
CA VAL A 100 14.15 -8.58 -32.99
C VAL A 100 13.17 -7.45 -33.22
N PHE A 101 11.88 -7.79 -33.09
CA PHE A 101 10.78 -6.84 -33.09
C PHE A 101 9.82 -7.31 -32.02
N CYS A 102 9.33 -6.38 -31.19
CA CYS A 102 8.43 -6.74 -30.08
C CYS A 102 7.12 -5.98 -30.21
N THR A 103 6.01 -6.71 -30.29
CA THR A 103 4.71 -6.04 -30.40
C THR A 103 4.25 -5.44 -29.07
N LYS A 104 4.74 -5.93 -27.93
CA LYS A 104 4.31 -5.29 -26.69
C LYS A 104 4.99 -3.93 -26.53
N ILE A 105 6.31 -3.87 -26.78
CA ILE A 105 7.00 -2.57 -26.80
C ILE A 105 6.36 -1.66 -27.84
N ALA A 106 6.13 -2.17 -29.06
CA ALA A 106 5.48 -1.38 -30.10
C ALA A 106 4.13 -0.84 -29.63
N SER A 107 3.30 -1.70 -29.01
CA SER A 107 2.02 -1.26 -28.47
C SER A 107 2.20 -0.12 -27.46
N LYS A 108 3.17 -0.25 -26.56
CA LYS A 108 3.35 0.76 -25.54
C LYS A 108 3.79 2.09 -26.14
N LEU A 109 4.39 2.08 -27.33
CA LEU A 109 4.84 3.27 -28.05
C LEU A 109 3.78 3.87 -28.96
N THR A 110 2.65 3.20 -29.16
CA THR A 110 1.69 3.65 -30.16
C THR A 110 0.27 3.67 -29.64
N ARG A 111 -0.09 2.71 -28.80
CA ARG A 111 -1.45 2.62 -28.27
C ARG A 111 -1.52 3.38 -26.95
N THR A 112 -1.19 4.68 -27.06
CA THR A 112 -1.17 5.60 -25.94
C THR A 112 -2.57 5.88 -25.39
N TYR A 113 -3.61 5.37 -26.07
CA TYR A 113 -5.00 5.60 -25.65
C TYR A 113 -5.53 4.48 -24.79
N THR A 114 -4.69 3.52 -24.39
CA THR A 114 -5.15 2.41 -23.58
C THR A 114 -4.02 2.01 -22.65
N ASP A 115 -4.41 1.31 -21.59
CA ASP A 115 -3.47 0.81 -20.61
C ASP A 115 -3.33 -0.71 -20.66
N ARG A 116 -3.92 -1.35 -21.68
CA ARG A 116 -3.88 -2.81 -21.83
C ARG A 116 -3.11 -3.17 -23.09
N HIS A 117 -1.97 -3.83 -22.90
CA HIS A 117 -1.04 -4.12 -23.98
C HIS A 117 -0.80 -5.62 -24.14
N GLY A 118 -1.65 -6.44 -23.54
CA GLY A 118 -1.57 -7.87 -23.77
C GLY A 118 -1.85 -8.22 -25.23
N LEU A 119 -1.27 -9.34 -25.66
CA LEU A 119 -1.47 -9.80 -27.03
C LEU A 119 -2.96 -10.00 -27.33
N LYS A 120 -3.71 -10.58 -26.38
CA LYS A 120 -5.14 -10.77 -26.59
C LYS A 120 -5.84 -9.42 -26.82
N GLU A 121 -5.52 -8.41 -26.01
CA GLU A 121 -6.13 -7.11 -26.21
C GLU A 121 -5.71 -6.52 -27.55
N ILE A 122 -4.44 -6.69 -27.92
CA ILE A 122 -3.95 -6.14 -29.18
C ILE A 122 -4.65 -6.80 -30.39
N CYS A 123 -4.74 -8.14 -30.39
CA CYS A 123 -5.39 -8.82 -31.51
C CYS A 123 -6.85 -8.41 -31.63
N GLY A 124 -7.56 -8.32 -30.50
CA GLY A 124 -8.95 -7.94 -30.55
C GLY A 124 -9.17 -6.60 -31.22
N GLU A 125 -8.33 -5.63 -30.89
CA GLU A 125 -8.50 -4.29 -31.42
C GLU A 125 -7.94 -4.15 -32.83
N LEU A 126 -6.73 -4.65 -33.07
CA LEU A 126 -6.07 -4.38 -34.34
C LEU A 126 -6.58 -5.29 -35.45
N LEU A 127 -6.82 -6.57 -35.14
CA LEU A 127 -7.14 -7.55 -36.16
C LEU A 127 -8.56 -8.09 -36.04
N ASN A 128 -9.29 -7.68 -35.00
CA ASN A 128 -10.62 -8.22 -34.71
C ASN A 128 -10.59 -9.74 -34.55
N VAL A 129 -9.47 -10.26 -34.03
CA VAL A 129 -9.26 -11.68 -33.82
C VAL A 129 -9.33 -11.94 -32.32
N ASN A 130 -9.96 -13.05 -31.94
CA ASN A 130 -10.11 -13.39 -30.53
C ASN A 130 -9.10 -14.46 -30.13
N ILE A 131 -8.09 -14.05 -29.37
CA ILE A 131 -7.17 -14.97 -28.71
C ILE A 131 -7.85 -15.49 -27.46
N SER A 132 -7.78 -16.80 -27.23
CA SER A 132 -8.26 -17.40 -25.99
C SER A 132 -7.06 -17.88 -25.18
N LYS A 133 -6.96 -17.46 -23.92
CA LYS A 133 -5.81 -17.75 -23.07
C LYS A 133 -6.10 -18.83 -22.02
N GLN A 134 -6.93 -19.80 -22.35
CA GLN A 134 -7.28 -20.83 -21.38
C GLN A 134 -6.22 -21.92 -21.27
N SER A 138 -1.92 -24.64 -18.17
CA SER A 138 -1.84 -26.07 -18.47
C SER A 138 -0.40 -26.61 -18.46
N ASP A 139 -0.26 -27.95 -18.43
CA ASP A 139 1.03 -28.64 -18.36
C ASP A 139 1.69 -28.68 -19.73
N TRP A 140 2.55 -27.69 -20.02
CA TRP A 140 3.25 -27.63 -21.30
C TRP A 140 4.37 -28.65 -21.42
N ALA A 141 4.72 -29.36 -20.34
CA ALA A 141 5.75 -30.37 -20.37
C ALA A 141 5.21 -31.78 -20.62
N ALA A 142 3.91 -31.94 -20.87
CA ALA A 142 3.33 -33.25 -21.13
C ALA A 142 3.99 -33.92 -22.33
N GLU A 143 4.14 -35.25 -22.24
CA GLU A 143 4.71 -36.02 -23.35
C GLU A 143 3.96 -35.77 -24.65
N THR A 144 2.64 -35.80 -24.60
CA THR A 144 1.82 -35.52 -25.77
C THR A 144 0.98 -34.27 -25.47
N LEU A 145 1.10 -33.26 -26.31
CA LEU A 145 0.26 -32.08 -26.14
C LEU A 145 -1.16 -32.40 -26.60
N SER A 146 -2.13 -31.75 -25.97
CA SER A 146 -3.51 -31.89 -26.37
C SER A 146 -3.76 -31.06 -27.63
N ARG A 147 -4.87 -31.39 -28.32
CA ARG A 147 -5.28 -30.60 -29.47
C ARG A 147 -5.43 -29.13 -29.11
N ALA A 148 -6.13 -28.84 -28.00
CA ALA A 148 -6.27 -27.46 -27.54
C ALA A 148 -4.91 -26.80 -27.31
N GLN A 149 -3.96 -27.53 -26.71
CA GLN A 149 -2.63 -26.98 -26.48
C GLN A 149 -1.94 -26.64 -27.78
N ILE A 150 -2.00 -27.57 -28.75
CA ILE A 150 -1.34 -27.35 -30.04
C ILE A 150 -1.95 -26.13 -30.73
N GLU A 151 -3.26 -25.96 -30.62
CA GLU A 151 -3.91 -24.85 -31.30
C GLU A 151 -3.65 -23.53 -30.58
N TYR A 152 -3.65 -23.54 -29.25
CA TYR A 152 -3.30 -22.31 -28.54
C TYR A 152 -1.86 -21.89 -28.88
N ALA A 153 -0.94 -22.86 -28.90
CA ALA A 153 0.46 -22.54 -29.17
C ALA A 153 0.63 -21.92 -30.54
N ALA A 154 -0.07 -22.45 -31.55
CA ALA A 154 0.09 -21.93 -32.89
C ALA A 154 -0.53 -20.55 -33.02
N SER A 155 -1.66 -20.32 -32.36
CA SER A 155 -2.38 -19.07 -32.55
C SER A 155 -1.59 -17.84 -32.05
N ASP A 156 -0.58 -18.04 -31.19
CA ASP A 156 0.24 -16.96 -30.67
C ASP A 156 1.36 -16.52 -31.62
N VAL A 157 1.54 -17.19 -32.75
CA VAL A 157 2.45 -16.71 -33.79
C VAL A 157 1.75 -16.43 -35.11
N LEU A 158 0.48 -16.82 -35.28
CA LEU A 158 -0.16 -16.64 -36.58
C LEU A 158 -0.46 -15.17 -36.90
N TYR A 159 -0.37 -14.27 -35.91
CA TYR A 159 -0.82 -12.90 -36.10
C TYR A 159 0.29 -11.87 -35.98
N LEU A 160 1.51 -12.28 -35.67
CA LEU A 160 2.53 -11.28 -35.32
C LEU A 160 3.00 -10.50 -36.54
N HIS A 161 3.06 -11.12 -37.73
CA HIS A 161 3.42 -10.36 -38.93
C HIS A 161 2.41 -9.25 -39.19
N ARG A 162 1.12 -9.56 -39.13
CA ARG A 162 0.09 -8.55 -39.36
C ARG A 162 0.13 -7.48 -38.28
N LEU A 163 0.33 -7.89 -37.03
CA LEU A 163 0.47 -6.91 -35.97
C LEU A 163 1.67 -6.01 -36.23
N LYS A 164 2.78 -6.59 -36.69
CA LYS A 164 4.00 -5.82 -36.91
C LYS A 164 3.79 -4.78 -38.01
N ASP A 165 3.13 -5.17 -39.11
CA ASP A 165 2.85 -4.23 -40.17
C ASP A 165 2.03 -3.04 -39.67
N ILE A 166 1.02 -3.29 -38.84
CA ILE A 166 0.20 -2.17 -38.37
C ILE A 166 1.00 -1.29 -37.43
N PHE A 167 1.77 -1.90 -36.52
CA PHE A 167 2.55 -1.11 -35.59
C PHE A 167 3.59 -0.25 -36.31
N GLU A 168 4.18 -0.78 -37.39
CA GLU A 168 5.10 0.01 -38.19
C GLU A 168 4.38 1.22 -38.79
N GLU A 169 3.13 1.06 -39.22
CA GLU A 169 2.37 2.21 -39.72
C GLU A 169 2.15 3.25 -38.63
N ARG A 170 1.86 2.80 -37.41
CA ARG A 170 1.66 3.75 -36.32
C ARG A 170 2.97 4.38 -35.86
N LEU A 171 4.07 3.61 -35.88
CA LEU A 171 5.34 4.19 -35.50
C LEU A 171 5.78 5.25 -36.51
N LYS A 172 5.50 5.01 -37.79
CA LYS A 172 5.82 5.98 -38.84
C LYS A 172 4.96 7.24 -38.68
N ARG A 173 3.66 7.06 -38.46
CA ARG A 173 2.75 8.19 -38.37
C ARG A 173 3.07 9.09 -37.16
N GLU A 174 3.44 8.49 -36.04
CA GLU A 174 3.73 9.27 -34.85
C GLU A 174 5.21 9.64 -34.72
N GLU A 175 6.03 9.27 -35.71
CA GLU A 175 7.44 9.66 -35.80
C GLU A 175 8.24 9.12 -34.62
N ARG A 176 8.01 7.85 -34.31
CA ARG A 176 8.68 7.14 -33.21
C ARG A 176 9.46 5.93 -33.69
N GLU A 177 9.82 5.89 -34.99
CA GLU A 177 10.49 4.73 -35.54
C GLU A 177 11.88 4.55 -34.93
N SER A 178 12.65 5.63 -34.85
CA SER A 178 14.00 5.49 -34.32
C SER A 178 13.97 5.20 -32.82
N VAL A 179 12.93 5.68 -32.11
CA VAL A 179 12.74 5.30 -30.72
C VAL A 179 12.46 3.80 -30.60
N ALA A 180 11.53 3.28 -31.42
CA ALA A 180 11.27 1.84 -31.38
C ALA A 180 12.52 1.04 -31.73
N LYS A 181 13.25 1.47 -32.75
CA LYS A 181 14.42 0.70 -33.17
C LYS A 181 15.44 0.59 -32.04
N ALA A 182 15.68 1.69 -31.31
CA ALA A 182 16.61 1.63 -30.19
C ALA A 182 16.11 0.70 -29.09
N CYS A 183 14.81 0.71 -28.80
CA CYS A 183 14.25 -0.25 -27.83
C CYS A 183 14.46 -1.69 -28.29
N PHE A 184 14.28 -1.96 -29.59
CA PHE A 184 14.52 -3.31 -30.11
C PHE A 184 15.99 -3.67 -30.05
N GLN A 185 16.87 -2.70 -30.27
CA GLN A 185 18.31 -2.98 -30.21
C GLN A 185 18.75 -3.34 -28.80
N PHE A 186 18.11 -2.76 -27.79
CA PHE A 186 18.47 -3.05 -26.41
C PHE A 186 17.79 -4.30 -25.86
N LEU A 187 16.60 -4.64 -26.39
CA LEU A 187 15.80 -5.74 -25.85
C LEU A 187 16.58 -7.02 -25.56
N PRO A 188 17.45 -7.54 -26.45
CA PRO A 188 18.21 -8.75 -26.09
C PRO A 188 19.07 -8.57 -24.84
N MET A 189 19.70 -7.40 -24.68
CA MET A 189 20.45 -7.16 -23.45
C MET A 189 19.52 -7.02 -22.25
N ARG A 190 18.33 -6.45 -22.43
CA ARG A 190 17.36 -6.44 -21.33
C ARG A 190 17.00 -7.87 -20.91
N ALA A 191 16.84 -8.79 -21.88
CA ALA A 191 16.59 -10.19 -21.54
C ALA A 191 17.81 -10.81 -20.89
N ASN A 192 19.00 -10.46 -21.38
CA ASN A 192 20.22 -10.95 -20.76
C ASN A 192 20.35 -10.46 -19.33
N LEU A 193 20.02 -9.18 -19.08
CA LEU A 193 20.03 -8.65 -17.72
C LEU A 193 19.15 -9.49 -16.80
N ASP A 194 17.99 -9.91 -17.30
CA ASP A 194 17.10 -10.76 -16.51
C ASP A 194 17.79 -12.05 -16.10
N LEU A 195 18.44 -12.74 -17.05
CA LEU A 195 19.08 -14.01 -16.74
C LEU A 195 20.25 -13.83 -15.79
N LEU A 196 20.91 -12.67 -15.80
CA LEU A 196 22.05 -12.46 -14.91
C LEU A 196 21.62 -12.09 -13.49
N GLY A 197 20.35 -11.77 -13.26
CA GLY A 197 19.88 -11.49 -11.92
C GLY A 197 19.23 -10.13 -11.72
N TRP A 198 19.02 -9.36 -12.79
CA TRP A 198 18.34 -8.07 -12.68
C TRP A 198 16.89 -8.12 -13.18
N SER A 199 16.23 -9.30 -13.09
CA SER A 199 14.87 -9.41 -13.62
C SER A 199 13.88 -8.51 -12.90
N GLU A 200 14.07 -8.23 -11.62
CA GLU A 200 13.19 -7.35 -10.87
C GLU A 200 13.55 -5.86 -10.93
N ILE A 201 14.60 -5.48 -11.66
CA ILE A 201 15.18 -4.15 -11.60
C ILE A 201 15.00 -3.44 -12.95
N ASP A 202 14.32 -2.30 -12.93
CA ASP A 202 14.43 -1.35 -14.03
C ASP A 202 15.81 -0.70 -13.95
N ILE A 203 16.73 -1.11 -14.83
CA ILE A 203 18.12 -0.68 -14.71
C ILE A 203 18.28 0.82 -14.94
N PHE A 204 17.32 1.47 -15.60
CA PHE A 204 17.39 2.90 -15.90
C PHE A 204 16.67 3.76 -14.86
N ALA A 205 16.05 3.17 -13.85
CA ALA A 205 15.29 3.98 -12.89
C ALA A 205 16.21 4.72 -11.94
N HIS A 206 15.73 5.86 -11.44
CA HIS A 206 16.47 6.58 -10.41
C HIS A 206 16.58 5.74 -9.15
N SER A 207 15.47 5.14 -8.73
CA SER A 207 15.47 4.25 -7.59
C SER A 207 14.35 3.23 -7.73
N MET C 2 -34.57 11.23 -34.79
CA MET C 2 -33.36 10.72 -35.44
C MET C 2 -32.13 11.37 -34.84
N THR C 3 -31.00 10.68 -34.93
CA THR C 3 -29.72 11.19 -34.44
C THR C 3 -28.89 11.55 -35.67
N GLU C 4 -28.99 12.81 -36.10
CA GLU C 4 -28.21 13.31 -37.23
C GLU C 4 -26.84 13.78 -36.75
N ILE C 5 -25.78 13.21 -37.33
CA ILE C 5 -24.41 13.54 -36.98
C ILE C 5 -23.72 14.12 -38.22
N ARG C 6 -23.25 15.35 -38.10
CA ARG C 6 -22.54 16.01 -39.19
C ARG C 6 -21.04 15.89 -38.93
N VAL C 7 -20.31 15.32 -39.89
CA VAL C 7 -18.87 15.09 -39.78
C VAL C 7 -18.16 16.12 -40.64
N HIS C 8 -17.13 16.77 -40.07
CA HIS C 8 -16.38 17.81 -40.77
C HIS C 8 -14.89 17.55 -40.71
N GLN C 9 -14.17 18.00 -41.72
CA GLN C 9 -12.71 18.02 -41.72
C GLN C 9 -12.25 19.40 -41.26
N GLY C 10 -11.55 19.44 -40.13
CA GLY C 10 -10.90 20.69 -39.70
C GLY C 10 -11.67 21.68 -38.84
N ASP C 11 -12.88 22.05 -39.25
CA ASP C 11 -13.62 23.12 -38.60
C ASP C 11 -15.08 23.02 -39.00
N LEU C 12 -15.94 23.68 -38.24
CA LEU C 12 -17.31 23.87 -38.69
C LEU C 12 -17.30 24.74 -39.95
N PRO C 13 -18.25 24.51 -40.86
CA PRO C 13 -18.38 25.41 -42.02
C PRO C 13 -18.77 26.81 -41.64
N ASN C 14 -19.56 26.95 -40.57
CA ASN C 14 -20.07 28.22 -40.06
C ASN C 14 -20.68 27.91 -38.70
N LEU C 15 -21.29 28.93 -38.09
CA LEU C 15 -21.85 28.82 -36.76
C LEU C 15 -23.38 28.90 -36.77
N ASP C 16 -24.03 28.59 -37.89
CA ASP C 16 -25.48 28.76 -37.99
C ASP C 16 -26.25 27.86 -37.02
N ASN C 17 -25.68 26.72 -36.64
CA ASN C 17 -26.33 25.81 -35.69
C ASN C 17 -25.94 26.10 -34.24
N TYR C 18 -25.21 27.17 -33.98
CA TYR C 18 -24.72 27.45 -32.63
C TYR C 18 -24.98 28.90 -32.25
N ARG C 19 -26.10 29.47 -32.71
CA ARG C 19 -26.58 30.75 -32.19
C ARG C 19 -27.41 30.46 -30.94
N ILE C 20 -26.71 29.98 -29.91
CA ILE C 20 -27.32 29.46 -28.68
C ILE C 20 -26.55 29.96 -27.46
N ASP C 21 -27.17 29.76 -26.29
CA ASP C 21 -26.60 30.22 -25.03
C ASP C 21 -25.56 29.26 -24.44
N ALA C 22 -25.60 27.99 -24.81
CA ALA C 22 -24.74 26.96 -24.21
C ALA C 22 -24.53 25.85 -25.23
N VAL C 23 -23.29 25.35 -25.29
CA VAL C 23 -22.89 24.34 -26.24
C VAL C 23 -22.20 23.19 -25.52
N ALA C 24 -22.56 21.97 -25.90
CA ALA C 24 -21.93 20.75 -25.39
C ALA C 24 -20.65 20.49 -26.17
N VAL C 25 -19.55 20.23 -25.44
CA VAL C 25 -18.23 20.05 -26.04
C VAL C 25 -17.58 18.78 -25.48
N ASP C 26 -16.96 18.02 -26.38
CA ASP C 26 -16.11 16.91 -25.97
C ASP C 26 -15.02 16.76 -27.03
N THR C 27 -13.97 16.03 -26.67
CA THR C 27 -12.86 15.79 -27.58
C THR C 27 -12.48 14.32 -27.56
N GLU C 28 -11.78 13.89 -28.61
CA GLU C 28 -11.06 12.61 -28.64
C GLU C 28 -9.61 12.88 -28.99
N THR C 29 -8.72 12.04 -28.45
CA THR C 29 -7.28 12.24 -28.55
C THR C 29 -6.60 10.88 -28.69
N LEU C 30 -5.28 10.90 -28.82
CA LEU C 30 -4.48 9.69 -28.80
C LEU C 30 -4.10 9.26 -27.38
N GLY C 31 -4.59 9.92 -26.35
CA GLY C 31 -4.23 9.55 -25.00
C GLY C 31 -4.49 10.71 -24.04
N LEU C 32 -4.05 10.50 -22.80
CA LEU C 32 -4.36 11.44 -21.72
C LEU C 32 -3.29 12.51 -21.51
N GLN C 33 -2.19 12.49 -22.30
CA GLN C 33 -1.07 13.41 -22.11
C GLN C 33 -1.02 14.44 -23.23
N PRO C 34 -1.50 15.67 -23.01
CA PRO C 34 -1.66 16.62 -24.13
C PRO C 34 -0.36 16.98 -24.83
N HIS C 35 0.77 17.03 -24.11
CA HIS C 35 2.03 17.32 -24.78
C HIS C 35 2.47 16.19 -25.72
N ARG C 36 1.98 14.96 -25.53
CA ARG C 36 2.30 13.84 -26.40
C ARG C 36 1.17 13.41 -27.32
N ASP C 37 -0.08 13.47 -26.86
CA ASP C 37 -1.22 12.85 -27.52
C ASP C 37 -2.10 13.94 -28.13
N ARG C 38 -2.11 14.03 -29.45
CA ARG C 38 -2.71 15.15 -30.15
C ARG C 38 -4.24 15.12 -30.08
N LEU C 39 -4.83 16.31 -30.21
CA LEU C 39 -6.25 16.43 -30.49
C LEU C 39 -6.58 15.76 -31.82
N CYS C 40 -7.55 14.85 -31.82
CA CYS C 40 -7.99 14.16 -33.02
C CYS C 40 -9.39 14.54 -33.48
N VAL C 41 -10.32 14.73 -32.55
CA VAL C 41 -11.71 15.01 -32.88
C VAL C 41 -12.22 16.03 -31.87
N VAL C 42 -13.06 16.96 -32.33
CA VAL C 42 -13.87 17.78 -31.44
C VAL C 42 -15.34 17.55 -31.79
N GLN C 43 -16.16 17.35 -30.76
CA GLN C 43 -17.59 17.08 -30.91
C GLN C 43 -18.39 18.20 -30.25
N LEU C 44 -19.46 18.62 -30.92
CA LEU C 44 -20.30 19.72 -30.47
C LEU C 44 -21.77 19.34 -30.61
N SER C 45 -22.59 19.88 -29.70
CA SER C 45 -24.04 19.74 -29.85
C SER C 45 -24.72 20.94 -29.20
N SER C 46 -25.76 21.41 -29.88
CA SER C 46 -26.61 22.47 -29.36
C SER C 46 -27.63 21.95 -28.36
N GLY C 47 -27.71 20.64 -28.17
CA GLY C 47 -28.73 20.06 -27.34
C GLY C 47 -30.04 19.77 -28.05
N ASP C 48 -30.09 19.92 -29.37
CA ASP C 48 -31.29 19.61 -30.14
C ASP C 48 -31.34 18.17 -30.64
N GLY C 49 -30.49 17.29 -30.09
CA GLY C 49 -30.44 15.91 -30.54
C GLY C 49 -29.49 15.64 -31.68
N THR C 50 -28.89 16.66 -32.27
CA THR C 50 -27.93 16.52 -33.35
C THR C 50 -26.53 16.82 -32.82
N ALA C 51 -25.52 16.41 -33.58
CA ALA C 51 -24.15 16.66 -33.17
C ALA C 51 -23.28 16.93 -34.39
N ASP C 52 -22.23 17.71 -34.18
CA ASP C 52 -21.17 17.90 -35.17
C ASP C 52 -19.90 17.24 -34.65
N VAL C 53 -19.27 16.44 -35.51
CA VAL C 53 -18.04 15.72 -35.19
C VAL C 53 -16.97 16.26 -36.13
N ILE C 54 -15.96 16.92 -35.56
CA ILE C 54 -14.95 17.62 -36.34
C ILE C 54 -13.61 16.91 -36.22
N GLN C 55 -13.09 16.46 -37.35
CA GLN C 55 -11.79 15.78 -37.39
C GLN C 55 -10.68 16.82 -37.44
N ILE C 56 -9.77 16.75 -36.47
CA ILE C 56 -8.64 17.66 -36.38
C ILE C 56 -7.41 16.94 -36.93
N ALA C 57 -6.78 17.51 -37.94
CA ALA C 57 -5.62 16.90 -38.57
C ALA C 57 -4.37 17.04 -37.68
N LYS C 58 -3.37 16.23 -37.98
CA LYS C 58 -2.11 16.29 -37.26
C LYS C 58 -1.39 17.60 -37.59
N GLY C 59 -0.94 18.30 -36.55
CA GLY C 59 -0.30 19.58 -36.81
C GLY C 59 -1.24 20.70 -37.20
N GLN C 60 -2.56 20.51 -37.04
CA GLN C 60 -3.50 21.58 -37.34
C GLN C 60 -3.35 22.71 -36.32
N LYS C 61 -3.24 23.94 -36.81
CA LYS C 61 -2.98 25.06 -35.93
C LYS C 61 -4.20 25.96 -35.68
N SER C 62 -5.20 25.92 -36.55
CA SER C 62 -6.35 26.80 -36.39
C SER C 62 -7.65 26.07 -36.74
N ALA C 63 -8.72 26.54 -36.10
CA ALA C 63 -10.08 26.11 -36.44
C ALA C 63 -10.98 27.30 -36.16
N PRO C 64 -11.06 28.26 -37.10
CA PRO C 64 -11.59 29.60 -36.75
C PRO C 64 -13.01 29.60 -36.20
N ASN C 65 -13.93 28.80 -36.75
CA ASN C 65 -15.29 28.84 -36.25
C ASN C 65 -15.39 28.19 -34.88
N LEU C 66 -14.78 27.01 -34.73
CA LEU C 66 -14.83 26.33 -33.44
C LEU C 66 -14.22 27.19 -32.34
N VAL C 67 -13.08 27.81 -32.63
CA VAL C 67 -12.37 28.56 -31.62
C VAL C 67 -13.09 29.86 -31.32
N ARG C 68 -13.83 30.41 -32.29
CA ARG C 68 -14.72 31.54 -32.01
C ARG C 68 -15.73 31.15 -30.94
N LEU C 69 -16.35 29.99 -31.09
CA LEU C 69 -17.27 29.47 -30.10
C LEU C 69 -16.61 29.35 -28.74
N LEU C 70 -15.38 28.84 -28.71
CA LEU C 70 -14.72 28.55 -27.44
C LEU C 70 -14.39 29.82 -26.66
N SER C 71 -14.18 30.95 -27.33
CA SER C 71 -13.89 32.18 -26.63
C SER C 71 -15.07 33.14 -26.53
N ASP C 72 -16.25 32.76 -27.04
CA ASP C 72 -17.43 33.59 -26.92
C ASP C 72 -17.97 33.50 -25.49
N ARG C 73 -17.81 34.57 -24.72
CA ARG C 73 -18.17 34.53 -23.31
C ARG C 73 -19.68 34.50 -23.08
N ASP C 74 -20.49 34.78 -24.09
CA ASP C 74 -21.94 34.71 -23.93
C ASP C 74 -22.49 33.31 -24.18
N ILE C 75 -21.62 32.33 -24.45
CA ILE C 75 -22.00 30.94 -24.65
C ILE C 75 -21.27 30.11 -23.62
N THR C 76 -22.02 29.44 -22.74
CA THR C 76 -21.41 28.53 -21.79
C THR C 76 -21.00 27.23 -22.50
N LYS C 77 -19.77 26.79 -22.27
CA LYS C 77 -19.29 25.52 -22.81
C LYS C 77 -19.50 24.43 -21.75
N ILE C 78 -20.34 23.45 -22.06
CA ILE C 78 -20.63 22.35 -21.17
C ILE C 78 -19.69 21.20 -21.50
N PHE C 79 -18.96 20.73 -20.49
CA PHE C 79 -18.17 19.50 -20.62
C PHE C 79 -18.56 18.50 -19.52
N HIS C 80 -18.22 17.23 -19.77
CA HIS C 80 -18.03 16.25 -18.71
C HIS C 80 -16.54 16.08 -18.47
N PHE C 81 -16.10 16.40 -17.26
CA PHE C 81 -14.68 16.50 -16.92
C PHE C 81 -13.95 17.47 -17.86
N GLY C 82 -14.43 18.72 -17.84
CA GLY C 82 -13.81 19.77 -18.65
C GLY C 82 -12.32 19.96 -18.40
N ARG C 83 -11.84 19.63 -17.20
CA ARG C 83 -10.41 19.75 -16.92
C ARG C 83 -9.58 19.12 -18.02
N PHE C 84 -10.01 17.97 -18.55
CA PHE C 84 -9.28 17.33 -19.63
C PHE C 84 -9.47 18.08 -20.94
N ASP C 85 -10.72 18.37 -21.33
CA ASP C 85 -10.95 18.95 -22.64
C ASP C 85 -10.36 20.35 -22.76
N LEU C 86 -10.49 21.16 -21.71
CA LEU C 86 -9.92 22.50 -21.74
C LEU C 86 -8.43 22.44 -21.96
N ALA C 87 -7.75 21.49 -21.29
CA ALA C 87 -6.31 21.39 -21.44
C ALA C 87 -5.90 21.11 -22.89
N ILE C 88 -6.48 20.08 -23.52
CA ILE C 88 -6.03 19.72 -24.86
C ILE C 88 -6.47 20.77 -25.88
N LEU C 89 -7.68 21.34 -25.71
CA LEU C 89 -8.14 22.39 -26.61
C LEU C 89 -7.23 23.61 -26.52
N ALA C 90 -6.94 24.07 -25.31
CA ALA C 90 -6.08 25.25 -25.16
C ALA C 90 -4.69 24.97 -25.68
N HIS C 91 -4.18 23.76 -25.42
CA HIS C 91 -2.85 23.40 -25.88
C HIS C 91 -2.79 23.34 -27.40
N THR C 92 -3.90 22.97 -28.04
CA THR C 92 -3.86 22.84 -29.49
C THR C 92 -4.06 24.19 -30.17
N PHE C 93 -5.05 24.96 -29.76
CA PHE C 93 -5.44 26.15 -30.51
C PHE C 93 -5.08 27.46 -29.81
N GLY C 94 -4.50 27.41 -28.60
CA GLY C 94 -4.00 28.60 -27.96
C GLY C 94 -5.05 29.44 -27.26
N VAL C 95 -6.28 28.96 -27.15
CA VAL C 95 -7.38 29.73 -26.58
C VAL C 95 -8.04 28.90 -25.47
N MET C 96 -8.03 29.42 -24.25
CA MET C 96 -8.67 28.78 -23.11
C MET C 96 -10.02 29.43 -22.83
N PRO C 97 -11.13 28.71 -22.91
CA PRO C 97 -12.44 29.30 -22.56
C PRO C 97 -12.47 29.84 -21.14
N ASP C 98 -13.29 30.88 -20.94
CA ASP C 98 -13.58 31.43 -19.62
C ASP C 98 -14.84 30.87 -18.99
N VAL C 99 -15.89 30.57 -19.78
CA VAL C 99 -17.23 30.29 -19.26
C VAL C 99 -17.57 28.83 -19.53
N VAL C 100 -17.58 28.02 -18.48
CA VAL C 100 -17.71 26.57 -18.62
C VAL C 100 -18.65 26.00 -17.55
N PHE C 101 -19.19 24.82 -17.84
CA PHE C 101 -19.92 24.00 -16.89
C PHE C 101 -19.36 22.59 -16.98
N CYS C 102 -19.19 21.92 -15.84
CA CYS C 102 -18.64 20.57 -15.85
C CYS C 102 -19.58 19.62 -15.12
N THR C 103 -20.04 18.59 -15.82
CA THR C 103 -20.99 17.65 -15.21
C THR C 103 -20.32 16.74 -14.21
N LYS C 104 -19.01 16.52 -14.31
CA LYS C 104 -18.36 15.65 -13.33
C LYS C 104 -18.19 16.36 -11.99
N ILE C 105 -17.74 17.63 -12.01
CA ILE C 105 -17.72 18.44 -10.80
C ILE C 105 -19.12 18.56 -10.19
N ALA C 106 -20.11 18.88 -11.03
CA ALA C 106 -21.50 18.94 -10.58
C ALA C 106 -21.93 17.62 -9.95
N SER C 107 -21.55 16.50 -10.56
CA SER C 107 -21.87 15.20 -9.98
C SER C 107 -21.19 15.03 -8.62
N LYS C 108 -19.92 15.43 -8.50
CA LYS C 108 -19.23 15.28 -7.22
C LYS C 108 -19.87 16.15 -6.13
N LEU C 109 -20.52 17.23 -6.52
CA LEU C 109 -21.19 18.13 -5.59
C LEU C 109 -22.64 17.75 -5.28
N THR C 110 -23.23 16.84 -6.04
CA THR C 110 -24.65 16.55 -5.84
C THR C 110 -24.95 15.07 -5.61
N ARG C 111 -24.15 14.19 -6.23
CA ARG C 111 -24.37 12.76 -6.10
C ARG C 111 -23.46 12.22 -5.00
N THR C 112 -23.79 12.64 -3.79
CA THR C 112 -22.99 12.38 -2.60
C THR C 112 -23.20 10.97 -2.06
N TYR C 113 -24.08 10.20 -2.68
CA TYR C 113 -24.35 8.83 -2.30
C TYR C 113 -23.54 7.81 -3.10
N THR C 114 -22.58 8.27 -3.91
CA THR C 114 -21.85 7.33 -4.74
C THR C 114 -20.45 7.87 -5.00
N ASP C 115 -19.54 6.95 -5.34
CA ASP C 115 -18.20 7.35 -5.78
C ASP C 115 -17.96 7.05 -7.25
N ARG C 116 -19.01 6.83 -8.03
CA ARG C 116 -18.91 6.61 -9.47
C ARG C 116 -19.49 7.83 -10.19
N HIS C 117 -18.62 8.66 -10.77
CA HIS C 117 -19.00 9.92 -11.39
C HIS C 117 -18.69 9.96 -12.89
N GLY C 118 -18.45 8.80 -13.50
CA GLY C 118 -18.22 8.77 -14.93
C GLY C 118 -19.46 9.17 -15.72
N LEU C 119 -19.23 9.64 -16.96
CA LEU C 119 -20.34 9.99 -17.83
C LEU C 119 -21.32 8.83 -17.98
N LYS C 120 -20.82 7.66 -18.38
CA LYS C 120 -21.68 6.49 -18.56
C LYS C 120 -22.55 6.25 -17.34
N GLU C 121 -21.95 6.25 -16.14
CA GLU C 121 -22.72 6.06 -14.92
C GLU C 121 -23.78 7.14 -14.77
N ILE C 122 -23.41 8.39 -15.06
CA ILE C 122 -24.31 9.52 -14.84
C ILE C 122 -25.48 9.49 -15.81
N CYS C 123 -25.20 9.18 -17.08
CA CYS C 123 -26.26 9.05 -18.08
C CYS C 123 -27.21 7.91 -17.73
N GLY C 124 -26.68 6.80 -17.21
CA GLY C 124 -27.54 5.68 -16.89
C GLY C 124 -28.51 6.03 -15.78
N GLU C 125 -28.02 6.68 -14.75
CA GLU C 125 -28.84 7.00 -13.59
C GLU C 125 -29.80 8.14 -13.89
N LEU C 126 -29.28 9.25 -14.40
CA LEU C 126 -30.09 10.47 -14.50
C LEU C 126 -31.04 10.43 -15.70
N LEU C 127 -30.64 9.80 -16.81
CA LEU C 127 -31.44 9.80 -18.02
C LEU C 127 -31.88 8.42 -18.49
N ASN C 128 -31.45 7.34 -17.83
CA ASN C 128 -31.68 5.97 -18.29
C ASN C 128 -31.22 5.80 -19.74
N VAL C 129 -30.07 6.37 -20.04
CA VAL C 129 -29.47 6.32 -21.37
C VAL C 129 -28.20 5.49 -21.23
N ASN C 130 -28.13 4.39 -21.98
CA ASN C 130 -26.96 3.52 -21.96
C ASN C 130 -25.93 4.07 -22.95
N ILE C 131 -24.83 4.60 -22.42
CA ILE C 131 -23.66 4.97 -23.22
C ILE C 131 -22.74 3.77 -23.29
N SER C 132 -22.33 3.39 -24.50
CA SER C 132 -21.30 2.35 -24.64
C SER C 132 -19.93 2.99 -24.71
N LYS C 133 -18.99 2.45 -23.91
CA LYS C 133 -17.64 2.99 -23.84
C LYS C 133 -16.65 2.16 -24.68
N GLN C 134 -17.15 1.31 -25.59
CA GLN C 134 -16.28 0.37 -26.26
C GLN C 134 -15.27 1.05 -27.17
N GLN C 135 -15.69 2.10 -27.89
CA GLN C 135 -14.81 2.82 -28.80
C GLN C 135 -13.90 3.83 -28.09
N GLN C 136 -14.01 3.96 -26.76
CA GLN C 136 -13.23 4.96 -26.02
C GLN C 136 -11.73 4.77 -26.28
N SER C 137 -11.27 3.52 -26.29
CA SER C 137 -9.87 3.22 -26.60
C SER C 137 -9.81 2.64 -28.01
N SER C 138 -9.81 3.53 -28.99
CA SER C 138 -9.64 3.19 -30.39
C SER C 138 -8.66 4.20 -31.00
N ASP C 139 -8.27 3.95 -32.25
CA ASP C 139 -7.37 4.86 -32.95
C ASP C 139 -8.16 6.07 -33.45
N TRP C 140 -8.19 7.11 -32.62
CA TRP C 140 -8.89 8.34 -32.94
C TRP C 140 -8.18 9.20 -34.00
N ALA C 141 -6.90 8.93 -34.25
CA ALA C 141 -6.16 9.63 -35.30
C ALA C 141 -6.36 9.03 -36.71
N ALA C 142 -7.23 8.04 -36.88
CA ALA C 142 -7.40 7.41 -38.18
C ALA C 142 -7.91 8.42 -39.20
N GLU C 143 -7.51 8.22 -40.45
CA GLU C 143 -7.93 9.13 -41.51
C GLU C 143 -9.44 9.15 -41.66
N THR C 144 -10.06 7.97 -41.67
CA THR C 144 -11.50 7.83 -41.72
C THR C 144 -11.96 7.19 -40.43
N LEU C 145 -12.80 7.88 -39.67
CA LEU C 145 -13.37 7.27 -38.48
C LEU C 145 -14.41 6.22 -38.86
N SER C 146 -14.51 5.17 -38.03
CA SER C 146 -15.54 4.18 -38.26
C SER C 146 -16.90 4.73 -37.85
N ARG C 147 -17.96 4.12 -38.38
CA ARG C 147 -19.31 4.50 -37.98
C ARG C 147 -19.51 4.37 -36.48
N ALA C 148 -18.99 3.28 -35.88
CA ALA C 148 -19.04 3.15 -34.42
C ALA C 148 -18.31 4.31 -33.74
N GLN C 149 -17.17 4.72 -34.29
CA GLN C 149 -16.43 5.84 -33.70
C GLN C 149 -17.22 7.13 -33.79
N ILE C 150 -17.80 7.40 -34.97
CA ILE C 150 -18.58 8.63 -35.17
C ILE C 150 -19.76 8.67 -34.21
N GLU C 151 -20.49 7.57 -34.12
CA GLU C 151 -21.66 7.52 -33.24
C GLU C 151 -21.23 7.60 -31.77
N TYR C 152 -20.10 7.00 -31.42
CA TYR C 152 -19.65 7.12 -30.03
C TYR C 152 -19.23 8.55 -29.72
N ALA C 153 -18.49 9.18 -30.63
CA ALA C 153 -18.05 10.54 -30.41
C ALA C 153 -19.24 11.48 -30.19
N ALA C 154 -20.26 11.35 -31.05
CA ALA C 154 -21.43 12.22 -30.96
C ALA C 154 -22.20 11.99 -29.67
N SER C 155 -22.28 10.74 -29.22
CA SER C 155 -23.12 10.46 -28.07
C SER C 155 -22.53 11.01 -26.77
N ASP C 156 -21.23 11.34 -26.74
CA ASP C 156 -20.64 11.99 -25.57
C ASP C 156 -21.03 13.46 -25.42
N VAL C 157 -21.63 14.08 -26.45
CA VAL C 157 -22.14 15.45 -26.33
C VAL C 157 -23.65 15.52 -26.41
N LEU C 158 -24.34 14.44 -26.80
CA LEU C 158 -25.78 14.53 -27.02
C LEU C 158 -26.58 14.75 -25.75
N TYR C 159 -26.02 14.47 -24.57
CA TYR C 159 -26.83 14.47 -23.36
C TYR C 159 -26.39 15.51 -22.34
N LEU C 160 -25.35 16.30 -22.63
CA LEU C 160 -24.77 17.17 -21.62
C LEU C 160 -25.72 18.29 -21.20
N HIS C 161 -26.51 18.84 -22.14
CA HIS C 161 -27.51 19.86 -21.78
C HIS C 161 -28.51 19.30 -20.79
N ARG C 162 -29.02 18.08 -21.03
CA ARG C 162 -30.01 17.51 -20.12
C ARG C 162 -29.39 17.23 -18.76
N LEU C 163 -28.14 16.78 -18.74
CA LEU C 163 -27.46 16.57 -17.47
C LEU C 163 -27.29 17.89 -16.73
N LYS C 164 -26.86 18.93 -17.44
CA LYS C 164 -26.72 20.26 -16.85
C LYS C 164 -28.02 20.71 -16.18
N ASP C 165 -29.16 20.55 -16.87
CA ASP C 165 -30.43 20.96 -16.30
C ASP C 165 -30.69 20.27 -14.96
N ILE C 166 -30.42 18.96 -14.89
CA ILE C 166 -30.72 18.21 -13.67
C ILE C 166 -29.77 18.61 -12.55
N PHE C 167 -28.47 18.65 -12.85
CA PHE C 167 -27.48 19.03 -11.85
C PHE C 167 -27.75 20.44 -11.33
N GLU C 168 -28.17 21.35 -12.21
CA GLU C 168 -28.53 22.68 -11.75
C GLU C 168 -29.72 22.64 -10.80
N GLU C 169 -30.68 21.74 -11.06
CA GLU C 169 -31.77 21.57 -10.12
C GLU C 169 -31.28 21.06 -8.77
N ARG C 170 -30.32 20.14 -8.78
CA ARG C 170 -29.80 19.61 -7.53
C ARG C 170 -28.90 20.62 -6.84
N LEU C 171 -28.08 21.34 -7.60
CA LEU C 171 -27.28 22.41 -7.01
C LEU C 171 -28.18 23.42 -6.30
N LYS C 172 -29.34 23.70 -6.88
CA LYS C 172 -30.25 24.67 -6.27
C LYS C 172 -30.90 24.09 -5.02
N ARG C 173 -31.43 22.87 -5.11
CA ARG C 173 -32.09 22.24 -3.96
C ARG C 173 -31.14 22.13 -2.77
N GLU C 174 -29.89 21.75 -3.01
CA GLU C 174 -28.94 21.52 -1.93
C GLU C 174 -28.13 22.78 -1.58
N GLU C 175 -28.49 23.92 -2.17
CA GLU C 175 -27.91 25.24 -1.83
C GLU C 175 -26.40 25.28 -2.07
N ARG C 176 -25.99 24.84 -3.26
CA ARG C 176 -24.57 24.72 -3.59
C ARG C 176 -24.22 25.42 -4.90
N GLU C 177 -25.10 26.28 -5.40
CA GLU C 177 -24.85 26.95 -6.68
C GLU C 177 -23.57 27.77 -6.65
N SER C 178 -23.36 28.57 -5.59
CA SER C 178 -22.17 29.42 -5.59
C SER C 178 -20.90 28.60 -5.40
N VAL C 179 -20.99 27.46 -4.72
CA VAL C 179 -19.86 26.51 -4.69
C VAL C 179 -19.53 26.01 -6.11
N ALA C 180 -20.54 25.57 -6.85
CA ALA C 180 -20.27 25.06 -8.19
C ALA C 180 -19.70 26.16 -9.07
N LYS C 181 -20.31 27.35 -9.02
CA LYS C 181 -19.84 28.46 -9.85
C LYS C 181 -18.37 28.75 -9.61
N ALA C 182 -17.96 28.82 -8.34
CA ALA C 182 -16.54 29.08 -8.06
C ALA C 182 -15.65 27.96 -8.59
N CYS C 183 -16.11 26.70 -8.48
CA CYS C 183 -15.38 25.59 -9.09
C CYS C 183 -15.27 25.76 -10.60
N PHE C 184 -16.37 26.13 -11.27
CA PHE C 184 -16.35 26.33 -12.71
C PHE C 184 -15.45 27.51 -13.11
N GLN C 185 -15.44 28.57 -12.29
CA GLN C 185 -14.58 29.72 -12.56
C GLN C 185 -13.11 29.34 -12.47
N PHE C 186 -12.74 28.49 -11.50
CA PHE C 186 -11.35 28.04 -11.41
C PHE C 186 -10.97 27.00 -12.47
N LEU C 187 -11.93 26.21 -12.96
CA LEU C 187 -11.60 25.06 -13.82
C LEU C 187 -10.67 25.39 -14.99
N PRO C 188 -10.82 26.50 -15.73
CA PRO C 188 -9.82 26.80 -16.79
C PRO C 188 -8.40 26.93 -16.27
N MET C 189 -8.22 27.51 -15.07
CA MET C 189 -6.88 27.61 -14.50
C MET C 189 -6.39 26.27 -13.97
N ARG C 190 -7.28 25.42 -13.45
CA ARG C 190 -6.89 24.04 -13.14
C ARG C 190 -6.35 23.32 -14.38
N ALA C 191 -7.02 23.50 -15.53
CA ALA C 191 -6.52 22.89 -16.76
C ALA C 191 -5.22 23.53 -17.19
N ASN C 192 -5.09 24.84 -17.01
CA ASN C 192 -3.85 25.50 -17.36
C ASN C 192 -2.69 25.02 -16.49
N LEU C 193 -2.94 24.83 -15.18
CA LEU C 193 -1.93 24.27 -14.28
C LEU C 193 -1.45 22.91 -14.78
N ASP C 194 -2.36 22.12 -15.37
CA ASP C 194 -2.00 20.81 -15.91
C ASP C 194 -1.00 20.97 -17.04
N LEU C 195 -1.28 21.87 -17.99
CA LEU C 195 -0.38 22.04 -19.12
C LEU C 195 1.00 22.54 -18.68
N LEU C 196 1.03 23.36 -17.61
CA LEU C 196 2.26 23.97 -17.11
C LEU C 196 3.11 23.03 -16.29
N GLY C 197 2.59 21.86 -15.93
CA GLY C 197 3.38 20.88 -15.22
C GLY C 197 2.89 20.49 -13.84
N TRP C 198 1.67 20.86 -13.47
CA TRP C 198 1.15 20.43 -12.18
C TRP C 198 0.02 19.39 -12.30
N SER C 199 0.01 18.62 -13.38
CA SER C 199 -1.10 17.69 -13.61
C SER C 199 -1.23 16.65 -12.51
N GLU C 200 -0.13 16.28 -11.86
CA GLU C 200 -0.18 15.30 -10.77
C GLU C 200 -0.31 15.93 -9.38
N ILE C 201 -0.57 17.22 -9.28
CA ILE C 201 -0.51 17.93 -8.00
C ILE C 201 -1.88 18.53 -7.70
N ASP C 202 -2.45 18.17 -6.56
CA ASP C 202 -3.55 18.95 -6.00
C ASP C 202 -2.95 20.22 -5.40
N ILE C 203 -3.11 21.35 -6.11
CA ILE C 203 -2.42 22.56 -5.68
C ILE C 203 -2.92 23.04 -4.32
N PHE C 204 -4.12 22.62 -3.90
CA PHE C 204 -4.70 23.02 -2.63
C PHE C 204 -4.44 22.02 -1.50
N ALA C 205 -3.76 20.92 -1.77
CA ALA C 205 -3.53 19.95 -0.70
C ALA C 205 -2.45 20.43 0.26
N HIS C 206 -2.55 19.98 1.52
CA HIS C 206 -1.50 20.27 2.51
C HIS C 206 -0.19 19.60 2.12
N SER C 207 -0.25 18.37 1.64
CA SER C 207 0.93 17.62 1.24
C SER C 207 0.52 16.57 0.24
N THR E 3 -23.36 -41.63 -5.38
CA THR E 3 -22.19 -41.44 -4.52
C THR E 3 -22.54 -41.83 -3.08
N GLU E 4 -21.99 -42.94 -2.61
CA GLU E 4 -22.28 -43.36 -1.25
C GLU E 4 -21.56 -42.46 -0.26
N ILE E 5 -22.33 -41.76 0.57
CA ILE E 5 -21.80 -41.00 1.69
C ILE E 5 -22.40 -41.59 2.96
N ARG E 6 -21.53 -42.01 3.88
CA ARG E 6 -21.94 -42.52 5.18
C ARG E 6 -21.80 -41.42 6.22
N VAL E 7 -22.90 -41.06 6.88
CA VAL E 7 -22.93 -39.98 7.86
C VAL E 7 -22.91 -40.56 9.26
N HIS E 8 -22.05 -40.01 10.13
CA HIS E 8 -21.88 -40.54 11.48
C HIS E 8 -21.98 -39.41 12.50
N GLN E 9 -22.34 -39.81 13.72
CA GLN E 9 -22.35 -38.94 14.89
C GLN E 9 -21.15 -39.31 15.75
N GLY E 10 -20.19 -38.41 15.82
CA GLY E 10 -19.08 -38.56 16.78
C GLY E 10 -17.80 -39.23 16.30
N ASP E 11 -17.92 -40.37 15.63
CA ASP E 11 -16.75 -41.19 15.30
C ASP E 11 -17.17 -42.23 14.28
N LEU E 12 -16.19 -42.78 13.56
CA LEU E 12 -16.45 -43.98 12.77
C LEU E 12 -16.94 -45.10 13.69
N PRO E 13 -17.84 -45.95 13.19
CA PRO E 13 -18.22 -47.16 13.95
C PRO E 13 -17.09 -48.16 14.13
N ASN E 14 -16.18 -48.20 13.18
CA ASN E 14 -15.01 -49.08 13.24
C ASN E 14 -14.12 -48.66 12.07
N LEU E 15 -13.04 -49.41 11.85
CA LEU E 15 -12.07 -49.07 10.83
C LEU E 15 -12.07 -50.08 9.68
N ASP E 16 -13.15 -50.84 9.50
CA ASP E 16 -13.18 -51.86 8.45
C ASP E 16 -13.02 -51.26 7.06
N ASN E 17 -13.43 -50.02 6.85
CA ASN E 17 -13.25 -49.40 5.54
C ASN E 17 -11.91 -48.68 5.41
N TYR E 18 -11.01 -48.82 6.40
CA TYR E 18 -9.80 -48.02 6.39
C TYR E 18 -8.57 -48.87 6.69
N ARG E 19 -8.55 -50.12 6.22
CA ARG E 19 -7.35 -50.95 6.23
C ARG E 19 -6.57 -50.70 4.94
N ILE E 20 -6.03 -49.47 4.84
CA ILE E 20 -5.46 -48.96 3.60
C ILE E 20 -4.15 -48.24 3.89
N ASP E 21 -3.41 -47.93 2.81
CA ASP E 21 -2.11 -47.26 2.86
C ASP E 21 -2.23 -45.76 3.13
N ALA E 22 -3.34 -45.15 2.72
CA ALA E 22 -3.45 -43.70 2.67
C ALA E 22 -4.93 -43.32 2.71
N VAL E 23 -5.26 -42.33 3.54
CA VAL E 23 -6.64 -41.89 3.71
C VAL E 23 -6.74 -40.41 3.38
N ALA E 24 -7.80 -40.03 2.67
CA ALA E 24 -8.11 -38.64 2.42
C ALA E 24 -8.86 -38.07 3.61
N VAL E 25 -8.43 -36.88 4.07
CA VAL E 25 -8.96 -36.25 5.29
C VAL E 25 -9.30 -34.81 4.99
N ASP E 26 -10.42 -34.34 5.56
CA ASP E 26 -10.80 -32.94 5.46
C ASP E 26 -11.68 -32.60 6.66
N THR E 27 -11.73 -31.32 7.01
CA THR E 27 -12.55 -30.87 8.13
C THR E 27 -13.46 -29.74 7.67
N GLU E 28 -14.54 -29.57 8.42
CA GLU E 28 -15.34 -28.34 8.40
C GLU E 28 -15.39 -27.79 9.81
N THR E 29 -15.44 -26.45 9.91
CA THR E 29 -15.36 -25.72 11.16
C THR E 29 -16.28 -24.51 11.09
N LEU E 30 -16.38 -23.78 12.21
CA LEU E 30 -17.01 -22.47 12.24
C LEU E 30 -16.08 -21.33 11.81
N GLY E 31 -14.84 -21.62 11.44
CA GLY E 31 -13.98 -20.60 10.87
C GLY E 31 -12.52 -21.01 10.91
N LEU E 32 -11.65 -20.03 10.68
CA LEU E 32 -10.23 -20.26 10.51
C LEU E 32 -9.41 -20.17 11.79
N GLN E 33 -10.03 -19.82 12.93
CA GLN E 33 -9.27 -19.65 14.15
C GLN E 33 -9.56 -20.78 15.13
N PRO E 34 -8.66 -21.78 15.22
CA PRO E 34 -8.97 -22.99 16.03
C PRO E 34 -9.33 -22.71 17.48
N HIS E 35 -8.73 -21.70 18.11
CA HIS E 35 -9.05 -21.44 19.51
C HIS E 35 -10.46 -20.87 19.67
N ARG E 36 -11.02 -20.27 18.62
CA ARG E 36 -12.37 -19.73 18.65
C ARG E 36 -13.38 -20.58 17.89
N ASP E 37 -12.98 -21.21 16.77
CA ASP E 37 -13.90 -21.83 15.81
C ASP E 37 -13.77 -23.34 15.90
N ARG E 38 -14.77 -23.98 16.50
CA ARG E 38 -14.72 -25.42 16.78
C ARG E 38 -14.78 -26.29 15.51
N LEU E 39 -14.18 -27.48 15.64
CA LEU E 39 -14.35 -28.56 14.67
C LEU E 39 -15.80 -29.04 14.64
N CYS E 40 -16.38 -29.05 13.44
CA CYS E 40 -17.77 -29.42 13.21
C CYS E 40 -17.94 -30.74 12.48
N VAL E 41 -17.11 -31.01 11.48
CA VAL E 41 -17.18 -32.20 10.64
C VAL E 41 -15.77 -32.68 10.34
N VAL E 42 -15.61 -34.00 10.27
CA VAL E 42 -14.42 -34.62 9.71
C VAL E 42 -14.86 -35.57 8.61
N GLN E 43 -14.30 -35.39 7.42
CA GLN E 43 -14.61 -36.17 6.24
C GLN E 43 -13.42 -37.07 5.89
N LEU E 44 -13.73 -38.32 5.53
CA LEU E 44 -12.71 -39.31 5.17
C LEU E 44 -13.10 -40.02 3.89
N SER E 45 -12.08 -40.46 3.16
CA SER E 45 -12.29 -41.32 2.01
C SER E 45 -11.08 -42.21 1.83
N SER E 46 -11.35 -43.47 1.49
CA SER E 46 -10.33 -44.43 1.12
C SER E 46 -9.88 -44.26 -0.32
N GLY E 47 -10.52 -43.39 -1.09
CA GLY E 47 -10.24 -43.31 -2.50
C GLY E 47 -11.04 -44.24 -3.36
N ASP E 48 -12.03 -44.95 -2.81
CA ASP E 48 -12.86 -45.86 -3.59
C ASP E 48 -14.13 -45.20 -4.13
N GLY E 49 -14.23 -43.88 -4.11
CA GLY E 49 -15.43 -43.22 -4.57
C GLY E 49 -16.51 -43.03 -3.52
N THR E 50 -16.30 -43.52 -2.30
CA THR E 50 -17.20 -43.32 -1.18
C THR E 50 -16.52 -42.45 -0.12
N ALA E 51 -17.34 -41.83 0.74
CA ALA E 51 -16.80 -40.99 1.80
C ALA E 51 -17.58 -41.21 3.09
N ASP E 52 -16.91 -40.96 4.22
CA ASP E 52 -17.54 -40.91 5.53
C ASP E 52 -17.55 -39.47 6.02
N VAL E 53 -18.72 -38.99 6.43
CA VAL E 53 -18.89 -37.65 6.98
C VAL E 53 -19.25 -37.82 8.45
N ILE E 54 -18.41 -37.27 9.34
CA ILE E 54 -18.51 -37.48 10.77
C ILE E 54 -18.83 -36.16 11.44
N GLN E 55 -19.98 -36.07 12.10
CA GLN E 55 -20.33 -34.85 12.82
C GLN E 55 -19.69 -34.82 14.20
N ILE E 56 -18.96 -33.75 14.49
CA ILE E 56 -18.28 -33.57 15.77
C ILE E 56 -19.15 -32.66 16.62
N ALA E 57 -19.50 -33.12 17.82
CA ALA E 57 -20.37 -32.34 18.67
C ALA E 57 -19.60 -31.26 19.40
N LYS E 58 -20.30 -30.21 19.82
CA LYS E 58 -19.66 -29.16 20.58
C LYS E 58 -19.12 -29.73 21.88
N GLY E 59 -17.86 -29.42 22.18
CA GLY E 59 -17.25 -29.92 23.39
C GLY E 59 -16.85 -31.39 23.36
N GLN E 60 -16.88 -32.03 22.18
CA GLN E 60 -16.51 -33.44 22.09
C GLN E 60 -15.01 -33.61 22.30
N LYS E 61 -14.65 -34.54 23.19
CA LYS E 61 -13.28 -34.75 23.64
C LYS E 61 -12.59 -35.93 22.96
N SER E 62 -13.33 -36.93 22.48
CA SER E 62 -12.72 -38.12 21.91
C SER E 62 -13.36 -38.51 20.60
N ALA E 63 -12.60 -39.21 19.77
CA ALA E 63 -13.13 -39.86 18.57
C ALA E 63 -12.23 -41.04 18.28
N PRO E 64 -12.40 -42.13 19.06
CA PRO E 64 -11.29 -43.12 19.17
C PRO E 64 -10.86 -43.77 17.87
N ASN E 65 -11.79 -44.17 16.99
CA ASN E 65 -11.40 -44.80 15.74
C ASN E 65 -10.73 -43.80 14.79
N LEU E 66 -11.32 -42.60 14.66
CA LEU E 66 -10.74 -41.58 13.81
C LEU E 66 -9.32 -41.24 14.29
N VAL E 67 -9.16 -41.00 15.60
CA VAL E 67 -7.85 -40.60 16.11
C VAL E 67 -6.84 -41.74 16.00
N ARG E 68 -7.29 -42.99 16.10
CA ARG E 68 -6.39 -44.13 15.84
C ARG E 68 -5.85 -44.07 14.41
N LEU E 69 -6.71 -43.76 13.44
CA LEU E 69 -6.30 -43.56 12.06
C LEU E 69 -5.26 -42.43 11.96
N LEU E 70 -5.55 -41.30 12.60
CA LEU E 70 -4.72 -40.10 12.48
C LEU E 70 -3.31 -40.32 13.03
N SER E 71 -3.16 -41.21 14.00
CA SER E 71 -1.87 -41.48 14.62
C SER E 71 -1.21 -42.76 14.14
N ASP E 72 -1.81 -43.45 13.17
CA ASP E 72 -1.22 -44.67 12.61
C ASP E 72 -0.15 -44.26 11.60
N ARG E 73 1.12 -44.44 11.98
CA ARG E 73 2.21 -43.99 11.11
C ARG E 73 2.33 -44.83 9.83
N ASP E 74 1.66 -45.96 9.72
CA ASP E 74 1.70 -46.71 8.47
C ASP E 74 0.66 -46.24 7.48
N ILE E 75 -0.12 -45.20 7.81
CA ILE E 75 -1.16 -44.70 6.93
C ILE E 75 -0.88 -43.22 6.66
N THR E 76 -0.62 -42.90 5.40
CA THR E 76 -0.45 -41.50 5.05
C THR E 76 -1.80 -40.79 5.07
N LYS E 77 -1.85 -39.64 5.73
CA LYS E 77 -3.04 -38.78 5.69
C LYS E 77 -2.85 -37.76 4.58
N ILE E 78 -3.78 -37.74 3.64
CA ILE E 78 -3.76 -36.84 2.51
C ILE E 78 -4.69 -35.69 2.83
N PHE E 79 -4.18 -34.46 2.74
CA PHE E 79 -4.98 -33.25 2.90
C PHE E 79 -4.78 -32.34 1.69
N HIS E 80 -5.75 -31.44 1.47
CA HIS E 80 -5.50 -30.22 0.73
C HIS E 80 -5.36 -29.08 1.75
N PHE E 81 -4.16 -28.49 1.82
CA PHE E 81 -3.79 -27.52 2.86
C PHE E 81 -3.97 -28.12 4.26
N GLY E 82 -3.28 -29.25 4.49
CA GLY E 82 -3.25 -29.86 5.82
C GLY E 82 -2.79 -28.93 6.94
N ARG E 83 -2.03 -27.88 6.62
CA ARG E 83 -1.65 -26.93 7.67
C ARG E 83 -2.87 -26.52 8.49
N PHE E 84 -4.01 -26.30 7.81
CA PHE E 84 -5.24 -25.97 8.54
C PHE E 84 -5.80 -27.18 9.29
N ASP E 85 -5.99 -28.29 8.57
CA ASP E 85 -6.69 -29.44 9.16
C ASP E 85 -5.91 -30.02 10.33
N LEU E 86 -4.59 -30.16 10.19
CA LEU E 86 -3.78 -30.66 11.28
C LEU E 86 -3.89 -29.78 12.53
N ALA E 87 -4.04 -28.47 12.35
CA ALA E 87 -4.13 -27.59 13.51
C ALA E 87 -5.42 -27.83 14.28
N ILE E 88 -6.56 -27.84 13.59
CA ILE E 88 -7.80 -27.96 14.34
C ILE E 88 -7.99 -29.40 14.86
N LEU E 89 -7.47 -30.40 14.13
CA LEU E 89 -7.58 -31.77 14.62
C LEU E 89 -6.75 -31.99 15.87
N ALA E 90 -5.48 -31.54 15.85
CA ALA E 90 -4.63 -31.69 17.04
C ALA E 90 -5.19 -30.88 18.19
N HIS E 91 -5.68 -29.68 17.91
CA HIS E 91 -6.28 -28.85 18.95
C HIS E 91 -7.50 -29.53 19.58
N THR E 92 -8.32 -30.21 18.77
CA THR E 92 -9.55 -30.80 19.28
C THR E 92 -9.27 -32.08 20.07
N PHE E 93 -8.52 -33.01 19.48
CA PHE E 93 -8.34 -34.34 20.06
C PHE E 93 -6.94 -34.57 20.65
N GLY E 94 -6.06 -33.58 20.63
CA GLY E 94 -4.79 -33.70 21.33
C GLY E 94 -3.76 -34.54 20.63
N VAL E 95 -3.96 -34.90 19.36
CA VAL E 95 -3.10 -35.83 18.66
C VAL E 95 -2.75 -35.25 17.30
N MET E 96 -1.45 -35.01 17.07
CA MET E 96 -0.98 -34.43 15.81
C MET E 96 -0.45 -35.52 14.88
N PRO E 97 -1.05 -35.76 13.72
CA PRO E 97 -0.50 -36.76 12.80
C PRO E 97 0.92 -36.40 12.41
N ASP E 98 1.75 -37.40 12.14
CA ASP E 98 3.05 -37.04 11.58
C ASP E 98 3.36 -37.58 10.20
N VAL E 99 2.53 -38.45 9.58
CA VAL E 99 2.74 -38.87 8.20
C VAL E 99 1.64 -38.29 7.33
N VAL E 100 2.00 -37.31 6.48
CA VAL E 100 1.02 -36.49 5.77
C VAL E 100 1.47 -36.19 4.34
N PHE E 101 0.49 -35.94 3.49
CA PHE E 101 0.69 -35.44 2.13
C PHE E 101 -0.27 -34.27 1.95
N CYS E 102 0.24 -33.17 1.39
CA CYS E 102 -0.57 -31.97 1.18
C CYS E 102 -0.59 -31.64 -0.30
N THR E 103 -1.78 -31.60 -0.89
CA THR E 103 -1.89 -31.26 -2.30
C THR E 103 -1.67 -29.78 -2.56
N LYS E 104 -1.89 -28.91 -1.58
CA LYS E 104 -1.64 -27.49 -1.85
C LYS E 104 -0.13 -27.19 -1.86
N ILE E 105 0.63 -27.76 -0.92
CA ILE E 105 2.08 -27.70 -1.02
C ILE E 105 2.56 -28.34 -2.34
N ALA E 106 2.04 -29.56 -2.65
CA ALA E 106 2.40 -30.21 -3.92
C ALA E 106 2.12 -29.31 -5.13
N SER E 107 0.96 -28.67 -5.16
CA SER E 107 0.64 -27.75 -6.26
C SER E 107 1.67 -26.63 -6.39
N LYS E 108 2.04 -26.02 -5.26
CA LYS E 108 3.00 -24.93 -5.28
C LYS E 108 4.39 -25.39 -5.71
N LEU E 109 4.69 -26.68 -5.59
CA LEU E 109 5.96 -27.23 -6.04
C LEU E 109 5.93 -27.71 -7.49
N THR E 110 4.75 -27.81 -8.11
CA THR E 110 4.69 -28.39 -9.44
C THR E 110 3.97 -27.50 -10.45
N ARG E 111 2.92 -26.81 -10.03
CA ARG E 111 2.17 -25.97 -10.94
C ARG E 111 2.77 -24.56 -10.92
N THR E 112 3.97 -24.49 -11.48
CA THR E 112 4.77 -23.28 -11.49
C THR E 112 4.31 -22.27 -12.53
N TYR E 113 3.21 -22.56 -13.24
CA TYR E 113 2.71 -21.70 -14.30
C TYR E 113 1.44 -20.97 -13.88
N THR E 114 1.08 -21.02 -12.61
CA THR E 114 -0.11 -20.36 -12.11
C THR E 114 0.13 -19.96 -10.66
N ASP E 115 -0.64 -18.98 -10.18
CA ASP E 115 -0.67 -18.65 -8.76
C ASP E 115 -1.97 -19.08 -8.09
N ARG E 116 -2.78 -19.89 -8.75
CA ARG E 116 -4.06 -20.34 -8.20
C ARG E 116 -3.90 -21.80 -7.78
N HIS E 117 -3.77 -22.02 -6.47
CA HIS E 117 -3.53 -23.34 -5.90
C HIS E 117 -4.68 -23.81 -5.02
N GLY E 118 -5.84 -23.16 -5.09
CA GLY E 118 -7.00 -23.68 -4.39
C GLY E 118 -7.39 -25.06 -4.90
N LEU E 119 -8.10 -25.81 -4.03
CA LEU E 119 -8.53 -27.16 -4.42
C LEU E 119 -9.47 -27.13 -5.63
N LYS E 120 -10.37 -26.14 -5.68
CA LYS E 120 -11.27 -26.02 -6.82
C LYS E 120 -10.50 -25.89 -8.12
N GLU E 121 -9.50 -24.99 -8.16
CA GLU E 121 -8.70 -24.83 -9.36
C GLU E 121 -7.90 -26.08 -9.68
N ILE E 122 -7.36 -26.75 -8.67
CA ILE E 122 -6.59 -27.96 -8.91
C ILE E 122 -7.47 -29.06 -9.51
N CYS E 123 -8.68 -29.24 -8.95
CA CYS E 123 -9.58 -30.27 -9.43
C CYS E 123 -9.99 -30.00 -10.86
N GLY E 124 -10.39 -28.76 -11.16
CA GLY E 124 -10.80 -28.43 -12.50
C GLY E 124 -9.70 -28.64 -13.51
N GLU E 125 -8.45 -28.41 -13.10
CA GLU E 125 -7.36 -28.50 -14.06
C GLU E 125 -6.86 -29.92 -14.22
N LEU E 126 -6.67 -30.65 -13.12
CA LEU E 126 -6.06 -31.98 -13.22
C LEU E 126 -7.06 -33.08 -13.45
N LEU E 127 -8.34 -32.86 -13.15
CA LEU E 127 -9.35 -33.91 -13.24
C LEU E 127 -10.58 -33.53 -14.03
N ASN E 128 -10.70 -32.27 -14.47
CA ASN E 128 -11.91 -31.79 -15.12
C ASN E 128 -13.13 -32.06 -14.24
N VAL E 129 -12.95 -31.92 -12.93
CA VAL E 129 -13.99 -32.14 -11.94
C VAL E 129 -14.33 -30.79 -11.34
N ASN E 130 -15.62 -30.50 -11.24
CA ASN E 130 -16.09 -29.17 -10.85
C ASN E 130 -16.51 -29.21 -9.38
N ILE E 131 -15.61 -28.77 -8.52
CA ILE E 131 -15.91 -28.56 -7.11
C ILE E 131 -16.73 -27.28 -6.98
N SER E 132 -17.91 -27.40 -6.39
CA SER E 132 -18.78 -26.25 -6.14
C SER E 132 -18.52 -25.77 -4.73
N LYS E 133 -18.10 -24.50 -4.60
CA LYS E 133 -17.71 -23.94 -3.32
C LYS E 133 -18.84 -23.17 -2.65
N GLN E 134 -20.10 -23.51 -2.95
CA GLN E 134 -21.21 -22.73 -2.43
C GLN E 134 -21.42 -22.95 -0.93
N GLN E 135 -21.34 -24.20 -0.47
CA GLN E 135 -21.61 -24.51 0.93
C GLN E 135 -20.43 -24.22 1.84
N GLN E 136 -19.33 -23.66 1.31
CA GLN E 136 -18.16 -23.36 2.14
C GLN E 136 -18.54 -22.46 3.31
N SER E 137 -19.30 -21.39 3.02
CA SER E 137 -19.80 -20.47 4.03
C SER E 137 -21.24 -20.83 4.35
N SER E 138 -21.39 -21.82 5.24
CA SER E 138 -22.68 -22.21 5.79
C SER E 138 -22.47 -22.59 7.25
N ASP E 139 -23.58 -22.86 7.94
CA ASP E 139 -23.55 -23.20 9.37
C ASP E 139 -23.17 -24.66 9.52
N TRP E 140 -21.87 -24.91 9.63
CA TRP E 140 -21.37 -26.28 9.78
C TRP E 140 -21.60 -26.84 11.16
N ALA E 141 -22.03 -26.01 12.12
CA ALA E 141 -22.35 -26.45 13.46
C ALA E 141 -23.81 -26.91 13.61
N ALA E 142 -24.59 -26.86 12.53
CA ALA E 142 -26.01 -27.19 12.57
C ALA E 142 -26.22 -28.62 13.05
N GLU E 143 -27.28 -28.83 13.84
CA GLU E 143 -27.56 -30.16 14.36
C GLU E 143 -27.73 -31.16 13.23
N THR E 144 -28.51 -30.81 12.22
CA THR E 144 -28.70 -31.67 11.04
C THR E 144 -28.10 -30.95 9.83
N LEU E 145 -27.15 -31.61 9.17
CA LEU E 145 -26.57 -31.06 7.96
C LEU E 145 -27.52 -31.28 6.79
N SER E 146 -27.64 -30.27 5.95
CA SER E 146 -28.38 -30.41 4.70
C SER E 146 -27.70 -31.42 3.79
N ARG E 147 -28.45 -31.91 2.80
CA ARG E 147 -27.86 -32.82 1.83
C ARG E 147 -26.77 -32.10 1.01
N ALA E 148 -26.98 -30.83 0.71
CA ALA E 148 -25.96 -30.07 -0.01
C ALA E 148 -24.70 -29.90 0.85
N GLN E 149 -24.87 -29.78 2.17
CA GLN E 149 -23.71 -29.71 3.03
C GLN E 149 -22.97 -31.04 3.03
N ILE E 150 -23.71 -32.14 3.17
CA ILE E 150 -23.09 -33.47 3.19
C ILE E 150 -22.36 -33.73 1.89
N GLU E 151 -23.00 -33.38 0.76
CA GLU E 151 -22.37 -33.62 -0.54
C GLU E 151 -21.13 -32.76 -0.73
N TYR E 152 -21.17 -31.47 -0.34
CA TYR E 152 -19.97 -30.64 -0.47
C TYR E 152 -18.83 -31.16 0.41
N ALA E 153 -19.15 -31.54 1.66
CA ALA E 153 -18.09 -32.02 2.54
C ALA E 153 -17.47 -33.30 2.00
N ALA E 154 -18.27 -34.20 1.45
CA ALA E 154 -17.73 -35.47 0.94
C ALA E 154 -16.85 -35.23 -0.29
N SER E 155 -17.23 -34.31 -1.16
CA SER E 155 -16.47 -34.14 -2.38
C SER E 155 -15.10 -33.50 -2.14
N ASP E 156 -14.92 -32.83 -1.00
CA ASP E 156 -13.58 -32.34 -0.67
C ASP E 156 -12.59 -33.44 -0.32
N VAL E 157 -13.04 -34.69 -0.09
CA VAL E 157 -12.12 -35.81 0.11
C VAL E 157 -12.13 -36.82 -1.03
N LEU E 158 -13.14 -36.80 -1.90
CA LEU E 158 -13.30 -37.87 -2.88
C LEU E 158 -12.15 -37.92 -3.90
N TYR E 159 -11.44 -36.82 -4.10
CA TYR E 159 -10.51 -36.69 -5.21
C TYR E 159 -9.06 -36.61 -4.80
N LEU E 160 -8.76 -36.67 -3.50
CA LEU E 160 -7.42 -36.35 -3.04
C LEU E 160 -6.42 -37.45 -3.39
N HIS E 161 -6.85 -38.71 -3.43
CA HIS E 161 -5.96 -39.79 -3.86
C HIS E 161 -5.53 -39.60 -5.31
N ARG E 162 -6.48 -39.30 -6.20
CA ARG E 162 -6.15 -39.05 -7.59
C ARG E 162 -5.26 -37.83 -7.74
N LEU E 163 -5.53 -36.77 -6.96
CA LEU E 163 -4.64 -35.62 -6.97
C LEU E 163 -3.24 -36.03 -6.54
N LYS E 164 -3.15 -36.79 -5.44
CA LYS E 164 -1.87 -37.24 -4.93
C LYS E 164 -1.06 -37.98 -6.00
N ASP E 165 -1.72 -38.88 -6.73
CA ASP E 165 -1.02 -39.65 -7.75
C ASP E 165 -0.46 -38.74 -8.84
N ILE E 166 -1.23 -37.76 -9.29
CA ILE E 166 -0.77 -36.91 -10.37
C ILE E 166 0.39 -36.05 -9.88
N PHE E 167 0.26 -35.50 -8.66
CA PHE E 167 1.33 -34.67 -8.10
C PHE E 167 2.61 -35.47 -7.87
N GLU E 168 2.47 -36.73 -7.46
CA GLU E 168 3.64 -37.57 -7.29
C GLU E 168 4.36 -37.76 -8.63
N GLU E 169 3.60 -37.87 -9.72
CA GLU E 169 4.22 -37.95 -11.04
C GLU E 169 5.00 -36.67 -11.37
N ARG E 170 4.36 -35.51 -11.14
CA ARG E 170 5.01 -34.24 -11.44
C ARG E 170 6.24 -34.02 -10.56
N LEU E 171 6.12 -34.35 -9.27
CA LEU E 171 7.26 -34.22 -8.38
C LEU E 171 8.45 -35.08 -8.85
N LYS E 172 8.17 -36.29 -9.36
CA LYS E 172 9.26 -37.12 -9.87
C LYS E 172 9.80 -36.56 -11.19
N ARG E 173 8.92 -36.12 -12.09
CA ARG E 173 9.37 -35.59 -13.36
C ARG E 173 10.29 -34.38 -13.18
N GLU E 174 9.94 -33.46 -12.26
CA GLU E 174 10.75 -32.28 -12.00
C GLU E 174 11.82 -32.48 -10.92
N GLU E 175 11.95 -33.71 -10.40
CA GLU E 175 13.01 -34.06 -9.46
C GLU E 175 12.92 -33.24 -8.18
N ARG E 176 11.71 -33.13 -7.65
CA ARG E 176 11.45 -32.37 -6.44
C ARG E 176 10.89 -33.26 -5.33
N GLU E 177 11.08 -34.58 -5.44
CA GLU E 177 10.50 -35.50 -4.46
C GLU E 177 11.05 -35.23 -3.06
N SER E 178 12.38 -35.12 -2.93
CA SER E 178 12.94 -34.95 -1.60
C SER E 178 12.60 -33.57 -1.01
N VAL E 179 12.41 -32.57 -1.87
CA VAL E 179 11.96 -31.26 -1.40
C VAL E 179 10.54 -31.36 -0.82
N ALA E 180 9.63 -32.00 -1.56
CA ALA E 180 8.26 -32.13 -1.06
C ALA E 180 8.22 -32.92 0.25
N LYS E 181 9.01 -34.01 0.32
CA LYS E 181 9.02 -34.83 1.52
C LYS E 181 9.41 -34.00 2.75
N ALA E 182 10.45 -33.15 2.62
CA ALA E 182 10.86 -32.33 3.76
C ALA E 182 9.76 -31.35 4.17
N CYS E 183 9.06 -30.76 3.19
CA CYS E 183 7.92 -29.91 3.51
C CYS E 183 6.84 -30.68 4.26
N PHE E 184 6.51 -31.91 3.79
CA PHE E 184 5.49 -32.71 4.47
C PHE E 184 5.96 -33.11 5.86
N GLN E 185 7.26 -33.36 6.03
CA GLN E 185 7.79 -33.72 7.33
C GLN E 185 7.65 -32.57 8.32
N PHE E 186 7.86 -31.33 7.88
CA PHE E 186 7.73 -30.18 8.75
C PHE E 186 6.28 -29.75 8.97
N LEU E 187 5.38 -30.08 8.05
CA LEU E 187 4.03 -29.55 8.11
C LEU E 187 3.32 -29.74 9.45
N PRO E 188 3.42 -30.87 10.15
CA PRO E 188 2.77 -30.93 11.48
C PRO E 188 3.31 -29.89 12.45
N MET E 189 4.60 -29.56 12.36
CA MET E 189 5.18 -28.54 13.24
C MET E 189 4.76 -27.14 12.80
N ARG E 190 4.64 -26.91 11.49
CA ARG E 190 4.06 -25.66 11.01
C ARG E 190 2.64 -25.48 11.54
N ALA E 191 1.86 -26.57 11.64
CA ALA E 191 0.52 -26.46 12.22
C ALA E 191 0.61 -26.23 13.73
N ASN E 192 1.56 -26.88 14.40
CA ASN E 192 1.74 -26.63 15.83
C ASN E 192 2.13 -25.18 16.10
N LEU E 193 3.07 -24.65 15.31
CA LEU E 193 3.44 -23.25 15.43
C LEU E 193 2.22 -22.36 15.37
N ASP E 194 1.29 -22.68 14.46
CA ASP E 194 0.05 -21.90 14.38
C ASP E 194 -0.69 -21.92 15.70
N LEU E 195 -0.82 -23.10 16.31
CA LEU E 195 -1.58 -23.25 17.55
C LEU E 195 -0.90 -22.56 18.73
N LEU E 196 0.43 -22.54 18.75
CA LEU E 196 1.20 -21.93 19.81
C LEU E 196 1.21 -20.40 19.74
N GLY E 197 0.78 -19.82 18.62
CA GLY E 197 0.76 -18.37 18.49
C GLY E 197 1.60 -17.79 17.36
N TRP E 198 2.06 -18.61 16.41
CA TRP E 198 2.83 -18.09 15.30
C TRP E 198 2.08 -18.14 13.97
N SER E 199 0.75 -18.18 14.01
CA SER E 199 -0.02 -18.37 12.78
C SER E 199 0.19 -17.25 11.77
N GLU E 200 0.62 -16.07 12.19
CA GLU E 200 0.83 -14.96 11.27
C GLU E 200 2.30 -14.76 10.90
N ILE E 201 3.19 -15.69 11.27
CA ILE E 201 4.63 -15.51 11.14
C ILE E 201 5.18 -16.61 10.25
N ASP E 202 5.77 -16.22 9.12
CA ASP E 202 6.68 -17.10 8.40
C ASP E 202 7.97 -17.20 9.22
N ILE E 203 8.10 -18.30 9.97
CA ILE E 203 9.22 -18.48 10.89
C ILE E 203 10.58 -18.49 10.18
N PHE E 204 10.62 -18.72 8.87
CA PHE E 204 11.89 -18.74 8.14
C PHE E 204 12.21 -17.43 7.44
N ALA E 205 11.31 -16.44 7.49
CA ALA E 205 11.56 -15.18 6.81
C ALA E 205 12.65 -14.39 7.51
N HIS E 206 13.36 -13.55 6.73
CA HIS E 206 14.32 -12.62 7.28
C HIS E 206 13.64 -11.58 8.16
N SER E 207 12.49 -11.07 7.71
CA SER E 207 11.69 -10.14 8.48
C SER E 207 10.23 -10.29 8.06
N MET G 2 41.77 25.77 -2.14
CA MET G 2 42.44 24.65 -2.79
C MET G 2 41.80 24.32 -4.17
N THR G 3 40.52 23.97 -4.18
CA THR G 3 39.84 23.62 -5.43
C THR G 3 39.54 24.87 -6.26
N GLU G 4 40.02 24.88 -7.51
CA GLU G 4 39.78 25.98 -8.44
C GLU G 4 38.45 25.79 -9.16
N ILE G 5 37.59 26.79 -9.10
CA ILE G 5 36.27 26.76 -9.75
C ILE G 5 36.18 28.00 -10.62
N ARG G 6 36.11 27.81 -11.93
CA ARG G 6 35.91 28.91 -12.87
C ARG G 6 34.42 29.05 -13.17
N VAL G 7 33.87 30.24 -12.90
CA VAL G 7 32.44 30.49 -13.12
C VAL G 7 32.27 31.28 -14.41
N HIS G 8 31.29 30.89 -15.23
CA HIS G 8 31.07 31.53 -16.52
C HIS G 8 29.60 31.90 -16.68
N GLN G 9 29.35 32.88 -17.54
CA GLN G 9 27.99 33.22 -17.95
C GLN G 9 27.76 32.68 -19.35
N GLY G 10 26.76 31.84 -19.50
CA GLY G 10 26.34 31.39 -20.82
C GLY G 10 27.11 30.27 -21.49
N ASP G 11 28.44 30.39 -21.55
CA ASP G 11 29.26 29.44 -22.30
C ASP G 11 30.69 29.49 -21.78
N LEU G 12 31.40 28.40 -21.98
CA LEU G 12 32.84 28.44 -21.83
C LEU G 12 33.41 29.46 -22.81
N PRO G 13 34.52 30.11 -22.47
CA PRO G 13 35.14 31.04 -23.44
C PRO G 13 35.83 30.31 -24.58
N ASN G 14 36.29 29.10 -24.34
CA ASN G 14 36.93 28.25 -25.35
C ASN G 14 36.90 26.83 -24.80
N LEU G 15 37.56 25.90 -25.51
CA LEU G 15 37.67 24.52 -25.03
C LEU G 15 39.11 24.16 -24.67
N ASP G 16 39.93 25.16 -24.34
CA ASP G 16 41.35 24.91 -24.08
C ASP G 16 41.55 23.91 -22.96
N ASN G 17 40.60 23.80 -22.04
CA ASN G 17 40.73 22.94 -20.88
C ASN G 17 40.05 21.60 -21.08
N TYR G 18 39.62 21.28 -22.30
CA TYR G 18 38.85 20.06 -22.56
C TYR G 18 39.35 19.36 -23.82
N ARG G 19 40.67 19.38 -24.02
CA ARG G 19 41.32 18.52 -25.01
C ARG G 19 41.62 17.16 -24.38
N ILE G 20 40.55 16.46 -24.03
CA ILE G 20 40.63 15.22 -23.27
C ILE G 20 39.70 14.19 -23.92
N ASP G 21 39.74 12.97 -23.40
CA ASP G 21 38.89 11.93 -23.96
C ASP G 21 37.62 11.67 -23.17
N ALA G 22 37.53 12.17 -21.93
CA ALA G 22 36.31 12.07 -21.14
C ALA G 22 36.13 13.33 -20.29
N VAL G 23 34.90 13.84 -20.24
CA VAL G 23 34.57 15.02 -19.43
C VAL G 23 33.41 14.67 -18.50
N ALA G 24 33.54 15.07 -17.23
CA ALA G 24 32.47 14.97 -16.25
C ALA G 24 31.48 16.11 -16.44
N VAL G 25 30.19 15.79 -16.50
CA VAL G 25 29.13 16.76 -16.71
C VAL G 25 28.06 16.58 -15.65
N ASP G 26 27.55 17.69 -15.12
CA ASP G 26 26.36 17.69 -14.26
C ASP G 26 25.57 18.95 -14.57
N THR G 27 24.30 18.97 -14.16
CA THR G 27 23.45 20.14 -14.36
C THR G 27 22.75 20.49 -13.05
N GLU G 28 22.32 21.74 -12.96
CA GLU G 28 21.37 22.20 -11.95
C GLU G 28 20.19 22.84 -12.67
N THR G 29 19.02 22.73 -12.05
CA THR G 29 17.75 23.14 -12.67
C THR G 29 16.85 23.69 -11.58
N LEU G 30 15.67 24.16 -11.99
CA LEU G 30 14.61 24.51 -11.04
C LEU G 30 13.73 23.31 -10.68
N GLY G 31 14.07 22.10 -11.11
CA GLY G 31 13.31 20.94 -10.73
C GLY G 31 13.48 19.80 -11.71
N LEU G 32 12.67 18.77 -11.49
CA LEU G 32 12.83 17.50 -12.19
C LEU G 32 12.06 17.41 -13.52
N GLN G 33 11.22 18.38 -13.85
CA GLN G 33 10.40 18.31 -15.05
C GLN G 33 10.91 19.24 -16.13
N PRO G 34 11.69 18.75 -17.10
CA PRO G 34 12.38 19.65 -18.05
C PRO G 34 11.45 20.57 -18.82
N HIS G 35 10.24 20.14 -19.14
CA HIS G 35 9.33 21.05 -19.83
C HIS G 35 8.92 22.22 -18.95
N ARG G 36 8.98 22.08 -17.63
CA ARG G 36 8.62 23.19 -16.73
C ARG G 36 9.83 23.86 -16.09
N ASP G 37 10.82 23.06 -15.68
CA ASP G 37 11.91 23.49 -14.82
C ASP G 37 13.17 23.66 -15.67
N ARG G 38 13.56 24.92 -15.88
CA ARG G 38 14.62 25.24 -16.83
C ARG G 38 15.99 24.82 -16.31
N LEU G 39 16.88 24.54 -17.26
CA LEU G 39 18.30 24.37 -16.96
C LEU G 39 18.89 25.68 -16.41
N CYS G 40 19.58 25.59 -15.28
CA CYS G 40 20.12 26.77 -14.62
C CYS G 40 21.64 26.83 -14.62
N VAL G 41 22.31 25.68 -14.58
CA VAL G 41 23.76 25.59 -14.45
C VAL G 41 24.23 24.34 -15.17
N VAL G 42 25.36 24.43 -15.85
CA VAL G 42 26.06 23.26 -16.36
C VAL G 42 27.44 23.26 -15.73
N GLN G 43 27.84 22.11 -15.16
CA GLN G 43 29.14 21.93 -14.56
C GLN G 43 29.95 20.91 -15.34
N LEU G 44 31.23 21.22 -15.54
CA LEU G 44 32.14 20.37 -16.29
C LEU G 44 33.41 20.18 -15.48
N SER G 45 34.02 19.00 -15.61
CA SER G 45 35.36 18.82 -15.07
C SER G 45 36.15 17.88 -15.98
N SER G 46 37.44 18.20 -16.12
CA SER G 46 38.40 17.42 -16.88
C SER G 46 38.99 16.30 -16.05
N GLY G 47 38.74 16.29 -14.74
CA GLY G 47 39.37 15.33 -13.86
C GLY G 47 40.64 15.79 -13.19
N ASP G 48 40.98 17.09 -13.25
CA ASP G 48 42.21 17.57 -12.65
C ASP G 48 41.97 18.33 -11.35
N GLY G 49 40.85 18.08 -10.68
CA GLY G 49 40.57 18.76 -9.43
C GLY G 49 40.05 20.17 -9.56
N THR G 50 39.82 20.64 -10.79
CA THR G 50 39.18 21.92 -11.08
C THR G 50 37.87 21.67 -11.81
N ALA G 51 37.02 22.70 -11.83
CA ALA G 51 35.70 22.58 -12.44
C ALA G 51 35.30 23.91 -13.08
N ASP G 52 34.43 23.82 -14.08
CA ASP G 52 33.81 24.99 -14.65
C ASP G 52 32.32 24.95 -14.32
N VAL G 53 31.79 26.08 -13.87
CA VAL G 53 30.39 26.23 -13.52
C VAL G 53 29.80 27.28 -14.45
N ILE G 54 28.85 26.88 -15.29
CA ILE G 54 28.30 27.76 -16.32
C ILE G 54 26.85 28.06 -16.00
N GLN G 55 26.55 29.33 -15.72
CA GLN G 55 25.19 29.79 -15.51
C GLN G 55 24.47 29.92 -16.84
N ILE G 56 23.28 29.33 -16.92
CA ILE G 56 22.47 29.36 -18.13
C ILE G 56 21.34 30.33 -17.87
N ALA G 57 21.16 31.30 -18.77
CA ALA G 57 20.09 32.28 -18.58
C ALA G 57 18.73 31.67 -18.96
N LYS G 58 17.68 32.24 -18.37
CA LYS G 58 16.34 31.89 -18.80
C LYS G 58 16.18 32.18 -20.28
N GLY G 59 15.62 31.23 -21.02
CA GLY G 59 15.44 31.39 -22.44
C GLY G 59 16.70 31.23 -23.28
N GLN G 60 17.84 30.88 -22.68
CA GLN G 60 19.06 30.68 -23.45
C GLN G 60 18.93 29.44 -24.32
N LYS G 61 19.15 29.61 -25.63
CA LYS G 61 18.94 28.54 -26.59
C LYS G 61 20.23 27.92 -27.12
N SER G 62 21.36 28.61 -27.01
CA SER G 62 22.62 28.07 -27.53
C SER G 62 23.77 28.33 -26.56
N ALA G 63 24.78 27.46 -26.66
CA ALA G 63 26.04 27.63 -25.94
C ALA G 63 27.12 26.95 -26.75
N PRO G 64 27.63 27.61 -27.80
CA PRO G 64 28.40 26.89 -28.84
C PRO G 64 29.58 26.04 -28.35
N ASN G 65 30.44 26.56 -27.48
CA ASN G 65 31.58 25.78 -27.01
C ASN G 65 31.13 24.54 -26.24
N LEU G 66 30.26 24.72 -25.23
CA LEU G 66 29.78 23.58 -24.46
C LEU G 66 29.08 22.55 -25.34
N VAL G 67 28.26 23.01 -26.28
CA VAL G 67 27.53 22.09 -27.13
C VAL G 67 28.49 21.33 -28.04
N ARG G 68 29.57 21.98 -28.50
CA ARG G 68 30.58 21.27 -29.30
C ARG G 68 31.18 20.13 -28.49
N LEU G 69 31.55 20.41 -27.25
CA LEU G 69 31.95 19.37 -26.30
C LEU G 69 30.93 18.24 -26.22
N LEU G 70 29.66 18.59 -26.05
CA LEU G 70 28.63 17.59 -25.83
C LEU G 70 28.32 16.79 -27.08
N SER G 71 28.65 17.32 -28.27
CA SER G 71 28.46 16.66 -29.54
C SER G 71 29.67 15.86 -29.99
N ASP G 72 30.82 16.03 -29.33
CA ASP G 72 32.07 15.44 -29.81
C ASP G 72 32.06 13.95 -29.47
N ARG G 73 31.92 13.12 -30.51
CA ARG G 73 31.84 11.68 -30.31
C ARG G 73 33.14 11.08 -29.80
N ASP G 74 34.26 11.76 -29.99
CA ASP G 74 35.53 11.28 -29.49
C ASP G 74 35.72 11.52 -28.00
N ILE G 75 34.75 12.15 -27.34
CA ILE G 75 34.88 12.54 -25.94
C ILE G 75 33.71 11.96 -25.18
N THR G 76 34.00 11.05 -24.25
CA THR G 76 32.94 10.43 -23.47
C THR G 76 32.44 11.42 -22.42
N LYS G 77 31.12 11.54 -22.30
CA LYS G 77 30.52 12.38 -21.27
C LYS G 77 30.18 11.51 -20.06
N ILE G 78 30.76 11.84 -18.91
CA ILE G 78 30.56 11.09 -17.67
C ILE G 78 29.49 11.78 -16.85
N PHE G 79 28.41 11.05 -16.55
CA PHE G 79 27.36 11.56 -15.70
C PHE G 79 27.18 10.65 -14.50
N HIS G 80 26.64 11.23 -13.43
CA HIS G 80 25.91 10.45 -12.44
C HIS G 80 24.43 10.60 -12.74
N PHE G 81 23.78 9.48 -13.07
CA PHE G 81 22.39 9.48 -13.51
C PHE G 81 22.18 10.40 -14.71
N GLY G 82 22.93 10.11 -15.78
CA GLY G 82 22.83 10.92 -16.97
C GLY G 82 21.44 10.95 -17.60
N ARG G 83 20.59 9.97 -17.27
CA ARG G 83 19.21 9.99 -17.74
C ARG G 83 18.57 11.36 -17.55
N PHE G 84 18.76 11.96 -16.36
CA PHE G 84 18.22 13.29 -16.11
C PHE G 84 18.96 14.36 -16.91
N ASP G 85 20.30 14.38 -16.84
CA ASP G 85 21.07 15.47 -17.45
C ASP G 85 20.93 15.48 -18.96
N LEU G 86 20.95 14.30 -19.58
CA LEU G 86 20.78 14.21 -21.03
C LEU G 86 19.45 14.80 -21.47
N ALA G 87 18.39 14.59 -20.69
CA ALA G 87 17.08 15.10 -21.07
C ALA G 87 17.06 16.62 -21.02
N ILE G 88 17.54 17.22 -19.92
CA ILE G 88 17.48 18.68 -19.82
C ILE G 88 18.46 19.33 -20.79
N LEU G 89 19.63 18.70 -21.02
CA LEU G 89 20.57 19.24 -21.99
C LEU G 89 19.99 19.23 -23.39
N ALA G 90 19.46 18.07 -23.81
CA ALA G 90 18.86 17.98 -25.14
C ALA G 90 17.67 18.91 -25.27
N HIS G 91 16.83 18.97 -24.24
CA HIS G 91 15.68 19.86 -24.29
C HIS G 91 16.10 21.33 -24.45
N THR G 92 17.21 21.73 -23.83
CA THR G 92 17.57 23.14 -23.83
C THR G 92 18.32 23.54 -25.09
N PHE G 93 19.27 22.72 -25.53
CA PHE G 93 20.17 23.11 -26.60
C PHE G 93 19.91 22.35 -27.89
N GLY G 94 18.97 21.40 -27.88
CA GLY G 94 18.61 20.69 -29.10
C GLY G 94 19.63 19.68 -29.56
N VAL G 95 20.51 19.23 -28.69
CA VAL G 95 21.55 18.26 -29.02
C VAL G 95 21.56 17.18 -27.94
N MET G 96 21.45 15.93 -28.37
CA MET G 96 21.47 14.77 -27.48
C MET G 96 22.87 14.17 -27.53
N PRO G 97 23.69 14.29 -26.47
CA PRO G 97 24.98 13.59 -26.46
C PRO G 97 24.78 12.08 -26.64
N ASP G 98 25.78 11.43 -27.20
CA ASP G 98 25.66 10.06 -27.68
C ASP G 98 26.65 9.07 -27.07
N VAL G 99 27.84 9.53 -26.67
CA VAL G 99 28.90 8.68 -26.10
C VAL G 99 28.97 9.02 -24.61
N VAL G 100 28.44 8.13 -23.77
CA VAL G 100 28.23 8.48 -22.36
C VAL G 100 28.63 7.31 -21.45
N PHE G 101 28.91 7.66 -20.20
CA PHE G 101 29.12 6.73 -19.11
C PHE G 101 28.30 7.25 -17.95
N CYS G 102 27.57 6.36 -17.26
CA CYS G 102 26.70 6.76 -16.15
C CYS G 102 27.07 5.98 -14.90
N THR G 103 27.51 6.69 -13.87
CA THR G 103 27.99 6.05 -12.65
C THR G 103 26.85 5.42 -11.84
N LYS G 104 25.61 5.84 -12.07
CA LYS G 104 24.50 5.25 -11.32
C LYS G 104 24.09 3.91 -11.91
N ILE G 105 23.97 3.83 -13.25
CA ILE G 105 23.85 2.53 -13.89
C ILE G 105 25.01 1.62 -13.49
N ALA G 106 26.24 2.14 -13.62
CA ALA G 106 27.43 1.34 -13.26
C ALA G 106 27.34 0.84 -11.82
N SER G 107 26.88 1.70 -10.90
CA SER G 107 26.70 1.28 -9.50
C SER G 107 25.67 0.16 -9.41
N LYS G 108 24.54 0.31 -10.10
CA LYS G 108 23.49 -0.71 -10.07
C LYS G 108 23.97 -2.03 -10.68
N LEU G 109 24.98 -1.98 -11.55
CA LEU G 109 25.56 -3.17 -12.16
C LEU G 109 26.69 -3.81 -11.34
N THR G 110 27.21 -3.14 -10.31
CA THR G 110 28.39 -3.68 -9.62
C THR G 110 28.24 -3.63 -8.10
N ARG G 111 27.56 -2.61 -7.58
CA ARG G 111 27.38 -2.50 -6.13
C ARG G 111 26.12 -3.27 -5.74
N THR G 112 26.20 -4.59 -5.97
CA THR G 112 25.09 -5.51 -5.84
C THR G 112 24.77 -5.85 -4.39
N TYR G 113 25.55 -5.30 -3.46
CA TYR G 113 25.39 -5.50 -2.02
C TYR G 113 24.67 -4.34 -1.33
N THR G 114 24.06 -3.43 -2.08
CA THR G 114 23.35 -2.32 -1.47
C THR G 114 22.24 -1.87 -2.40
N ASP G 115 21.29 -1.09 -1.88
CA ASP G 115 20.30 -0.42 -2.70
C ASP G 115 20.46 1.10 -2.68
N ARG G 116 21.55 1.61 -2.14
CA ARG G 116 21.81 3.04 -2.11
C ARG G 116 22.82 3.35 -3.21
N HIS G 117 22.32 3.88 -4.33
CA HIS G 117 23.13 4.17 -5.50
C HIS G 117 23.26 5.65 -5.77
N GLY G 118 22.96 6.50 -4.78
CA GLY G 118 23.11 7.93 -4.97
C GLY G 118 24.56 8.34 -4.99
N LEU G 119 24.81 9.52 -5.57
CA LEU G 119 26.18 9.97 -5.78
C LEU G 119 26.91 10.14 -4.44
N LYS G 120 26.23 10.72 -3.46
CA LYS G 120 26.81 10.89 -2.13
C LYS G 120 27.18 9.55 -1.50
N GLU G 121 26.29 8.57 -1.60
CA GLU G 121 26.59 7.24 -1.08
C GLU G 121 27.81 6.63 -1.75
N ILE G 122 27.90 6.77 -3.07
CA ILE G 122 28.98 6.16 -3.85
C ILE G 122 30.31 6.84 -3.53
N CYS G 123 30.31 8.17 -3.46
CA CYS G 123 31.56 8.89 -3.16
C CYS G 123 32.11 8.50 -1.80
N GLY G 124 31.22 8.36 -0.81
CA GLY G 124 31.67 7.95 0.52
C GLY G 124 32.32 6.57 0.53
N GLU G 125 31.72 5.62 -0.17
CA GLU G 125 32.23 4.26 -0.09
C GLU G 125 33.44 4.04 -0.99
N LEU G 126 33.40 4.56 -2.21
CA LEU G 126 34.46 4.29 -3.18
C LEU G 126 35.65 5.22 -3.03
N LEU G 127 35.45 6.43 -2.50
CA LEU G 127 36.51 7.43 -2.43
C LEU G 127 36.74 7.97 -1.03
N ASN G 128 35.88 7.64 -0.06
CA ASN G 128 35.95 8.22 1.28
C ASN G 128 35.89 9.74 1.19
N VAL G 129 34.91 10.22 0.43
CA VAL G 129 34.77 11.63 0.09
C VAL G 129 33.33 12.03 0.36
N ASN G 130 33.17 13.11 1.14
CA ASN G 130 31.87 13.49 1.71
C ASN G 130 31.28 14.62 0.87
N ILE G 131 30.50 14.26 -0.14
CA ILE G 131 29.56 15.18 -0.76
C ILE G 131 28.57 15.65 0.30
N SER G 132 28.28 16.94 0.33
CA SER G 132 27.17 17.46 1.13
C SER G 132 26.03 17.83 0.19
N LYS G 133 24.81 17.41 0.52
CA LYS G 133 23.65 17.63 -0.34
C LYS G 133 22.73 18.74 0.18
N GLN G 134 23.30 19.76 0.84
CA GLN G 134 22.47 20.80 1.43
C GLN G 134 21.99 21.82 0.41
N GLN G 135 22.76 22.03 -0.65
CA GLN G 135 22.48 23.06 -1.66
C GLN G 135 21.69 22.53 -2.87
N GLN G 136 21.53 21.20 -2.98
CA GLN G 136 20.68 20.61 -4.02
C GLN G 136 19.31 21.28 -4.07
N SER G 137 18.73 21.62 -2.91
CA SER G 137 17.43 22.28 -2.79
C SER G 137 17.65 23.76 -2.43
N SER G 138 17.81 24.57 -3.47
CA SER G 138 18.01 26.01 -3.39
C SER G 138 17.58 26.60 -4.73
N ASP G 139 17.58 27.92 -4.82
CA ASP G 139 17.21 28.60 -6.07
C ASP G 139 18.41 28.64 -7.00
N TRP G 140 18.53 27.61 -7.85
CA TRP G 140 19.62 27.56 -8.81
C TRP G 140 19.49 28.59 -9.92
N ALA G 141 18.36 29.27 -10.03
CA ALA G 141 18.12 30.30 -11.03
C ALA G 141 18.45 31.71 -10.53
N ALA G 142 18.90 31.83 -9.27
CA ALA G 142 19.28 33.14 -8.74
C ALA G 142 20.34 33.78 -9.64
N GLU G 143 20.22 35.10 -9.83
CA GLU G 143 21.14 35.80 -10.72
C GLU G 143 22.59 35.59 -10.30
N THR G 144 22.87 35.70 -9.00
CA THR G 144 24.19 35.41 -8.47
C THR G 144 24.13 34.16 -7.61
N LEU G 145 24.88 33.13 -8.00
CA LEU G 145 24.97 31.93 -7.18
C LEU G 145 25.83 32.21 -5.95
N SER G 146 25.39 31.69 -4.79
CA SER G 146 26.13 31.82 -3.56
C SER G 146 27.42 31.00 -3.61
N ARG G 147 28.34 31.31 -2.67
CA ARG G 147 29.56 30.52 -2.55
C ARG G 147 29.24 29.06 -2.28
N ALA G 148 28.27 28.81 -1.42
CA ALA G 148 27.86 27.43 -1.15
C ALA G 148 27.37 26.74 -2.41
N GLN G 149 26.57 27.44 -3.24
CA GLN G 149 26.03 26.84 -4.45
C GLN G 149 27.12 26.51 -5.45
N ILE G 150 28.06 27.44 -5.64
CA ILE G 150 29.18 27.21 -6.55
C ILE G 150 29.99 26.00 -6.11
N GLU G 151 30.25 25.90 -4.81
CA GLU G 151 30.99 24.79 -4.24
C GLU G 151 30.29 23.46 -4.49
N TYR G 152 28.99 23.40 -4.20
CA TYR G 152 28.24 22.16 -4.34
C TYR G 152 28.22 21.72 -5.80
N ALA G 153 27.93 22.65 -6.71
CA ALA G 153 27.81 22.30 -8.13
C ALA G 153 29.13 21.75 -8.64
N ALA G 154 30.24 22.35 -8.22
CA ALA G 154 31.55 21.86 -8.63
C ALA G 154 31.82 20.47 -8.09
N SER G 155 31.43 20.21 -6.85
CA SER G 155 31.78 18.93 -6.24
C SER G 155 31.05 17.76 -6.89
N ASP G 156 29.94 18.01 -7.59
CA ASP G 156 29.21 16.95 -8.26
C ASP G 156 29.86 16.49 -9.56
N VAL G 157 30.90 17.17 -10.04
CA VAL G 157 31.69 16.68 -11.16
C VAL G 157 33.14 16.41 -10.79
N LEU G 158 33.58 16.78 -9.58
CA LEU G 158 35.00 16.66 -9.27
C LEU G 158 35.48 15.21 -9.18
N TYR G 159 34.58 14.24 -8.96
CA TYR G 159 35.00 12.87 -8.67
C TYR G 159 34.50 11.84 -9.68
N LEU G 160 33.84 12.26 -10.76
CA LEU G 160 33.21 11.29 -11.65
C LEU G 160 34.23 10.50 -12.45
N HIS G 161 35.39 11.10 -12.78
CA HIS G 161 36.45 10.35 -13.44
C HIS G 161 36.93 9.21 -12.56
N ARG G 162 37.20 9.51 -11.29
CA ARG G 162 37.72 8.50 -10.38
C ARG G 162 36.67 7.42 -10.10
N LEU G 163 35.40 7.81 -9.98
CA LEU G 163 34.33 6.82 -9.91
C LEU G 163 34.32 5.93 -11.16
N LYS G 164 34.45 6.54 -12.34
CA LYS G 164 34.42 5.76 -13.58
C LYS G 164 35.52 4.71 -13.60
N ASP G 165 36.75 5.10 -13.24
CA ASP G 165 37.88 4.17 -13.25
C ASP G 165 37.63 2.98 -12.33
N ILE G 166 36.97 3.21 -11.19
CA ILE G 166 36.72 2.11 -10.27
C ILE G 166 35.62 1.19 -10.81
N PHE G 167 34.51 1.79 -11.24
CA PHE G 167 33.41 1.00 -11.80
C PHE G 167 33.87 0.21 -13.02
N GLU G 168 34.77 0.78 -13.82
CA GLU G 168 35.31 0.07 -14.97
C GLU G 168 36.10 -1.16 -14.53
N GLU G 169 36.88 -1.04 -13.46
CA GLU G 169 37.57 -2.20 -12.91
C GLU G 169 36.59 -3.25 -12.41
N ARG G 170 35.50 -2.81 -11.75
CA ARG G 170 34.53 -3.76 -11.22
C ARG G 170 33.73 -4.42 -12.34
N LEU G 171 33.45 -3.67 -13.42
CA LEU G 171 32.73 -4.25 -14.56
C LEU G 171 33.60 -5.30 -15.26
N LYS G 172 34.92 -5.05 -15.34
CA LYS G 172 35.82 -6.06 -15.86
C LYS G 172 35.86 -7.28 -14.96
N ARG G 173 35.99 -7.07 -13.64
CA ARG G 173 36.08 -8.17 -12.69
C ARG G 173 34.85 -9.08 -12.75
N GLU G 174 33.65 -8.49 -12.76
CA GLU G 174 32.41 -9.25 -12.80
C GLU G 174 31.95 -9.61 -14.22
N GLU G 175 32.78 -9.30 -15.22
CA GLU G 175 32.51 -9.64 -16.62
C GLU G 175 31.15 -9.10 -17.06
N ARG G 176 30.92 -7.82 -16.80
CA ARG G 176 29.69 -7.13 -17.15
C ARG G 176 29.92 -5.96 -18.10
N GLU G 177 31.06 -5.94 -18.80
CA GLU G 177 31.38 -4.80 -19.65
C GLU G 177 30.38 -4.62 -20.79
N SER G 178 30.05 -5.69 -21.52
CA SER G 178 29.17 -5.48 -22.66
C SER G 178 27.74 -5.20 -22.23
N VAL G 179 27.33 -5.71 -21.05
CA VAL G 179 26.07 -5.29 -20.44
C VAL G 179 26.07 -3.78 -20.22
N ALA G 180 27.11 -3.28 -19.55
CA ALA G 180 27.18 -1.84 -19.27
C ALA G 180 27.18 -1.02 -20.56
N LYS G 181 27.97 -1.43 -21.55
CA LYS G 181 28.02 -0.73 -22.83
C LYS G 181 26.66 -0.68 -23.52
N ALA G 182 25.88 -1.78 -23.45
CA ALA G 182 24.54 -1.73 -24.00
C ALA G 182 23.65 -0.74 -23.26
N CYS G 183 23.70 -0.71 -21.93
CA CYS G 183 22.91 0.25 -21.16
C CYS G 183 23.29 1.68 -21.52
N PHE G 184 24.60 1.99 -21.58
CA PHE G 184 25.02 3.35 -21.93
C PHE G 184 24.60 3.70 -23.35
N GLN G 185 24.55 2.69 -24.24
CA GLN G 185 24.13 2.93 -25.63
C GLN G 185 22.66 3.36 -25.70
N PHE G 186 21.81 2.73 -24.90
CA PHE G 186 20.39 3.05 -24.90
C PHE G 186 20.08 4.33 -24.13
N LEU G 187 20.94 4.71 -23.19
CA LEU G 187 20.60 5.79 -22.26
C LEU G 187 20.16 7.09 -22.92
N PRO G 188 20.79 7.59 -24.00
CA PRO G 188 20.23 8.78 -24.69
C PRO G 188 18.80 8.57 -25.16
N MET G 189 18.49 7.38 -25.69
CA MET G 189 17.11 7.11 -26.09
C MET G 189 16.18 7.06 -24.89
N ARG G 190 16.65 6.48 -23.77
CA ARG G 190 15.87 6.51 -22.54
C ARG G 190 15.55 7.95 -22.13
N ALA G 191 16.54 8.85 -22.24
CA ALA G 191 16.28 10.25 -21.95
C ALA G 191 15.34 10.88 -22.98
N ASN G 192 15.52 10.55 -24.26
CA ASN G 192 14.57 11.01 -25.26
C ASN G 192 13.15 10.54 -24.93
N LEU G 193 13.02 9.27 -24.50
CA LEU G 193 11.73 8.73 -24.12
C LEU G 193 11.07 9.58 -23.03
N ASP G 194 11.86 10.05 -22.05
CA ASP G 194 11.29 10.89 -21.00
C ASP G 194 10.74 12.19 -21.57
N LEU G 195 11.51 12.85 -22.44
CA LEU G 195 11.07 14.12 -23.02
C LEU G 195 9.79 13.94 -23.85
N LEU G 196 9.64 12.77 -24.51
CA LEU G 196 8.54 12.53 -25.43
C LEU G 196 7.25 12.20 -24.70
N GLY G 197 7.31 11.82 -23.43
CA GLY G 197 6.13 11.57 -22.64
C GLY G 197 6.11 10.28 -21.86
N TRP G 198 7.19 9.48 -21.91
CA TRP G 198 7.24 8.19 -21.22
C TRP G 198 8.10 8.24 -19.95
N SER G 199 8.22 9.42 -19.31
CA SER G 199 9.10 9.51 -18.15
C SER G 199 8.62 8.64 -16.98
N GLU G 200 7.32 8.32 -16.92
CA GLU G 200 6.80 7.49 -15.85
C GLU G 200 6.74 6.00 -16.21
N ILE G 201 7.13 5.61 -17.42
CA ILE G 201 6.94 4.25 -17.92
C ILE G 201 8.30 3.57 -18.10
N ASP G 202 8.47 2.43 -17.44
CA ASP G 202 9.52 1.50 -17.85
C ASP G 202 9.08 0.83 -19.14
N ILE G 203 9.69 1.22 -20.27
CA ILE G 203 9.24 0.75 -21.56
C ILE G 203 9.42 -0.76 -21.73
N PHE G 204 10.27 -1.40 -20.93
CA PHE G 204 10.53 -2.83 -21.04
C PHE G 204 9.72 -3.69 -20.07
N ALA G 205 8.94 -3.09 -19.17
CA ALA G 205 8.21 -3.89 -18.20
C ALA G 205 7.03 -4.61 -18.86
N HIS G 206 6.65 -5.76 -18.28
CA HIS G 206 5.48 -6.48 -18.78
C HIS G 206 4.25 -5.62 -18.64
N SER G 207 4.09 -4.96 -17.50
CA SER G 207 2.96 -4.08 -17.28
C SER G 207 3.37 -2.90 -16.44
N MET I 2 -47.60 -7.08 -3.47
CA MET I 2 -46.65 -8.08 -2.98
C MET I 2 -46.62 -8.07 -1.45
N THR I 3 -46.40 -6.88 -0.89
CA THR I 3 -46.39 -6.64 0.56
C THR I 3 -46.98 -5.26 0.80
N GLU I 4 -47.77 -5.11 1.88
CA GLU I 4 -48.41 -3.83 2.17
C GLU I 4 -47.38 -2.80 2.63
N ILE I 5 -47.33 -1.67 1.93
CA ILE I 5 -46.41 -0.58 2.25
C ILE I 5 -47.23 0.69 2.43
N ARG I 6 -47.16 1.28 3.62
CA ARG I 6 -47.81 2.56 3.90
C ARG I 6 -46.78 3.67 3.78
N VAL I 7 -47.06 4.64 2.93
CA VAL I 7 -46.14 5.75 2.67
C VAL I 7 -46.68 6.99 3.38
N HIS I 8 -45.81 7.65 4.15
CA HIS I 8 -46.22 8.79 4.95
C HIS I 8 -45.37 10.01 4.65
N GLN I 9 -45.99 11.17 4.76
CA GLN I 9 -45.29 12.45 4.69
C GLN I 9 -45.00 12.89 6.11
N GLY I 10 -43.73 12.90 6.49
CA GLY I 10 -43.28 13.52 7.74
C GLY I 10 -43.18 12.64 8.98
N ASP I 11 -44.23 11.88 9.26
CA ASP I 11 -44.31 11.11 10.49
C ASP I 11 -45.37 10.02 10.30
N LEU I 12 -45.32 9.01 11.16
CA LEU I 12 -46.46 8.11 11.29
C LEU I 12 -47.69 8.90 11.74
N PRO I 13 -48.88 8.50 11.29
CA PRO I 13 -50.10 9.16 11.81
C PRO I 13 -50.36 8.85 13.26
N ASN I 14 -49.94 7.67 13.73
CA ASN I 14 -50.09 7.23 15.12
C ASN I 14 -49.24 5.97 15.28
N LEU I 15 -49.29 5.38 16.47
CA LEU I 15 -48.50 4.21 16.80
C LEU I 15 -49.35 2.95 16.91
N ASP I 16 -50.53 2.94 16.27
CA ASP I 16 -51.41 1.77 16.34
C ASP I 16 -50.72 0.50 15.86
N ASN I 17 -49.83 0.59 14.88
CA ASN I 17 -49.13 -0.57 14.35
C ASN I 17 -47.81 -0.87 15.07
N TYR I 18 -47.50 -0.18 16.17
CA TYR I 18 -46.21 -0.39 16.82
C TYR I 18 -46.35 -0.59 18.32
N ARG I 19 -47.47 -1.20 18.74
CA ARG I 19 -47.62 -1.71 20.11
C ARG I 19 -46.95 -3.09 20.18
N ILE I 20 -45.61 -3.07 20.14
CA ILE I 20 -44.80 -4.28 19.97
C ILE I 20 -43.53 -4.17 20.82
N ASP I 21 -42.86 -5.31 20.96
CA ASP I 21 -41.64 -5.42 21.77
C ASP I 21 -40.39 -4.89 21.06
N ALA I 22 -40.38 -4.93 19.73
CA ALA I 22 -39.19 -4.62 18.93
C ALA I 22 -39.65 -4.14 17.56
N VAL I 23 -38.97 -3.12 17.03
CA VAL I 23 -39.31 -2.54 15.74
C VAL I 23 -38.07 -2.57 14.84
N ALA I 24 -38.28 -2.95 13.58
CA ALA I 24 -37.21 -2.86 12.58
C ALA I 24 -37.16 -1.47 11.98
N VAL I 25 -35.94 -0.93 11.84
CA VAL I 25 -35.72 0.47 11.44
C VAL I 25 -34.62 0.53 10.38
N ASP I 26 -34.87 1.35 9.35
CA ASP I 26 -33.87 1.64 8.33
C ASP I 26 -34.09 3.08 7.88
N THR I 27 -33.05 3.66 7.29
CA THR I 27 -33.14 5.01 6.77
C THR I 27 -32.55 5.08 5.38
N GLU I 28 -32.98 6.09 4.62
CA GLU I 28 -32.33 6.47 3.39
C GLU I 28 -31.90 7.93 3.50
N THR I 29 -30.77 8.26 2.86
CA THR I 29 -30.14 9.57 2.99
C THR I 29 -29.54 9.98 1.64
N LEU I 30 -28.92 11.16 1.62
CA LEU I 30 -28.18 11.65 0.46
C LEU I 30 -26.72 11.19 0.48
N GLY I 31 -26.32 10.40 1.46
CA GLY I 31 -24.96 9.92 1.51
C GLY I 31 -24.59 9.51 2.93
N LEU I 32 -23.30 9.27 3.10
CA LEU I 32 -22.77 8.68 4.32
C LEU I 32 -22.36 9.69 5.39
N GLN I 33 -22.39 11.00 5.09
CA GLN I 33 -21.90 12.04 6.00
C GLN I 33 -23.06 12.83 6.63
N PRO I 34 -23.44 12.51 7.87
CA PRO I 34 -24.67 13.12 8.44
C PRO I 34 -24.67 14.65 8.51
N HIS I 35 -23.51 15.30 8.57
CA HIS I 35 -23.52 16.75 8.63
C HIS I 35 -23.83 17.37 7.27
N ARG I 36 -23.49 16.67 6.18
CA ARG I 36 -23.73 17.12 4.83
C ARG I 36 -24.96 16.48 4.19
N ASP I 37 -25.21 15.19 4.45
CA ASP I 37 -26.19 14.38 3.70
C ASP I 37 -27.40 14.14 4.58
N ARG I 38 -28.52 14.76 4.24
CA ARG I 38 -29.69 14.78 5.11
C ARG I 38 -30.44 13.45 5.10
N LEU I 39 -31.15 13.22 6.20
CA LEU I 39 -32.13 12.14 6.28
C LEU I 39 -33.25 12.38 5.28
N CYS I 40 -33.56 11.37 4.47
CA CYS I 40 -34.60 11.49 3.45
C CYS I 40 -35.81 10.61 3.69
N VAL I 41 -35.58 9.39 4.17
CA VAL I 41 -36.63 8.41 4.38
C VAL I 41 -36.30 7.64 5.66
N VAL I 42 -37.32 7.36 6.45
CA VAL I 42 -37.23 6.39 7.54
C VAL I 42 -38.22 5.28 7.29
N GLN I 43 -37.76 4.03 7.39
CA GLN I 43 -38.56 2.85 7.15
C GLN I 43 -38.73 2.06 8.44
N LEU I 44 -39.94 1.57 8.68
CA LEU I 44 -40.26 0.82 9.88
C LEU I 44 -40.99 -0.47 9.52
N SER I 45 -40.84 -1.47 10.37
CA SER I 45 -41.66 -2.67 10.26
C SER I 45 -41.84 -3.29 11.64
N SER I 46 -43.05 -3.79 11.87
CA SER I 46 -43.38 -4.50 13.10
C SER I 46 -43.00 -5.97 13.04
N GLY I 47 -42.56 -6.45 11.88
CA GLY I 47 -42.32 -7.86 11.67
C GLY I 47 -43.51 -8.67 11.16
N ASP I 48 -44.62 -8.01 10.82
CA ASP I 48 -45.83 -8.70 10.37
C ASP I 48 -45.94 -8.77 8.84
N GLY I 49 -44.85 -8.60 8.11
CA GLY I 49 -44.88 -8.55 6.67
C GLY I 49 -45.18 -7.19 6.07
N THR I 50 -45.53 -6.19 6.87
CA THR I 50 -45.83 -4.85 6.36
C THR I 50 -44.73 -3.86 6.74
N ALA I 51 -44.69 -2.73 6.03
CA ALA I 51 -43.70 -1.71 6.31
C ALA I 51 -44.34 -0.32 6.20
N ASP I 52 -43.76 0.64 6.92
CA ASP I 52 -44.08 2.06 6.81
C ASP I 52 -42.89 2.79 6.24
N VAL I 53 -43.12 3.57 5.19
CA VAL I 53 -42.08 4.37 4.55
C VAL I 53 -42.43 5.84 4.79
N ILE I 54 -41.55 6.55 5.50
CA ILE I 54 -41.81 7.91 5.95
C ILE I 54 -40.87 8.87 5.23
N GLN I 55 -41.43 9.76 4.42
CA GLN I 55 -40.61 10.76 3.75
C GLN I 55 -40.32 11.90 4.70
N ILE I 56 -39.04 12.22 4.85
CA ILE I 56 -38.58 13.29 5.73
C ILE I 56 -38.26 14.49 4.86
N ALA I 57 -38.84 15.64 5.20
CA ALA I 57 -38.59 16.83 4.40
C ALA I 57 -37.23 17.44 4.73
N LYS I 58 -36.71 18.20 3.76
CA LYS I 58 -35.50 18.97 4.01
C LYS I 58 -35.77 20.01 5.08
N GLY I 59 -34.91 20.06 6.09
CA GLY I 59 -35.12 20.99 7.17
C GLY I 59 -36.11 20.52 8.22
N GLN I 60 -36.68 19.32 8.08
CA GLN I 60 -37.68 18.87 9.04
C GLN I 60 -37.05 18.64 10.41
N LYS I 61 -37.66 19.22 11.44
CA LYS I 61 -37.12 19.15 12.79
C LYS I 61 -37.85 18.17 13.69
N SER I 62 -39.09 17.83 13.37
CA SER I 62 -39.94 17.08 14.28
C SER I 62 -40.56 15.88 13.55
N ALA I 63 -40.59 14.73 14.23
CA ALA I 63 -41.41 13.59 13.81
C ALA I 63 -41.91 12.93 15.08
N PRO I 64 -42.96 13.49 15.70
CA PRO I 64 -43.26 13.13 17.09
C PRO I 64 -43.55 11.65 17.32
N ASN I 65 -44.34 11.01 16.46
CA ASN I 65 -44.67 9.59 16.66
C ASN I 65 -43.44 8.70 16.44
N LEU I 66 -42.72 8.90 15.32
CA LEU I 66 -41.48 8.17 15.08
C LEU I 66 -40.52 8.32 16.25
N VAL I 67 -40.29 9.56 16.68
CA VAL I 67 -39.30 9.80 17.72
C VAL I 67 -39.77 9.24 19.06
N ARG I 68 -41.09 9.21 19.31
CA ARG I 68 -41.60 8.53 20.51
C ARG I 68 -41.19 7.05 20.50
N LEU I 69 -41.37 6.38 19.36
CA LEU I 69 -40.89 5.02 19.17
C LEU I 69 -39.41 4.88 19.48
N LEU I 70 -38.61 5.85 18.99
CA LEU I 70 -37.16 5.72 19.02
C LEU I 70 -36.59 5.88 20.42
N SER I 71 -37.32 6.53 21.32
CA SER I 71 -36.88 6.74 22.69
C SER I 71 -37.63 5.86 23.69
N ASP I 72 -38.51 4.97 23.21
CA ASP I 72 -39.26 4.07 24.08
C ASP I 72 -38.35 2.91 24.48
N ARG I 73 -37.90 2.91 25.73
CA ARG I 73 -36.94 1.89 26.14
C ARG I 73 -37.57 0.50 26.32
N ASP I 74 -38.89 0.37 26.28
CA ASP I 74 -39.50 -0.96 26.26
C ASP I 74 -39.55 -1.54 24.85
N ILE I 75 -39.06 -0.84 23.84
CA ILE I 75 -39.10 -1.30 22.47
C ILE I 75 -37.66 -1.38 21.97
N THR I 76 -37.21 -2.60 21.61
CA THR I 76 -35.88 -2.72 21.02
C THR I 76 -35.95 -2.24 19.57
N LYS I 77 -35.00 -1.37 19.19
CA LYS I 77 -34.88 -0.93 17.80
C LYS I 77 -33.86 -1.82 17.10
N ILE I 78 -34.30 -2.53 16.05
CA ILE I 78 -33.46 -3.44 15.27
C ILE I 78 -32.95 -2.72 14.03
N PHE I 79 -31.64 -2.72 13.85
CA PHE I 79 -31.01 -2.17 12.64
C PHE I 79 -30.07 -3.21 12.02
N HIS I 80 -29.77 -3.00 10.75
CA HIS I 80 -28.55 -3.54 10.15
C HIS I 80 -27.53 -2.41 10.03
N PHE I 81 -26.40 -2.56 10.71
CA PHE I 81 -25.41 -1.49 10.88
C PHE I 81 -26.05 -0.24 11.50
N GLY I 82 -26.54 -0.42 12.74
CA GLY I 82 -27.16 0.67 13.46
C GLY I 82 -26.26 1.87 13.70
N ARG I 83 -24.95 1.66 13.71
CA ARG I 83 -24.03 2.77 13.82
C ARG I 83 -24.38 3.89 12.84
N PHE I 84 -24.76 3.54 11.61
CA PHE I 84 -25.14 4.56 10.64
C PHE I 84 -26.50 5.18 10.97
N ASP I 85 -27.53 4.34 11.15
CA ASP I 85 -28.88 4.88 11.31
C ASP I 85 -29.01 5.68 12.59
N LEU I 86 -28.39 5.22 13.67
CA LEU I 86 -28.44 5.97 14.92
C LEU I 86 -27.83 7.36 14.76
N ALA I 87 -26.66 7.43 14.09
CA ALA I 87 -26.03 8.73 13.88
C ALA I 87 -26.95 9.68 13.13
N ILE I 88 -27.52 9.25 12.00
CA ILE I 88 -28.30 10.22 11.22
C ILE I 88 -29.61 10.53 11.93
N LEU I 89 -30.18 9.56 12.66
CA LEU I 89 -31.46 9.82 13.32
C LEU I 89 -31.26 10.77 14.49
N ALA I 90 -30.26 10.52 15.32
CA ALA I 90 -29.99 11.42 16.44
C ALA I 90 -29.62 12.81 15.95
N HIS I 91 -28.82 12.89 14.88
CA HIS I 91 -28.46 14.20 14.32
C HIS I 91 -29.68 14.94 13.81
N THR I 92 -30.62 14.22 13.21
CA THR I 92 -31.76 14.91 12.60
C THR I 92 -32.76 15.38 13.66
N PHE I 93 -33.13 14.51 14.60
CA PHE I 93 -34.19 14.82 15.54
C PHE I 93 -33.72 15.04 16.98
N GLY I 94 -32.44 14.89 17.28
CA GLY I 94 -31.93 15.23 18.60
C GLY I 94 -32.11 14.17 19.66
N VAL I 95 -32.47 12.95 19.26
CA VAL I 95 -32.81 11.89 20.20
C VAL I 95 -32.05 10.62 19.79
N MET I 96 -31.26 10.07 20.71
CA MET I 96 -30.48 8.87 20.48
C MET I 96 -31.15 7.69 21.15
N PRO I 97 -31.55 6.65 20.42
CA PRO I 97 -32.11 5.47 21.09
C PRO I 97 -31.10 4.85 22.03
N ASP I 98 -31.59 4.36 23.17
CA ASP I 98 -30.82 3.59 24.14
C ASP I 98 -30.78 2.09 23.82
N VAL I 99 -31.89 1.50 23.39
CA VAL I 99 -32.09 0.04 23.37
C VAL I 99 -32.14 -0.43 21.91
N VAL I 100 -31.05 -1.06 21.45
CA VAL I 100 -30.90 -1.40 20.04
C VAL I 100 -30.38 -2.82 19.88
N PHE I 101 -30.58 -3.37 18.67
CA PHE I 101 -29.97 -4.62 18.23
C PHE I 101 -29.45 -4.40 16.82
N CYS I 102 -28.24 -4.88 16.53
CA CYS I 102 -27.62 -4.66 15.24
C CYS I 102 -27.28 -5.99 14.58
N THR I 103 -27.87 -6.24 13.40
CA THR I 103 -27.58 -7.51 12.74
C THR I 103 -26.16 -7.58 12.18
N LYS I 104 -25.50 -6.43 11.95
CA LYS I 104 -24.15 -6.56 11.40
C LYS I 104 -23.14 -6.90 12.50
N ILE I 105 -23.29 -6.34 13.70
CA ILE I 105 -22.47 -6.77 14.83
C ILE I 105 -22.78 -8.23 15.17
N ALA I 106 -24.06 -8.60 15.17
CA ALA I 106 -24.44 -9.99 15.41
C ALA I 106 -23.73 -10.92 14.42
N SER I 107 -23.79 -10.57 13.13
CA SER I 107 -23.09 -11.31 12.08
C SER I 107 -21.60 -11.43 12.36
N LYS I 108 -20.96 -10.32 12.73
CA LYS I 108 -19.51 -10.39 12.98
C LYS I 108 -19.19 -11.24 14.20
N LEU I 109 -20.13 -11.41 15.12
CA LEU I 109 -19.94 -12.29 16.27
C LEU I 109 -20.38 -13.74 16.04
N THR I 110 -21.08 -14.04 14.94
CA THR I 110 -21.57 -15.40 14.79
C THR I 110 -21.16 -16.08 13.49
N ARG I 111 -21.23 -15.35 12.37
CA ARG I 111 -20.82 -15.86 11.07
C ARG I 111 -19.32 -15.70 10.92
N THR I 112 -18.60 -16.49 11.72
CA THR I 112 -17.14 -16.43 11.80
C THR I 112 -16.47 -17.20 10.67
N TYR I 113 -17.26 -17.84 9.81
CA TYR I 113 -16.81 -18.63 8.68
C TYR I 113 -16.82 -17.84 7.38
N THR I 114 -17.19 -16.57 7.44
CA THR I 114 -17.17 -15.71 6.26
C THR I 114 -16.68 -14.35 6.68
N ASP I 115 -16.33 -13.56 5.69
CA ASP I 115 -15.84 -12.20 5.91
C ASP I 115 -16.78 -11.18 5.27
N ARG I 116 -17.92 -11.63 4.75
CA ARG I 116 -18.91 -10.77 4.10
C ARG I 116 -20.12 -10.66 5.04
N HIS I 117 -20.33 -9.47 5.60
CA HIS I 117 -21.37 -9.27 6.61
C HIS I 117 -22.41 -8.25 6.17
N GLY I 118 -22.45 -7.87 4.90
CA GLY I 118 -23.49 -6.98 4.41
C GLY I 118 -24.87 -7.62 4.49
N LEU I 119 -25.90 -6.78 4.50
CA LEU I 119 -27.26 -7.27 4.65
C LEU I 119 -27.65 -8.24 3.52
N LYS I 120 -27.29 -7.89 2.28
CA LYS I 120 -27.55 -8.76 1.13
C LYS I 120 -26.97 -10.15 1.34
N GLU I 121 -25.72 -10.22 1.77
CA GLU I 121 -25.10 -11.53 1.98
C GLU I 121 -25.75 -12.26 3.13
N ILE I 122 -26.16 -11.54 4.17
CA ILE I 122 -26.77 -12.19 5.33
C ILE I 122 -28.13 -12.78 4.95
N CYS I 123 -28.95 -11.99 4.26
CA CYS I 123 -30.24 -12.48 3.79
C CYS I 123 -30.07 -13.67 2.86
N GLY I 124 -29.11 -13.57 1.93
CA GLY I 124 -28.88 -14.68 1.01
C GLY I 124 -28.66 -15.98 1.75
N GLU I 125 -27.77 -15.96 2.74
CA GLU I 125 -27.40 -17.18 3.45
C GLU I 125 -28.45 -17.60 4.46
N LEU I 126 -28.96 -16.66 5.27
CA LEU I 126 -29.82 -17.08 6.38
C LEU I 126 -31.27 -17.27 5.98
N LEU I 127 -31.76 -16.52 4.98
CA LEU I 127 -33.17 -16.57 4.62
C LEU I 127 -33.41 -17.03 3.19
N ASN I 128 -32.36 -17.19 2.38
CA ASN I 128 -32.51 -17.46 0.94
C ASN I 128 -33.33 -16.34 0.28
N VAL I 129 -32.99 -15.10 0.63
CA VAL I 129 -33.73 -13.92 0.19
C VAL I 129 -32.77 -13.04 -0.59
N ASN I 130 -33.16 -12.70 -1.82
CA ASN I 130 -32.30 -11.93 -2.72
C ASN I 130 -32.72 -10.47 -2.61
N ILE I 131 -32.02 -9.73 -1.75
CA ILE I 131 -32.16 -8.28 -1.67
C ILE I 131 -31.61 -7.67 -2.94
N SER I 132 -32.42 -6.90 -3.66
CA SER I 132 -31.92 -6.13 -4.78
C SER I 132 -31.38 -4.80 -4.28
N LYS I 133 -30.15 -4.46 -4.67
CA LYS I 133 -29.52 -3.21 -4.24
C LYS I 133 -29.40 -2.22 -5.40
N GLN I 134 -30.33 -2.29 -6.36
CA GLN I 134 -30.27 -1.42 -7.52
C GLN I 134 -30.60 0.02 -7.15
N GLN I 135 -31.56 0.23 -6.25
CA GLN I 135 -32.03 1.57 -5.93
C GLN I 135 -31.16 2.30 -4.89
N GLN I 136 -30.00 1.73 -4.54
CA GLN I 136 -29.09 2.42 -3.62
C GLN I 136 -28.62 3.75 -4.20
N SER I 137 -28.29 3.75 -5.50
CA SER I 137 -27.86 4.96 -6.20
C SER I 137 -29.07 5.60 -6.91
N SER I 138 -29.95 6.19 -6.11
CA SER I 138 -31.04 6.99 -6.64
C SER I 138 -31.21 8.23 -5.78
N ASP I 139 -31.98 9.17 -6.30
CA ASP I 139 -32.23 10.44 -5.61
C ASP I 139 -33.26 10.20 -4.51
N TRP I 140 -32.77 9.89 -3.30
CA TRP I 140 -33.69 9.64 -2.19
C TRP I 140 -34.38 10.89 -1.69
N ALA I 141 -33.92 12.08 -2.08
CA ALA I 141 -34.53 13.34 -1.66
C ALA I 141 -35.59 13.85 -2.62
N ALA I 142 -35.93 13.08 -3.66
CA ALA I 142 -36.95 13.48 -4.62
C ALA I 142 -38.28 13.75 -3.91
N GLU I 143 -39.06 14.68 -4.47
CA GLU I 143 -40.36 14.99 -3.89
C GLU I 143 -41.28 13.77 -3.86
N THR I 144 -41.39 13.06 -4.98
CA THR I 144 -42.16 11.83 -5.05
C THR I 144 -41.21 10.67 -5.32
N LEU I 145 -41.21 9.69 -4.42
CA LEU I 145 -40.46 8.46 -4.67
C LEU I 145 -41.18 7.63 -5.72
N SER I 146 -40.41 6.77 -6.40
CA SER I 146 -40.98 5.82 -7.34
C SER I 146 -41.34 4.53 -6.59
N ARG I 147 -42.17 3.72 -7.24
CA ARG I 147 -42.57 2.46 -6.65
C ARG I 147 -41.36 1.55 -6.42
N ALA I 148 -40.42 1.55 -7.36
CA ALA I 148 -39.19 0.80 -7.15
C ALA I 148 -38.43 1.33 -5.94
N GLN I 149 -38.43 2.65 -5.75
CA GLN I 149 -37.78 3.24 -4.58
C GLN I 149 -38.50 2.81 -3.31
N ILE I 150 -39.83 3.01 -3.26
CA ILE I 150 -40.63 2.62 -2.10
C ILE I 150 -40.41 1.14 -1.78
N GLU I 151 -40.48 0.27 -2.79
CA GLU I 151 -40.35 -1.16 -2.53
C GLU I 151 -38.94 -1.52 -2.05
N TYR I 152 -37.90 -0.89 -2.61
CA TYR I 152 -36.56 -1.16 -2.10
C TYR I 152 -36.42 -0.67 -0.66
N ALA I 153 -37.00 0.49 -0.35
CA ALA I 153 -36.89 1.02 1.00
C ALA I 153 -37.56 0.08 2.00
N ALA I 154 -38.74 -0.44 1.64
CA ALA I 154 -39.46 -1.34 2.55
C ALA I 154 -38.77 -2.68 2.70
N SER I 155 -38.01 -3.13 1.69
CA SER I 155 -37.46 -4.49 1.70
C SER I 155 -36.50 -4.72 2.85
N ASP I 156 -35.64 -3.76 3.15
CA ASP I 156 -34.64 -3.96 4.20
C ASP I 156 -35.31 -4.36 5.52
N VAL I 157 -36.12 -3.47 6.08
CA VAL I 157 -36.74 -3.72 7.39
C VAL I 157 -37.59 -4.99 7.43
N LEU I 158 -38.03 -5.50 6.27
CA LEU I 158 -38.94 -6.66 6.27
C LEU I 158 -38.31 -7.92 6.85
N TYR I 159 -36.99 -8.04 6.87
CA TYR I 159 -36.32 -9.26 7.30
C TYR I 159 -35.61 -9.15 8.65
N LEU I 160 -35.59 -7.96 9.26
CA LEU I 160 -34.73 -7.75 10.41
C LEU I 160 -35.18 -8.53 11.64
N HIS I 161 -36.49 -8.66 11.87
CA HIS I 161 -36.98 -9.49 12.97
C HIS I 161 -36.53 -10.94 12.81
N ARG I 162 -36.67 -11.50 11.60
CA ARG I 162 -36.28 -12.89 11.40
C ARG I 162 -34.78 -13.06 11.59
N LEU I 163 -33.99 -12.14 11.05
CA LEU I 163 -32.54 -12.20 11.24
C LEU I 163 -32.17 -12.12 12.71
N LYS I 164 -32.81 -11.21 13.45
CA LYS I 164 -32.59 -11.10 14.89
C LYS I 164 -32.80 -12.43 15.58
N ASP I 165 -33.92 -13.10 15.28
CA ASP I 165 -34.21 -14.40 15.90
C ASP I 165 -33.10 -15.41 15.61
N ILE I 166 -32.68 -15.50 14.35
CA ILE I 166 -31.64 -16.48 14.01
C ILE I 166 -30.31 -16.11 14.68
N PHE I 167 -29.96 -14.82 14.69
CA PHE I 167 -28.72 -14.40 15.31
C PHE I 167 -28.72 -14.65 16.80
N GLU I 168 -29.88 -14.48 17.45
CA GLU I 168 -29.96 -14.77 18.88
C GLU I 168 -29.75 -16.25 19.15
N GLU I 169 -30.26 -17.13 18.26
CA GLU I 169 -29.99 -18.56 18.41
C GLU I 169 -28.50 -18.86 18.32
N ARG I 170 -27.78 -18.22 17.39
CA ARG I 170 -26.36 -18.49 17.26
C ARG I 170 -25.57 -17.90 18.43
N LEU I 171 -25.98 -16.72 18.91
CA LEU I 171 -25.30 -16.11 20.07
C LEU I 171 -25.46 -16.97 21.31
N LYS I 172 -26.66 -17.54 21.51
CA LYS I 172 -26.86 -18.47 22.60
C LYS I 172 -25.99 -19.72 22.42
N ARG I 173 -26.01 -20.31 21.22
CA ARG I 173 -25.27 -21.54 20.96
C ARG I 173 -23.78 -21.38 21.24
N GLU I 174 -23.17 -20.32 20.71
CA GLU I 174 -21.75 -20.10 20.88
C GLU I 174 -21.41 -19.36 22.19
N GLU I 175 -22.41 -19.09 23.04
CA GLU I 175 -22.23 -18.52 24.38
C GLU I 175 -21.60 -17.13 24.31
N ARG I 176 -22.21 -16.27 23.49
CA ARG I 176 -21.71 -14.93 23.22
C ARG I 176 -22.77 -13.86 23.46
N GLU I 177 -23.82 -14.19 24.21
CA GLU I 177 -24.90 -13.24 24.43
C GLU I 177 -24.43 -12.02 25.21
N SER I 178 -23.68 -12.25 26.30
CA SER I 178 -23.23 -11.11 27.08
C SER I 178 -22.26 -10.24 26.28
N VAL I 179 -21.44 -10.86 25.42
CA VAL I 179 -20.59 -10.11 24.50
C VAL I 179 -21.45 -9.21 23.62
N ALA I 180 -22.49 -9.78 23.02
CA ALA I 180 -23.32 -8.99 22.11
C ALA I 180 -24.06 -7.89 22.85
N LYS I 181 -24.63 -8.19 24.02
CA LYS I 181 -25.35 -7.16 24.75
C LYS I 181 -24.46 -5.95 25.02
N ALA I 182 -23.19 -6.19 25.40
CA ALA I 182 -22.29 -5.08 25.68
C ALA I 182 -21.98 -4.26 24.42
N CYS I 183 -21.82 -4.91 23.27
CA CYS I 183 -21.63 -4.18 22.01
C CYS I 183 -22.85 -3.34 21.67
N PHE I 184 -24.05 -3.91 21.83
CA PHE I 184 -25.28 -3.17 21.55
C PHE I 184 -25.47 -2.01 22.54
N GLN I 185 -25.02 -2.18 23.79
CA GLN I 185 -25.12 -1.10 24.76
C GLN I 185 -24.19 0.06 24.44
N PHE I 186 -23.01 -0.24 23.89
CA PHE I 186 -22.10 0.82 23.48
C PHE I 186 -22.46 1.44 22.14
N LEU I 187 -23.19 0.72 21.28
CA LEU I 187 -23.44 1.19 19.92
C LEU I 187 -23.97 2.62 19.83
N PRO I 188 -24.92 3.09 20.67
CA PRO I 188 -25.36 4.48 20.55
C PRO I 188 -24.26 5.49 20.82
N MET I 189 -23.36 5.20 21.77
CA MET I 189 -22.21 6.07 21.99
C MET I 189 -21.21 6.00 20.84
N ARG I 190 -21.10 4.84 20.17
CA ARG I 190 -20.25 4.77 18.99
C ARG I 190 -20.81 5.67 17.87
N ALA I 191 -22.13 5.71 17.72
CA ALA I 191 -22.72 6.62 16.74
C ALA I 191 -22.57 8.06 17.18
N ASN I 192 -22.66 8.30 18.49
CA ASN I 192 -22.42 9.63 19.01
C ASN I 192 -20.99 10.08 18.74
N LEU I 193 -20.02 9.21 19.01
CA LEU I 193 -18.63 9.51 18.68
C LEU I 193 -18.50 9.93 17.24
N ASP I 194 -19.26 9.28 16.34
CA ASP I 194 -19.19 9.64 14.92
C ASP I 194 -19.64 11.08 14.70
N LEU I 195 -20.81 11.44 15.24
CA LEU I 195 -21.32 12.81 15.08
C LEU I 195 -20.36 13.83 15.70
N LEU I 196 -19.70 13.46 16.81
CA LEU I 196 -18.83 14.39 17.52
C LEU I 196 -17.49 14.60 16.84
N GLY I 197 -17.15 13.78 15.85
CA GLY I 197 -15.92 13.97 15.11
C GLY I 197 -14.95 12.81 15.12
N TRP I 198 -15.35 11.63 15.62
CA TRP I 198 -14.43 10.50 15.67
C TRP I 198 -14.80 9.40 14.67
N SER I 199 -15.48 9.74 13.57
CA SER I 199 -16.00 8.71 12.68
C SER I 199 -14.89 7.87 12.05
N GLU I 200 -13.73 8.46 11.80
CA GLU I 200 -12.63 7.72 11.19
C GLU I 200 -11.74 7.02 12.21
N ILE I 201 -12.09 7.03 13.49
CA ILE I 201 -11.19 6.60 14.56
C ILE I 201 -11.81 5.40 15.26
N ASP I 202 -11.07 4.29 15.29
CA ASP I 202 -11.37 3.20 16.21
C ASP I 202 -10.87 3.62 17.58
N ILE I 203 -11.80 4.03 18.46
CA ILE I 203 -11.41 4.62 19.73
C ILE I 203 -10.67 3.64 20.63
N PHE I 204 -10.83 2.33 20.42
CA PHE I 204 -10.21 1.30 21.24
C PHE I 204 -8.88 0.78 20.72
N ALA I 205 -8.43 1.24 19.55
CA ALA I 205 -7.22 0.67 18.97
C ALA I 205 -5.97 1.24 19.64
N HIS I 206 -4.87 0.48 19.55
CA HIS I 206 -3.60 0.97 20.06
C HIS I 206 -3.11 2.18 19.27
N SER I 207 -3.27 2.13 17.95
CA SER I 207 -2.83 3.20 17.05
C SER I 207 -3.56 3.17 15.71
N MET K 2 12.77 39.87 24.75
CA MET K 2 13.18 39.95 23.34
C MET K 2 12.01 40.36 22.45
N THR K 3 11.43 39.40 21.75
CA THR K 3 10.34 39.66 20.81
C THR K 3 9.16 40.31 21.52
N GLU K 4 8.79 41.52 21.09
CA GLU K 4 7.61 42.19 21.64
C GLU K 4 6.35 41.49 21.15
N ILE K 5 5.62 40.88 22.08
CA ILE K 5 4.38 40.17 21.78
C ILE K 5 3.31 40.68 22.74
N ARG K 6 2.21 41.20 22.18
CA ARG K 6 1.07 41.67 22.94
C ARG K 6 0.01 40.57 23.01
N VAL K 7 -0.40 40.20 24.22
CA VAL K 7 -1.32 39.10 24.45
C VAL K 7 -2.66 39.66 24.89
N HIS K 8 -3.73 39.30 24.19
CA HIS K 8 -5.05 39.86 24.46
C HIS K 8 -6.06 38.74 24.74
N GLN K 9 -7.15 39.10 25.41
CA GLN K 9 -8.24 38.19 25.69
C GLN K 9 -9.42 38.57 24.81
N GLY K 10 -9.78 37.69 23.89
CA GLY K 10 -11.00 37.89 23.12
C GLY K 10 -10.88 38.67 21.82
N ASP K 11 -10.17 39.80 21.85
CA ASP K 11 -10.11 40.65 20.68
C ASP K 11 -8.90 41.56 20.82
N LEU K 12 -8.48 42.14 19.70
CA LEU K 12 -7.59 43.29 19.74
C LEU K 12 -8.25 44.41 20.55
N PRO K 13 -7.49 45.16 21.35
CA PRO K 13 -8.10 46.30 22.05
C PRO K 13 -8.51 47.42 21.11
N ASN K 14 -7.82 47.57 19.98
CA ASN K 14 -8.16 48.54 18.94
C ASN K 14 -7.48 48.07 17.65
N LEU K 15 -7.61 48.89 16.60
CA LEU K 15 -7.02 48.58 15.30
C LEU K 15 -5.82 49.48 14.99
N ASP K 16 -5.29 50.17 16.00
CA ASP K 16 -4.28 51.20 15.76
C ASP K 16 -3.01 50.66 15.11
N ASN K 17 -2.70 49.37 15.27
CA ASN K 17 -1.49 48.78 14.70
C ASN K 17 -1.73 48.08 13.38
N TYR K 18 -2.94 48.16 12.82
CA TYR K 18 -3.29 47.45 11.58
C TYR K 18 -3.99 48.40 10.61
N ARG K 19 -3.40 49.59 10.46
CA ARG K 19 -3.74 50.52 9.38
C ARG K 19 -2.82 50.30 8.18
N ILE K 20 -2.66 49.03 7.78
CA ILE K 20 -1.64 48.62 6.82
C ILE K 20 -2.31 48.00 5.59
N ASP K 21 -1.49 47.79 4.56
CA ASP K 21 -1.93 47.18 3.30
C ASP K 21 -2.13 45.67 3.42
N ALA K 22 -1.34 45.00 4.26
CA ALA K 22 -1.39 43.55 4.35
C ALA K 22 -1.07 43.12 5.78
N VAL K 23 -1.78 42.10 6.25
CA VAL K 23 -1.62 41.59 7.62
C VAL K 23 -1.33 40.10 7.59
N ALA K 24 -0.39 39.65 8.43
CA ALA K 24 -0.08 38.24 8.60
C ALA K 24 -1.01 37.64 9.65
N VAL K 25 -1.71 36.55 9.29
CA VAL K 25 -2.71 35.92 10.14
C VAL K 25 -2.34 34.44 10.37
N ASP K 26 -2.54 33.97 11.59
CA ASP K 26 -2.39 32.54 11.90
C ASP K 26 -3.30 32.22 13.08
N THR K 27 -3.56 30.92 13.27
CA THR K 27 -4.48 30.47 14.30
C THR K 27 -3.92 29.25 15.02
N GLU K 28 -4.41 29.04 16.23
CA GLU K 28 -4.16 27.81 16.96
C GLU K 28 -5.52 27.25 17.38
N THR K 29 -5.60 25.93 17.44
CA THR K 29 -6.85 25.21 17.65
C THR K 29 -6.58 24.02 18.55
N LEU K 30 -7.65 23.28 18.87
CA LEU K 30 -7.51 21.99 19.51
C LEU K 30 -7.35 20.85 18.50
N GLY K 31 -7.20 21.16 17.22
CA GLY K 31 -7.05 20.12 16.22
C GLY K 31 -7.42 20.61 14.83
N LEU K 32 -7.40 19.66 13.89
CA LEU K 32 -7.60 19.93 12.48
C LEU K 32 -9.06 19.87 12.05
N GLN K 33 -9.98 19.51 12.94
CA GLN K 33 -11.38 19.32 12.53
C GLN K 33 -12.25 20.43 13.09
N PRO K 34 -12.55 21.47 12.30
CA PRO K 34 -13.16 22.69 12.86
C PRO K 34 -14.52 22.47 13.49
N HIS K 35 -15.26 21.43 13.11
CA HIS K 35 -16.53 21.18 13.78
C HIS K 35 -16.35 20.59 15.16
N ARG K 36 -15.21 19.96 15.43
CA ARG K 36 -14.89 19.41 16.74
C ARG K 36 -13.91 20.26 17.53
N ASP K 37 -12.91 20.87 16.85
CA ASP K 37 -11.76 21.48 17.49
C ASP K 37 -11.87 23.00 17.37
N ARG K 38 -12.13 23.65 18.50
CA ARG K 38 -12.42 25.09 18.51
C ARG K 38 -11.18 25.95 18.24
N LEU K 39 -11.42 27.13 17.73
CA LEU K 39 -10.38 28.15 17.61
C LEU K 39 -9.94 28.60 19.01
N CYS K 40 -8.62 28.64 19.25
CA CYS K 40 -8.08 28.95 20.57
C CYS K 40 -7.30 30.25 20.61
N VAL K 41 -6.60 30.58 19.53
CA VAL K 41 -5.72 31.74 19.46
C VAL K 41 -5.75 32.24 18.03
N VAL K 42 -5.73 33.56 17.86
CA VAL K 42 -5.51 34.16 16.56
C VAL K 42 -4.29 35.06 16.68
N GLN K 43 -3.32 34.89 15.77
CA GLN K 43 -2.10 35.66 15.77
C GLN K 43 -2.07 36.61 14.58
N LEU K 44 -1.62 37.84 14.82
CA LEU K 44 -1.45 38.82 13.76
C LEU K 44 -0.08 39.47 13.87
N SER K 45 0.38 40.00 12.75
CA SER K 45 1.56 40.84 12.73
C SER K 45 1.50 41.71 11.48
N SER K 46 2.02 42.92 11.63
CA SER K 46 2.18 43.88 10.54
C SER K 46 3.47 43.69 9.77
N GLY K 47 4.36 42.79 10.20
CA GLY K 47 5.67 42.64 9.61
C GLY K 47 6.73 43.54 10.21
N ASP K 48 6.43 44.22 11.32
CA ASP K 48 7.36 45.12 11.98
C ASP K 48 8.18 44.46 13.08
N GLY K 49 8.18 43.12 13.16
CA GLY K 49 8.89 42.41 14.20
C GLY K 49 8.11 42.15 15.46
N THR K 50 6.91 42.71 15.58
CA THR K 50 6.04 42.49 16.73
C THR K 50 4.83 41.70 16.27
N ALA K 51 4.19 41.02 17.22
CA ALA K 51 3.01 40.21 16.94
C ALA K 51 1.98 40.43 18.03
N ASP K 52 0.71 40.28 17.64
CA ASP K 52 -0.41 40.24 18.57
C ASP K 52 -0.91 38.81 18.67
N VAL K 53 -1.11 38.34 19.90
CA VAL K 53 -1.60 37.00 20.18
C VAL K 53 -2.89 37.15 20.96
N ILE K 54 -3.99 36.66 20.39
CA ILE K 54 -5.33 36.90 20.90
C ILE K 54 -5.92 35.56 21.34
N GLN K 55 -6.21 35.44 22.64
CA GLN K 55 -6.81 34.20 23.15
C GLN K 55 -8.31 34.22 22.90
N ILE K 56 -8.82 33.14 22.30
CA ILE K 56 -10.24 33.00 21.99
C ILE K 56 -10.87 32.07 23.02
N ALA K 57 -11.96 32.52 23.62
CA ALA K 57 -12.66 31.73 24.63
C ALA K 57 -13.52 30.66 23.98
N LYS K 58 -13.78 29.58 24.74
CA LYS K 58 -14.72 28.57 24.29
C LYS K 58 -16.09 29.21 24.15
N GLY K 59 -16.74 28.99 23.01
CA GLY K 59 -18.04 29.55 22.72
C GLY K 59 -18.06 31.00 22.29
N GLN K 60 -16.90 31.65 22.15
CA GLN K 60 -16.85 33.05 21.75
C GLN K 60 -17.32 33.19 20.30
N LYS K 61 -18.30 34.06 20.06
CA LYS K 61 -18.91 34.13 18.73
C LYS K 61 -18.48 35.36 17.93
N SER K 62 -17.95 36.38 18.58
CA SER K 62 -17.59 37.59 17.86
C SER K 62 -16.21 38.06 18.32
N ALA K 63 -15.58 38.83 17.44
CA ALA K 63 -14.30 39.48 17.73
C ALA K 63 -14.26 40.72 16.86
N PRO K 64 -14.90 41.80 17.29
CA PRO K 64 -15.22 42.90 16.36
C PRO K 64 -14.01 43.48 15.65
N ASN K 65 -12.92 43.75 16.38
CA ASN K 65 -11.75 44.39 15.78
C ASN K 65 -11.03 43.43 14.84
N LEU K 66 -10.87 42.17 15.24
CA LEU K 66 -10.23 41.18 14.36
C LEU K 66 -11.07 40.96 13.11
N VAL K 67 -12.38 40.80 13.28
CA VAL K 67 -13.24 40.49 12.15
C VAL K 67 -13.35 41.68 11.21
N ARG K 68 -13.23 42.90 11.72
CA ARG K 68 -13.13 44.07 10.85
C ARG K 68 -11.95 43.94 9.89
N LEU K 69 -10.77 43.60 10.41
CA LEU K 69 -9.62 43.33 9.55
C LEU K 69 -9.93 42.26 8.52
N LEU K 70 -10.44 41.11 8.98
CA LEU K 70 -10.66 39.98 8.08
C LEU K 70 -11.66 40.30 6.98
N SER K 71 -12.62 41.20 7.24
CA SER K 71 -13.59 41.63 6.26
C SER K 71 -13.08 42.76 5.37
N ASP K 72 -11.95 43.36 5.71
CA ASP K 72 -11.49 44.54 4.99
C ASP K 72 -10.92 44.13 3.64
N ARG K 73 -11.53 44.63 2.55
CA ARG K 73 -11.11 44.21 1.22
C ARG K 73 -9.80 44.89 0.82
N ASP K 74 -9.50 46.06 1.39
CA ASP K 74 -8.27 46.78 1.08
C ASP K 74 -7.05 46.23 1.82
N ILE K 75 -7.20 45.19 2.62
CA ILE K 75 -6.11 44.63 3.41
C ILE K 75 -5.94 43.18 3.02
N THR K 76 -4.82 42.86 2.38
CA THR K 76 -4.53 41.47 2.08
C THR K 76 -4.21 40.72 3.37
N LYS K 77 -4.78 39.51 3.50
CA LYS K 77 -4.49 38.62 4.62
C LYS K 77 -3.49 37.56 4.15
N ILE K 78 -2.34 37.49 4.81
CA ILE K 78 -1.28 36.55 4.46
C ILE K 78 -1.36 35.38 5.42
N PHE K 79 -1.49 34.19 4.86
CA PHE K 79 -1.47 32.95 5.65
C PHE K 79 -0.37 32.04 5.11
N HIS K 80 0.08 31.13 5.97
CA HIS K 80 0.71 29.92 5.48
C HIS K 80 -0.30 28.80 5.57
N PHE K 81 -0.69 28.26 4.41
CA PHE K 81 -1.77 27.28 4.29
C PHE K 81 -3.09 27.85 4.79
N GLY K 82 -3.51 28.95 4.13
CA GLY K 82 -4.74 29.63 4.48
C GLY K 82 -5.98 28.75 4.41
N ARG K 83 -5.91 27.65 3.65
CA ARG K 83 -7.05 26.74 3.59
C ARG K 83 -7.53 26.36 4.98
N PHE K 84 -6.61 26.08 5.89
CA PHE K 84 -7.01 25.74 7.26
C PHE K 84 -7.56 26.95 8.01
N ASP K 85 -6.83 28.08 8.00
CA ASP K 85 -7.21 29.22 8.83
C ASP K 85 -8.54 29.80 8.39
N LEU K 86 -8.76 29.95 7.08
CA LEU K 86 -10.04 30.45 6.59
C LEU K 86 -11.20 29.56 7.04
N ALA K 87 -11.01 28.24 7.06
CA ALA K 87 -12.09 27.35 7.47
C ALA K 87 -12.50 27.62 8.92
N ILE K 88 -11.52 27.65 9.83
CA ILE K 88 -11.84 27.80 11.23
C ILE K 88 -12.20 29.24 11.57
N LEU K 89 -11.60 30.22 10.89
CA LEU K 89 -12.02 31.61 11.10
C LEU K 89 -13.46 31.81 10.65
N ALA K 90 -13.83 31.24 9.49
CA ALA K 90 -15.19 31.39 9.00
C ALA K 90 -16.18 30.66 9.90
N HIS K 91 -15.82 29.44 10.34
CA HIS K 91 -16.70 28.66 11.20
C HIS K 91 -16.96 29.38 12.53
N THR K 92 -15.93 29.96 13.13
CA THR K 92 -16.09 30.53 14.46
C THR K 92 -16.86 31.84 14.40
N PHE K 93 -16.46 32.75 13.52
CA PHE K 93 -16.96 34.12 13.53
C PHE K 93 -17.94 34.42 12.41
N GLY K 94 -18.09 33.51 11.43
CA GLY K 94 -19.08 33.69 10.39
C GLY K 94 -18.69 34.64 9.28
N VAL K 95 -17.43 35.05 9.21
CA VAL K 95 -16.92 35.91 8.15
C VAL K 95 -15.80 35.16 7.44
N MET K 96 -15.84 35.15 6.11
CA MET K 96 -14.83 34.48 5.30
C MET K 96 -14.01 35.52 4.55
N PRO K 97 -12.73 35.71 4.90
CA PRO K 97 -11.88 36.63 4.14
C PRO K 97 -11.81 36.22 2.67
N ASP K 98 -11.69 37.20 1.77
CA ASP K 98 -11.54 36.84 0.37
C ASP K 98 -10.57 37.75 -0.37
N VAL K 99 -9.61 38.33 0.34
CA VAL K 99 -8.43 38.95 -0.25
C VAL K 99 -7.26 38.36 0.52
N VAL K 100 -6.65 37.29 -0.04
CA VAL K 100 -5.76 36.42 0.71
C VAL K 100 -4.51 36.13 -0.12
N PHE K 101 -3.46 35.72 0.58
CA PHE K 101 -2.22 35.25 -0.02
C PHE K 101 -1.73 34.09 0.82
N CYS K 102 -1.34 32.99 0.18
CA CYS K 102 -0.95 31.78 0.89
C CYS K 102 0.46 31.39 0.49
N THR K 103 1.36 31.33 1.47
CA THR K 103 2.76 31.02 1.18
C THR K 103 2.97 29.55 0.83
N LYS K 104 2.07 28.65 1.24
CA LYS K 104 2.21 27.24 0.85
C LYS K 104 1.87 27.03 -0.63
N ILE K 105 0.75 27.59 -1.08
CA ILE K 105 0.43 27.61 -2.50
C ILE K 105 1.53 28.30 -3.30
N ALA K 106 2.05 29.43 -2.79
CA ALA K 106 3.14 30.12 -3.49
C ALA K 106 4.39 29.24 -3.56
N SER K 107 4.70 28.53 -2.48
CA SER K 107 5.85 27.63 -2.49
C SER K 107 5.67 26.50 -3.51
N LYS K 108 4.48 25.90 -3.53
CA LYS K 108 4.23 24.82 -4.48
C LYS K 108 4.28 25.30 -5.93
N LEU K 109 4.09 26.60 -6.15
CA LEU K 109 4.12 27.23 -7.47
C LEU K 109 5.52 27.71 -7.88
N THR K 110 6.46 27.71 -6.97
CA THR K 110 7.76 28.31 -7.24
C THR K 110 8.90 27.42 -6.80
N ARG K 111 8.74 26.73 -5.67
CA ARG K 111 9.81 25.91 -5.11
C ARG K 111 9.68 24.50 -5.66
N THR K 112 9.85 24.43 -6.98
CA THR K 112 9.63 23.24 -7.78
C THR K 112 10.78 22.25 -7.65
N TYR K 113 11.78 22.55 -6.81
CA TYR K 113 12.94 21.70 -6.64
C TYR K 113 12.88 20.92 -5.35
N THR K 114 11.72 20.89 -4.68
CA THR K 114 11.54 20.16 -3.44
C THR K 114 10.07 19.81 -3.29
N ASP K 115 9.81 18.83 -2.42
CA ASP K 115 8.45 18.50 -2.04
C ASP K 115 8.16 18.86 -0.58
N ARG K 116 9.01 19.64 0.06
CA ARG K 116 8.80 20.08 1.44
C ARG K 116 8.37 21.55 1.43
N HIS K 117 7.08 21.78 1.72
CA HIS K 117 6.48 23.11 1.66
C HIS K 117 5.96 23.55 3.02
N GLY K 118 6.34 22.88 4.10
CA GLY K 118 5.97 23.36 5.43
C GLY K 118 6.61 24.71 5.75
N LEU K 119 5.97 25.44 6.66
CA LEU K 119 6.44 26.79 7.00
C LEU K 119 7.85 26.77 7.58
N LYS K 120 8.14 25.81 8.47
CA LYS K 120 9.48 25.68 9.01
C LYS K 120 10.50 25.49 7.91
N GLU K 121 10.18 24.61 6.94
CA GLU K 121 11.09 24.36 5.83
C GLU K 121 11.29 25.61 4.97
N ILE K 122 10.20 26.31 4.65
CA ILE K 122 10.29 27.53 3.86
C ILE K 122 11.06 28.59 4.62
N CYS K 123 10.84 28.71 5.92
CA CYS K 123 11.52 29.75 6.68
C CYS K 123 13.02 29.53 6.70
N GLY K 124 13.44 28.26 6.80
CA GLY K 124 14.86 27.97 6.84
C GLY K 124 15.56 28.31 5.54
N GLU K 125 14.91 28.03 4.41
CA GLU K 125 15.56 28.21 3.12
C GLU K 125 15.53 29.66 2.65
N LEU K 126 14.36 30.30 2.69
CA LEU K 126 14.23 31.65 2.18
C LEU K 126 14.81 32.70 3.14
N LEU K 127 14.82 32.45 4.44
CA LEU K 127 15.24 33.49 5.38
C LEU K 127 16.31 33.06 6.37
N ASN K 128 16.79 31.82 6.32
CA ASN K 128 17.76 31.34 7.30
C ASN K 128 17.24 31.48 8.73
N VAL K 129 15.93 31.35 8.90
CA VAL K 129 15.27 31.51 10.19
C VAL K 129 14.76 30.15 10.64
N ASN K 130 15.03 29.80 11.90
CA ASN K 130 14.72 28.49 12.45
C ASN K 130 13.43 28.57 13.27
N ILE K 131 12.32 28.20 12.62
CA ILE K 131 11.05 27.98 13.31
C ILE K 131 11.14 26.65 14.06
N SER K 132 10.92 26.69 15.37
CA SER K 132 10.87 25.49 16.18
C SER K 132 9.43 25.05 16.35
N LYS K 133 9.16 23.75 16.16
CA LYS K 133 7.80 23.25 16.14
C LYS K 133 7.43 22.42 17.38
N GLN K 134 8.17 22.59 18.49
CA GLN K 134 7.90 21.77 19.66
C GLN K 134 6.56 22.09 20.31
N GLN K 135 6.12 23.35 20.28
CA GLN K 135 4.87 23.74 20.91
C GLN K 135 3.65 23.51 20.03
N GLN K 136 3.83 23.02 18.80
CA GLN K 136 2.70 22.82 17.88
C GLN K 136 1.63 21.94 18.50
N SER K 137 2.04 20.80 19.07
CA SER K 137 1.15 19.91 19.80
C SER K 137 1.25 20.25 21.29
N SER K 138 0.34 21.12 21.73
CA SER K 138 0.18 21.45 23.15
C SER K 138 -1.25 21.92 23.36
N ASP K 139 -1.58 22.25 24.62
CA ASP K 139 -2.94 22.66 24.98
C ASP K 139 -3.10 24.15 24.72
N TRP K 140 -3.51 24.47 23.48
CA TRP K 140 -3.76 25.86 23.09
C TRP K 140 -5.02 26.41 23.72
N ALA K 141 -5.80 25.59 24.39
CA ALA K 141 -7.01 26.00 25.07
C ALA K 141 -6.74 26.34 26.53
N ALA K 142 -5.50 26.25 26.98
CA ALA K 142 -5.17 26.53 28.37
C ALA K 142 -5.53 27.96 28.71
N GLU K 143 -5.95 28.15 29.97
CA GLU K 143 -6.32 29.48 30.45
C GLU K 143 -5.12 30.43 30.32
N THR K 144 -3.95 29.96 30.73
CA THR K 144 -2.71 30.73 30.63
C THR K 144 -1.75 30.03 29.68
N LEU K 145 -1.31 30.75 28.65
CA LEU K 145 -0.34 30.21 27.71
C LEU K 145 1.06 30.43 28.27
N SER K 146 1.87 29.38 28.25
CA SER K 146 3.25 29.47 28.71
C SER K 146 4.07 30.26 27.69
N ARG K 147 5.13 30.91 28.19
CA ARG K 147 5.95 31.76 27.34
C ARG K 147 6.36 31.03 26.06
N ALA K 148 6.65 29.73 26.19
CA ALA K 148 6.96 28.92 25.00
C ALA K 148 5.84 29.00 23.97
N GLN K 149 4.58 28.95 24.42
CA GLN K 149 3.47 28.94 23.47
C GLN K 149 3.31 30.29 22.80
N ILE K 150 3.37 31.39 23.57
CA ILE K 150 3.20 32.70 22.94
C ILE K 150 4.32 32.98 21.97
N GLU K 151 5.54 32.53 22.30
CA GLU K 151 6.64 32.74 21.37
C GLU K 151 6.48 31.91 20.10
N TYR K 152 6.01 30.66 20.23
CA TYR K 152 5.74 29.85 19.06
C TYR K 152 4.60 30.44 18.24
N ALA K 153 3.52 30.84 18.90
CA ALA K 153 2.39 31.42 18.18
C ALA K 153 2.80 32.66 17.40
N ALA K 154 3.67 33.49 18.00
CA ALA K 154 4.08 34.74 17.35
C ALA K 154 5.01 34.48 16.17
N SER K 155 5.89 33.48 16.29
CA SER K 155 6.88 33.22 15.25
C SER K 155 6.22 32.75 13.94
N ASP K 156 5.00 32.23 13.99
CA ASP K 156 4.31 31.81 12.78
C ASP K 156 3.75 32.97 11.96
N VAL K 157 3.65 34.18 12.51
CA VAL K 157 3.25 35.34 11.73
C VAL K 157 4.37 36.34 11.53
N LEU K 158 5.49 36.22 12.25
CA LEU K 158 6.55 37.21 12.18
C LEU K 158 7.14 37.34 10.78
N TYR K 159 7.13 36.26 9.99
CA TYR K 159 7.91 36.23 8.77
C TYR K 159 7.09 36.13 7.50
N LEU K 160 5.76 36.17 7.59
CA LEU K 160 4.96 35.94 6.38
C LEU K 160 5.09 37.09 5.38
N HIS K 161 5.30 38.32 5.87
CA HIS K 161 5.50 39.46 4.97
C HIS K 161 6.75 39.29 4.12
N ARG K 162 7.87 38.93 4.76
CA ARG K 162 9.11 38.68 4.02
C ARG K 162 8.96 37.50 3.05
N LEU K 163 8.31 36.42 3.47
CA LEU K 163 8.11 35.30 2.55
C LEU K 163 7.25 35.70 1.37
N LYS K 164 6.18 36.47 1.62
CA LYS K 164 5.34 36.94 0.52
C LYS K 164 6.16 37.72 -0.50
N ASP K 165 7.02 38.63 -0.04
CA ASP K 165 7.84 39.39 -0.97
C ASP K 165 8.70 38.49 -1.82
N ILE K 166 9.38 37.53 -1.21
CA ILE K 166 10.27 36.65 -1.97
C ILE K 166 9.47 35.83 -2.99
N PHE K 167 8.33 35.27 -2.56
CA PHE K 167 7.51 34.50 -3.50
C PHE K 167 6.95 35.37 -4.61
N GLU K 168 6.64 36.63 -4.32
CA GLU K 168 6.14 37.49 -5.38
C GLU K 168 7.21 37.76 -6.44
N GLU K 169 8.48 37.84 -6.03
CA GLU K 169 9.59 37.92 -6.97
C GLU K 169 9.69 36.63 -7.81
N ARG K 170 9.62 35.47 -7.15
CA ARG K 170 9.67 34.19 -7.87
C ARG K 170 8.49 34.04 -8.83
N LEU K 171 7.29 34.44 -8.40
CA LEU K 171 6.11 34.32 -9.27
C LEU K 171 6.26 35.20 -10.51
N LYS K 172 6.86 36.38 -10.34
CA LYS K 172 7.13 37.26 -11.47
C LYS K 172 8.18 36.65 -12.39
N ARG K 173 9.29 36.18 -11.82
CA ARG K 173 10.38 35.64 -12.61
C ARG K 173 9.93 34.46 -13.47
N GLU K 174 9.16 33.55 -12.89
CA GLU K 174 8.70 32.36 -13.59
C GLU K 174 7.38 32.57 -14.31
N GLU K 175 6.85 33.81 -14.30
CA GLU K 175 5.64 34.20 -15.04
C GLU K 175 4.44 33.36 -14.62
N ARG K 176 4.20 33.32 -13.32
CA ARG K 176 3.10 32.54 -12.76
C ARG K 176 2.18 33.40 -11.89
N GLU K 177 2.28 34.73 -12.00
CA GLU K 177 1.51 35.63 -11.16
C GLU K 177 0.02 35.39 -11.32
N SER K 178 -0.46 35.27 -12.56
CA SER K 178 -1.89 35.11 -12.73
C SER K 178 -2.35 33.71 -12.31
N VAL K 179 -1.46 32.72 -12.38
CA VAL K 179 -1.78 31.40 -11.83
C VAL K 179 -1.97 31.49 -10.32
N ALA K 180 -0.99 32.11 -9.64
CA ALA K 180 -1.09 32.27 -8.19
C ALA K 180 -2.35 33.03 -7.80
N LYS K 181 -2.68 34.09 -8.54
CA LYS K 181 -3.87 34.89 -8.22
C LYS K 181 -5.14 34.04 -8.29
N ALA K 182 -5.29 33.24 -9.35
CA ALA K 182 -6.48 32.39 -9.50
C ALA K 182 -6.60 31.41 -8.34
N CYS K 183 -5.49 30.81 -7.91
CA CYS K 183 -5.54 29.87 -6.78
C CYS K 183 -5.96 30.58 -5.51
N PHE K 184 -5.38 31.76 -5.24
CA PHE K 184 -5.79 32.56 -4.09
C PHE K 184 -7.26 32.93 -4.18
N GLN K 185 -7.74 33.23 -5.39
CA GLN K 185 -9.15 33.59 -5.58
C GLN K 185 -10.08 32.43 -5.18
N PHE K 186 -9.70 31.20 -5.50
CA PHE K 186 -10.53 30.04 -5.18
C PHE K 186 -10.40 29.61 -3.73
N LEU K 187 -9.30 29.99 -3.07
CA LEU K 187 -9.00 29.46 -1.74
C LEU K 187 -10.13 29.63 -0.72
N PRO K 188 -10.83 30.77 -0.62
CA PRO K 188 -11.96 30.81 0.32
C PRO K 188 -13.00 29.75 0.04
N MET K 189 -13.27 29.47 -1.24
CA MET K 189 -14.24 28.42 -1.56
C MET K 189 -13.67 27.04 -1.29
N ARG K 190 -12.37 26.82 -1.48
CA ARG K 190 -11.78 25.56 -1.05
C ARG K 190 -11.94 25.37 0.46
N ALA K 191 -11.83 26.45 1.25
CA ALA K 191 -12.09 26.37 2.69
C ALA K 191 -13.56 26.06 2.97
N ASN K 192 -14.48 26.71 2.24
CA ASN K 192 -15.91 26.44 2.42
C ASN K 192 -16.24 24.98 2.10
N LEU K 193 -15.72 24.50 0.96
CA LEU K 193 -15.88 23.09 0.60
C LEU K 193 -15.50 22.18 1.74
N ASP K 194 -14.44 22.50 2.47
CA ASP K 194 -14.05 21.67 3.61
C ASP K 194 -15.13 21.71 4.70
N LEU K 195 -15.59 22.91 5.06
CA LEU K 195 -16.60 23.01 6.11
C LEU K 195 -17.89 22.31 5.72
N LEU K 196 -18.25 22.35 4.43
CA LEU K 196 -19.48 21.75 3.94
C LEU K 196 -19.44 20.22 3.90
N GLY K 197 -18.26 19.61 4.02
CA GLY K 197 -18.18 18.17 3.98
C GLY K 197 -17.29 17.56 2.91
N TRP K 198 -16.55 18.38 2.15
CA TRP K 198 -15.67 17.86 1.11
C TRP K 198 -14.19 17.98 1.44
N SER K 199 -13.80 17.94 2.71
CA SER K 199 -12.40 18.18 3.04
C SER K 199 -11.48 17.03 2.63
N GLU K 200 -12.02 15.82 2.44
CA GLU K 200 -11.24 14.69 1.96
C GLU K 200 -11.31 14.52 0.44
N ILE K 201 -11.86 15.48 -0.30
CA ILE K 201 -12.05 15.33 -1.73
C ILE K 201 -11.28 16.43 -2.46
N ASP K 202 -10.37 16.04 -3.35
CA ASP K 202 -9.92 16.97 -4.36
C ASP K 202 -11.07 17.14 -5.36
N ILE K 203 -11.79 18.27 -5.27
CA ILE K 203 -12.97 18.45 -6.09
C ILE K 203 -12.67 18.42 -7.59
N PHE K 204 -11.42 18.65 -8.00
CA PHE K 204 -11.04 18.69 -9.41
C PHE K 204 -10.46 17.38 -9.92
N ALA K 205 -10.26 16.38 -9.06
CA ALA K 205 -9.65 15.13 -9.50
C ALA K 205 -10.61 14.33 -10.37
N HIS K 206 -10.05 13.55 -11.29
CA HIS K 206 -10.86 12.64 -12.12
C HIS K 206 -11.56 11.59 -11.26
N SER K 207 -10.81 10.93 -10.39
CA SER K 207 -11.42 10.02 -9.44
C SER K 207 -10.69 10.08 -8.12
N MET M 2 42.59 -12.37 23.36
CA MET M 2 42.72 -11.12 22.60
C MET M 2 42.05 -11.27 21.22
N THR M 3 42.25 -10.26 20.35
CA THR M 3 41.63 -10.27 19.02
C THR M 3 42.54 -11.00 18.02
N GLU M 4 42.48 -12.33 18.08
CA GLU M 4 43.23 -13.15 17.13
C GLU M 4 42.33 -13.52 15.94
N ILE M 5 42.75 -13.12 14.74
CA ILE M 5 42.03 -13.43 13.52
C ILE M 5 43.04 -14.03 12.56
N ARG M 6 42.78 -15.27 12.12
CA ARG M 6 43.63 -15.97 11.18
C ARG M 6 43.00 -15.85 9.81
N VAL M 7 43.67 -15.15 8.90
CA VAL M 7 43.19 -14.91 7.56
C VAL M 7 43.80 -15.96 6.64
N HIS M 8 42.96 -16.61 5.82
CA HIS M 8 43.41 -17.68 4.93
C HIS M 8 42.97 -17.40 3.50
N GLN M 9 43.72 -18.00 2.57
CA GLN M 9 43.42 -17.96 1.14
C GLN M 9 42.83 -19.30 0.72
N GLY M 10 41.56 -19.32 0.39
CA GLY M 10 40.92 -20.51 -0.17
C GLY M 10 40.33 -21.52 0.80
N ASP M 11 41.12 -21.93 1.79
CA ASP M 11 40.66 -22.98 2.69
C ASP M 11 41.38 -22.83 4.02
N LEU M 12 40.83 -23.48 5.05
CA LEU M 12 41.59 -23.70 6.26
C LEU M 12 42.80 -24.57 5.92
N PRO M 13 43.94 -24.36 6.60
CA PRO M 13 45.09 -25.25 6.36
C PRO M 13 44.88 -26.63 6.93
N ASN M 14 44.15 -26.74 8.04
CA ASN M 14 43.78 -28.01 8.65
C ASN M 14 42.60 -27.74 9.57
N LEU M 15 42.16 -28.77 10.28
CA LEU M 15 41.04 -28.62 11.20
C LEU M 15 41.47 -28.70 12.67
N ASP M 16 42.75 -28.44 12.97
CA ASP M 16 43.23 -28.52 14.34
C ASP M 16 42.38 -27.69 15.29
N ASN M 17 42.01 -26.47 14.86
CA ASN M 17 41.25 -25.59 15.74
C ASN M 17 39.76 -25.92 15.78
N TYR M 18 39.33 -27.00 15.12
CA TYR M 18 37.92 -27.35 15.03
C TYR M 18 37.68 -28.81 15.38
N ARG M 19 38.40 -29.30 16.39
CA ARG M 19 38.07 -30.55 17.06
C ARG M 19 37.05 -30.28 18.18
N ILE M 20 35.88 -29.81 17.75
CA ILE M 20 34.84 -29.33 18.65
C ILE M 20 33.49 -29.82 18.14
N ASP M 21 32.47 -29.61 18.96
CA ASP M 21 31.14 -30.12 18.64
C ASP M 21 30.22 -29.08 18.01
N ALA M 22 30.64 -27.82 17.95
CA ALA M 22 29.83 -26.78 17.33
C ALA M 22 30.75 -25.66 16.88
N VAL M 23 30.61 -25.27 15.61
CA VAL M 23 31.39 -24.19 15.02
C VAL M 23 30.44 -23.07 14.59
N ALA M 24 30.84 -21.82 14.89
CA ALA M 24 30.13 -20.65 14.38
C ALA M 24 30.54 -20.38 12.93
N VAL M 25 29.56 -20.13 12.06
CA VAL M 25 29.81 -19.93 10.63
C VAL M 25 29.09 -18.66 10.18
N ASP M 26 29.72 -17.92 9.28
CA ASP M 26 29.08 -16.81 8.59
C ASP M 26 29.82 -16.61 7.28
N THR M 27 29.18 -15.90 6.34
CA THR M 27 29.78 -15.65 5.03
C THR M 27 29.63 -14.18 4.65
N GLU M 28 30.42 -13.76 3.66
CA GLU M 28 30.25 -12.48 2.99
C GLU M 28 30.21 -12.72 1.49
N THR M 29 29.43 -11.90 0.79
CA THR M 29 29.15 -12.10 -0.62
C THR M 29 29.09 -10.74 -1.31
N LEU M 30 28.95 -10.75 -2.63
CA LEU M 30 28.67 -9.53 -3.37
C LEU M 30 27.19 -9.13 -3.37
N GLY M 31 26.33 -9.82 -2.61
CA GLY M 31 24.92 -9.47 -2.56
C GLY M 31 24.06 -10.65 -2.09
N LEU M 32 22.75 -10.46 -2.19
CA LEU M 32 21.80 -11.42 -1.65
C LEU M 32 21.35 -12.47 -2.67
N GLN M 33 21.90 -12.47 -3.89
CA GLN M 33 21.39 -13.38 -4.92
C GLN M 33 22.45 -14.41 -5.29
N PRO M 34 22.36 -15.63 -4.76
CA PRO M 34 23.48 -16.60 -4.91
C PRO M 34 23.82 -16.92 -6.36
N HIS M 35 22.84 -16.97 -7.26
CA HIS M 35 23.18 -17.25 -8.65
C HIS M 35 23.97 -16.12 -9.30
N ARG M 36 23.84 -14.89 -8.78
CA ARG M 36 24.56 -13.73 -9.31
C ARG M 36 25.76 -13.33 -8.46
N ASP M 37 25.60 -13.30 -7.14
CA ASP M 37 26.56 -12.71 -6.21
C ASP M 37 27.39 -13.83 -5.56
N ARG M 38 28.67 -13.91 -5.92
CA ARG M 38 29.49 -15.03 -5.51
C ARG M 38 29.79 -14.97 -4.01
N LEU M 39 30.09 -16.14 -3.46
CA LEU M 39 30.67 -16.21 -2.12
C LEU M 39 32.06 -15.58 -2.14
N CYS M 40 32.33 -14.71 -1.16
CA CYS M 40 33.64 -14.04 -1.10
C CYS M 40 34.43 -14.39 0.15
N VAL M 41 33.76 -14.58 1.29
CA VAL M 41 34.44 -14.87 2.55
C VAL M 41 33.61 -15.90 3.31
N VAL M 42 34.31 -16.77 4.04
CA VAL M 42 33.69 -17.66 5.01
C VAL M 42 34.42 -17.45 6.33
N GLN M 43 33.66 -17.12 7.37
CA GLN M 43 34.18 -16.89 8.71
C GLN M 43 33.77 -18.03 9.64
N LEU M 44 34.73 -18.49 10.44
CA LEU M 44 34.51 -19.55 11.40
C LEU M 44 35.02 -19.12 12.77
N SER M 45 34.42 -19.66 13.82
CA SER M 45 34.99 -19.53 15.15
C SER M 45 34.60 -20.72 15.99
N SER M 46 35.55 -21.19 16.79
CA SER M 46 35.33 -22.27 17.75
C SER M 46 34.65 -21.80 19.02
N GLY M 47 34.49 -20.48 19.20
CA GLY M 47 33.96 -19.92 20.43
C GLY M 47 35.00 -19.51 21.43
N ASP M 48 36.29 -19.68 21.14
CA ASP M 48 37.38 -19.35 22.06
C ASP M 48 37.86 -17.92 21.93
N GLY M 49 37.05 -17.02 21.37
CA GLY M 49 37.43 -15.64 21.18
C GLY M 49 38.25 -15.37 19.95
N THR M 50 38.74 -16.40 19.28
CA THR M 50 39.46 -16.28 18.02
C THR M 50 38.52 -16.59 16.86
N ALA M 51 38.96 -16.20 15.66
CA ALA M 51 38.17 -16.33 14.45
C ALA M 51 39.08 -16.70 13.27
N ASP M 52 38.51 -17.43 12.30
CA ASP M 52 39.18 -17.75 11.05
C ASP M 52 38.41 -17.10 9.91
N VAL M 53 39.13 -16.39 9.05
CA VAL M 53 38.54 -15.66 7.92
C VAL M 53 39.18 -16.19 6.65
N ILE M 54 38.39 -16.82 5.79
CA ILE M 54 38.86 -17.50 4.57
C ILE M 54 38.32 -16.75 3.36
N GLN M 55 39.23 -16.15 2.58
CA GLN M 55 38.88 -15.47 1.34
C GLN M 55 38.64 -16.50 0.25
N ILE M 56 37.51 -16.37 -0.43
CA ILE M 56 37.10 -17.33 -1.45
C ILE M 56 37.30 -16.69 -2.81
N ALA M 57 38.09 -17.32 -3.67
CA ALA M 57 38.37 -16.75 -4.98
C ALA M 57 37.16 -16.90 -5.91
N LYS M 58 37.07 -15.99 -6.88
CA LYS M 58 36.06 -16.10 -7.91
C LYS M 58 36.30 -17.38 -8.70
N GLY M 59 35.23 -18.15 -8.89
CA GLY M 59 35.33 -19.41 -9.61
C GLY M 59 35.81 -20.60 -8.79
N GLN M 60 36.13 -20.39 -7.51
CA GLN M 60 36.56 -21.50 -6.65
C GLN M 60 35.41 -22.48 -6.45
N LYS M 61 35.66 -23.76 -6.75
CA LYS M 61 34.63 -24.78 -6.59
C LYS M 61 34.83 -25.70 -5.41
N SER M 62 36.02 -25.72 -4.79
CA SER M 62 36.27 -26.62 -3.67
C SER M 62 37.01 -25.91 -2.54
N ALA M 63 36.89 -26.48 -1.34
CA ALA M 63 37.60 -26.09 -0.13
C ALA M 63 37.55 -27.26 0.84
N PRO M 64 38.37 -28.29 0.63
CA PRO M 64 38.12 -29.60 1.26
C PRO M 64 38.04 -29.58 2.78
N ASN M 65 38.87 -28.79 3.46
CA ASN M 65 38.83 -28.77 4.92
C ASN M 65 37.56 -28.12 5.41
N LEU M 66 37.25 -26.92 4.89
CA LEU M 66 36.00 -26.26 5.24
C LEU M 66 34.80 -27.16 4.95
N VAL M 67 34.83 -27.87 3.82
CA VAL M 67 33.68 -28.69 3.44
C VAL M 67 33.56 -29.93 4.33
N ARG M 68 34.70 -30.49 4.80
CA ARG M 68 34.61 -31.59 5.76
C ARG M 68 33.93 -31.13 7.05
N LEU M 69 34.33 -29.97 7.56
CA LEU M 69 33.68 -29.39 8.74
C LEU M 69 32.17 -29.24 8.52
N LEU M 70 31.79 -28.63 7.39
CA LEU M 70 30.38 -28.42 7.08
C LEU M 70 29.62 -29.73 6.93
N SER M 71 30.29 -30.79 6.49
CA SER M 71 29.68 -32.10 6.27
C SER M 71 29.56 -32.93 7.54
N ASP M 72 30.21 -32.53 8.62
CA ASP M 72 30.37 -33.37 9.80
C ASP M 72 29.07 -33.38 10.60
N ARG M 73 28.35 -34.51 10.58
CA ARG M 73 27.09 -34.61 11.30
C ARG M 73 27.27 -34.51 12.81
N ASP M 74 28.49 -34.73 13.32
CA ASP M 74 28.74 -34.62 14.75
C ASP M 74 29.08 -33.21 15.19
N ILE M 75 29.21 -32.26 14.26
CA ILE M 75 29.51 -30.87 14.57
C ILE M 75 28.32 -30.02 14.17
N THR M 76 27.72 -29.36 15.15
CA THR M 76 26.64 -28.44 14.87
C THR M 76 27.22 -27.16 14.25
N LYS M 77 26.60 -26.69 13.17
CA LYS M 77 26.97 -25.42 12.55
C LYS M 77 25.99 -24.36 13.04
N ILE M 78 26.51 -23.32 13.67
CA ILE M 78 25.72 -22.23 14.21
C ILE M 78 25.77 -21.06 13.23
N PHE M 79 24.59 -20.56 12.86
CA PHE M 79 24.50 -19.39 12.00
C PHE M 79 23.57 -18.38 12.66
N HIS M 80 23.69 -17.14 12.22
CA HIS M 80 22.60 -16.18 12.34
C HIS M 80 21.97 -16.04 10.96
N PHE M 81 20.67 -16.34 10.86
CA PHE M 81 19.98 -16.48 9.58
C PHE M 81 20.74 -17.43 8.65
N GLY M 82 20.85 -18.68 9.09
CA GLY M 82 21.48 -19.70 8.28
C GLY M 82 20.82 -19.94 6.95
N ARG M 83 19.54 -19.57 6.79
CA ARG M 83 18.88 -19.71 5.49
C ARG M 83 19.74 -19.11 4.38
N PHE M 84 20.35 -17.95 4.64
CA PHE M 84 21.22 -17.33 3.63
C PHE M 84 22.52 -18.11 3.48
N ASP M 85 23.27 -18.28 4.58
CA ASP M 85 24.58 -18.90 4.50
C ASP M 85 24.51 -20.31 3.91
N LEU M 86 23.50 -21.09 4.31
CA LEU M 86 23.36 -22.44 3.77
C LEU M 86 23.21 -22.43 2.26
N ALA M 87 22.45 -21.47 1.72
CA ALA M 87 22.20 -21.45 0.29
C ALA M 87 23.47 -21.13 -0.49
N ILE M 88 24.20 -20.10 -0.08
CA ILE M 88 25.39 -19.74 -0.85
C ILE M 88 26.48 -20.78 -0.68
N LEU M 89 26.60 -21.35 0.53
CA LEU M 89 27.60 -22.38 0.74
C LEU M 89 27.32 -23.62 -0.11
N ALA M 90 26.05 -24.05 -0.15
CA ALA M 90 25.72 -25.24 -0.93
C ALA M 90 25.88 -24.98 -2.42
N HIS M 91 25.47 -23.79 -2.87
CA HIS M 91 25.60 -23.43 -4.27
C HIS M 91 27.05 -23.35 -4.71
N THR M 92 27.95 -22.94 -3.81
CA THR M 92 29.34 -22.75 -4.19
C THR M 92 30.11 -24.06 -4.19
N PHE M 93 30.01 -24.81 -3.10
CA PHE M 93 30.85 -25.97 -2.88
C PHE M 93 30.12 -27.29 -3.12
N GLY M 94 28.82 -27.26 -3.36
CA GLY M 94 28.07 -28.44 -3.71
C GLY M 94 27.56 -29.28 -2.55
N VAL M 95 27.82 -28.87 -1.31
CA VAL M 95 27.46 -29.65 -0.12
C VAL M 95 26.54 -28.81 0.76
N MET M 96 25.42 -29.41 1.21
CA MET M 96 24.51 -28.72 2.11
C MET M 96 24.67 -29.26 3.52
N PRO M 97 25.13 -28.45 4.48
CA PRO M 97 25.18 -28.91 5.88
C PRO M 97 23.77 -29.22 6.37
N ASP M 98 23.69 -30.09 7.38
CA ASP M 98 22.37 -30.51 7.86
C ASP M 98 22.20 -30.62 9.37
N VAL M 99 23.24 -30.40 10.18
CA VAL M 99 23.08 -30.21 11.62
C VAL M 99 23.38 -28.75 11.90
N VAL M 100 22.34 -27.95 12.15
CA VAL M 100 22.46 -26.51 12.19
C VAL M 100 21.70 -25.93 13.37
N PHE M 101 22.03 -24.69 13.71
CA PHE M 101 21.34 -23.90 14.73
C PHE M 101 21.33 -22.47 14.24
N CYS M 102 20.16 -21.83 14.28
CA CYS M 102 20.00 -20.47 13.74
C CYS M 102 19.55 -19.54 14.85
N THR M 103 20.40 -18.55 15.16
CA THR M 103 20.05 -17.61 16.23
C THR M 103 18.88 -16.72 15.83
N LYS M 104 18.63 -16.52 14.53
CA LYS M 104 17.50 -15.69 14.13
C LYS M 104 16.17 -16.42 14.34
N ILE M 105 16.06 -17.68 13.88
CA ILE M 105 14.89 -18.48 14.19
C ILE M 105 14.72 -18.61 15.71
N ALA M 106 15.81 -18.91 16.42
CA ALA M 106 15.75 -19.00 17.88
C ALA M 106 15.21 -17.72 18.49
N SER M 107 15.68 -16.57 17.99
CA SER M 107 15.18 -15.30 18.48
C SER M 107 13.70 -15.12 18.16
N LYS M 108 13.28 -15.56 16.98
CA LYS M 108 11.86 -15.41 16.63
C LYS M 108 10.99 -16.35 17.45
N LEU M 109 11.58 -17.41 18.02
CA LEU M 109 10.87 -18.35 18.88
C LEU M 109 10.89 -17.96 20.37
N THR M 110 11.72 -16.98 20.77
CA THR M 110 11.87 -16.63 22.19
C THR M 110 11.74 -15.15 22.47
N ARG M 111 12.32 -14.29 21.64
CA ARG M 111 12.23 -12.83 21.85
C ARG M 111 10.91 -12.35 21.22
N THR M 112 9.83 -12.82 21.81
CA THR M 112 8.46 -12.61 21.36
C THR M 112 7.93 -11.23 21.68
N TYR M 113 8.77 -10.35 22.24
CA TYR M 113 8.42 -8.99 22.63
C TYR M 113 8.99 -7.94 21.68
N THR M 114 9.47 -8.34 20.50
CA THR M 114 10.08 -7.39 19.57
C THR M 114 10.02 -7.96 18.16
N ASP M 115 9.97 -7.05 17.20
CA ASP M 115 10.08 -7.41 15.80
C ASP M 115 11.50 -7.24 15.28
N ARG M 116 12.47 -6.98 16.16
CA ARG M 116 13.87 -6.79 15.78
C ARG M 116 14.66 -8.03 16.15
N HIS M 117 15.05 -8.80 15.13
CA HIS M 117 15.79 -10.04 15.30
C HIS M 117 17.11 -10.04 14.54
N GLY M 118 17.58 -8.87 14.13
CA GLY M 118 18.89 -8.79 13.49
C GLY M 118 20.00 -9.15 14.46
N LEU M 119 21.11 -9.64 13.90
CA LEU M 119 22.23 -10.07 14.73
C LEU M 119 22.75 -8.91 15.59
N LYS M 120 22.75 -7.69 15.02
CA LYS M 120 23.21 -6.53 15.77
C LYS M 120 22.32 -6.26 16.97
N GLU M 121 20.99 -6.33 16.78
CA GLU M 121 20.08 -6.12 17.90
C GLU M 121 20.27 -7.19 18.96
N ILE M 122 20.38 -8.44 18.53
CA ILE M 122 20.46 -9.55 19.47
C ILE M 122 21.72 -9.47 20.31
N CYS M 123 22.86 -9.14 19.67
CA CYS M 123 24.10 -8.98 20.42
C CYS M 123 23.98 -7.86 21.43
N GLY M 124 23.34 -6.75 21.04
CA GLY M 124 23.23 -5.62 21.95
C GLY M 124 22.43 -5.96 23.20
N GLU M 125 21.33 -6.68 23.03
CA GLU M 125 20.43 -6.95 24.15
C GLU M 125 20.88 -8.14 24.99
N LEU M 126 21.40 -9.18 24.36
CA LEU M 126 21.72 -10.40 25.09
C LEU M 126 23.12 -10.39 25.68
N LEU M 127 24.06 -9.65 25.09
CA LEU M 127 25.43 -9.68 25.54
C LEU M 127 26.00 -8.30 25.83
N ASN M 128 25.27 -7.22 25.52
CA ASN M 128 25.75 -5.86 25.60
C ASN M 128 27.02 -5.65 24.77
N VAL M 129 27.15 -6.43 23.71
CA VAL M 129 28.23 -6.25 22.74
C VAL M 129 27.66 -5.43 21.59
N ASN M 130 28.37 -4.37 21.22
CA ASN M 130 27.96 -3.50 20.12
C ASN M 130 28.60 -4.01 18.84
N ILE M 131 27.76 -4.34 17.85
CA ILE M 131 28.21 -4.80 16.55
C ILE M 131 28.03 -3.66 15.57
N SER M 132 29.08 -3.33 14.82
CA SER M 132 29.03 -2.24 13.85
C SER M 132 28.82 -2.85 12.46
N LYS M 133 27.73 -2.44 11.80
CA LYS M 133 27.39 -2.94 10.46
C LYS M 133 27.89 -2.03 9.34
N GLN M 134 28.94 -1.23 9.60
CA GLN M 134 29.35 -0.25 8.61
C GLN M 134 30.08 -0.88 7.42
N GLN M 135 30.74 -2.02 7.64
CA GLN M 135 31.44 -2.73 6.58
C GLN M 135 30.56 -3.78 5.89
N GLN M 136 29.35 -4.02 6.40
CA GLN M 136 28.43 -5.00 5.82
C GLN M 136 28.25 -4.76 4.33
N SER M 137 28.16 -3.49 3.93
CA SER M 137 28.09 -3.09 2.53
C SER M 137 29.46 -2.49 2.17
N SER M 138 30.32 -3.37 1.62
CA SER M 138 31.62 -2.99 1.10
C SER M 138 31.97 -4.02 0.03
N ASP M 139 33.10 -3.81 -0.64
CA ASP M 139 33.51 -4.73 -1.70
C ASP M 139 34.18 -5.95 -1.07
N TRP M 140 33.36 -6.94 -0.73
CA TRP M 140 33.85 -8.18 -0.14
C TRP M 140 34.67 -9.01 -1.12
N ALA M 141 34.61 -8.69 -2.42
CA ALA M 141 35.37 -9.37 -3.46
C ALA M 141 36.76 -8.80 -3.66
N ALA M 142 37.15 -7.73 -2.95
CA ALA M 142 38.48 -7.15 -3.11
C ALA M 142 39.56 -8.19 -2.91
N GLU M 143 40.64 -8.07 -3.67
CA GLU M 143 41.74 -9.02 -3.57
C GLU M 143 42.35 -9.04 -2.17
N THR M 144 42.62 -7.86 -1.61
CA THR M 144 43.03 -7.72 -0.22
C THR M 144 41.92 -7.04 0.56
N LEU M 145 41.42 -7.72 1.59
CA LEU M 145 40.43 -7.11 2.47
C LEU M 145 41.10 -6.12 3.40
N SER M 146 40.40 -5.02 3.66
CA SER M 146 40.89 -4.03 4.63
C SER M 146 40.84 -4.61 6.04
N ARG M 147 41.48 -3.90 6.96
CA ARG M 147 41.47 -4.36 8.35
C ARG M 147 40.08 -4.21 8.95
N ALA M 148 39.42 -3.08 8.71
CA ALA M 148 38.03 -2.93 9.14
C ALA M 148 37.16 -4.06 8.58
N GLN M 149 37.45 -4.51 7.35
CA GLN M 149 36.67 -5.58 6.75
C GLN M 149 36.93 -6.91 7.45
N ILE M 150 38.19 -7.21 7.75
CA ILE M 150 38.54 -8.45 8.43
C ILE M 150 37.94 -8.48 9.83
N GLU M 151 37.94 -7.34 10.52
CA GLU M 151 37.43 -7.36 11.87
C GLU M 151 35.91 -7.46 11.89
N TYR M 152 35.21 -6.75 10.99
CA TYR M 152 33.77 -6.89 10.94
C TYR M 152 33.36 -8.33 10.69
N ALA M 153 34.05 -9.00 9.74
CA ALA M 153 33.69 -10.37 9.39
C ALA M 153 33.91 -11.32 10.55
N ALA M 154 35.02 -11.16 11.26
CA ALA M 154 35.31 -12.02 12.39
C ALA M 154 34.29 -11.83 13.52
N SER M 155 33.88 -10.57 13.78
CA SER M 155 32.97 -10.32 14.88
C SER M 155 31.57 -10.89 14.61
N ASP M 156 31.24 -11.21 13.36
CA ASP M 156 29.95 -11.84 13.07
C ASP M 156 29.89 -13.31 13.49
N VAL M 157 31.02 -13.94 13.81
CA VAL M 157 31.04 -15.32 14.31
C VAL M 157 31.54 -15.41 15.74
N LEU M 158 32.15 -14.36 16.27
CA LEU M 158 32.77 -14.44 17.60
C LEU M 158 31.76 -14.66 18.71
N TYR M 159 30.49 -14.32 18.50
CA TYR M 159 29.54 -14.24 19.59
C TYR M 159 28.43 -15.28 19.51
N LEU M 160 28.42 -16.12 18.47
CA LEU M 160 27.28 -16.99 18.19
C LEU M 160 27.16 -18.16 19.16
N HIS M 161 28.29 -18.69 19.64
CA HIS M 161 28.26 -19.67 20.72
C HIS M 161 27.50 -19.14 21.93
N ARG M 162 27.84 -17.92 22.37
CA ARG M 162 27.19 -17.36 23.56
C ARG M 162 25.70 -17.13 23.33
N LEU M 163 25.33 -16.59 22.16
CA LEU M 163 23.93 -16.41 21.84
C LEU M 163 23.19 -17.74 21.84
N LYS M 164 23.81 -18.80 21.31
CA LYS M 164 23.16 -20.10 21.24
C LYS M 164 22.85 -20.63 22.64
N ASP M 165 23.79 -20.44 23.59
CA ASP M 165 23.57 -20.87 24.98
C ASP M 165 22.38 -20.17 25.59
N ILE M 166 22.29 -18.85 25.42
CA ILE M 166 21.18 -18.12 26.01
C ILE M 166 19.86 -18.53 25.36
N PHE M 167 19.83 -18.65 24.03
CA PHE M 167 18.58 -19.05 23.38
C PHE M 167 18.18 -20.47 23.77
N GLU M 168 19.15 -21.34 24.04
CA GLU M 168 18.81 -22.68 24.47
C GLU M 168 18.17 -22.67 25.85
N GLU M 169 18.64 -21.78 26.73
CA GLU M 169 17.96 -21.59 28.01
C GLU M 169 16.54 -21.11 27.80
N ARG M 170 16.36 -20.12 26.92
CA ARG M 170 15.03 -19.59 26.66
C ARG M 170 14.11 -20.65 26.05
N LEU M 171 14.62 -21.45 25.10
CA LEU M 171 13.81 -22.50 24.49
C LEU M 171 13.40 -23.56 25.48
N LYS M 172 14.25 -23.84 26.47
CA LYS M 172 13.90 -24.77 27.52
C LYS M 172 12.86 -24.16 28.47
N ARG M 173 13.12 -22.94 28.93
CA ARG M 173 12.20 -22.29 29.87
C ARG M 173 10.78 -22.20 29.31
N GLU M 174 10.66 -21.83 28.04
CA GLU M 174 9.35 -21.67 27.42
C GLU M 174 8.86 -22.94 26.73
N GLU M 175 9.59 -24.05 26.89
CA GLU M 175 9.15 -25.38 26.43
C GLU M 175 8.94 -25.44 24.93
N ARG M 176 9.93 -24.92 24.19
CA ARG M 176 9.86 -24.83 22.73
C ARG M 176 11.02 -25.55 22.05
N GLU M 177 11.65 -26.51 22.75
CA GLU M 177 12.83 -27.18 22.20
C GLU M 177 12.49 -28.00 20.96
N SER M 178 11.43 -28.79 21.01
CA SER M 178 11.12 -29.64 19.86
C SER M 178 10.63 -28.82 18.68
N VAL M 179 9.97 -27.69 18.96
CA VAL M 179 9.62 -26.74 17.90
C VAL M 179 10.87 -26.19 17.23
N ALA M 180 11.85 -25.75 18.03
CA ALA M 180 13.07 -25.18 17.44
C ALA M 180 13.82 -26.22 16.62
N LYS M 181 13.85 -27.47 17.09
CA LYS M 181 14.57 -28.54 16.41
C LYS M 181 13.93 -28.89 15.07
N ALA M 182 12.59 -28.91 15.01
CA ALA M 182 11.92 -29.13 13.73
C ALA M 182 12.25 -28.01 12.75
N CYS M 183 12.29 -26.77 13.22
CA CYS M 183 12.67 -25.65 12.37
C CYS M 183 14.10 -25.81 11.84
N PHE M 184 15.04 -26.18 12.71
CA PHE M 184 16.42 -26.36 12.25
C PHE M 184 16.53 -27.54 11.29
N GLN M 185 15.73 -28.59 11.50
CA GLN M 185 15.74 -29.73 10.58
C GLN M 185 15.28 -29.34 9.18
N PHE M 186 14.34 -28.40 9.07
CA PHE M 186 13.86 -27.98 7.76
C PHE M 186 14.76 -26.92 7.10
N LEU M 187 15.51 -26.13 7.89
CA LEU M 187 16.29 -25.02 7.35
C LEU M 187 17.15 -25.39 6.13
N PRO M 188 17.93 -26.47 6.13
CA PRO M 188 18.67 -26.80 4.89
C PRO M 188 17.76 -26.95 3.68
N MET M 189 16.57 -27.52 3.85
CA MET M 189 15.71 -27.63 2.69
C MET M 189 15.04 -26.31 2.35
N ARG M 190 14.78 -25.46 3.36
CA ARG M 190 14.32 -24.10 3.07
C ARG M 190 15.35 -23.36 2.23
N ALA M 191 16.64 -23.63 2.46
CA ALA M 191 17.66 -22.97 1.66
C ALA M 191 17.72 -23.56 0.25
N ASN M 192 17.49 -24.88 0.13
CA ASN M 192 17.45 -25.47 -1.21
C ASN M 192 16.29 -24.93 -2.00
N LEU M 193 15.13 -24.76 -1.37
CA LEU M 193 14.00 -24.11 -2.03
C LEU M 193 14.40 -22.76 -2.60
N ASP M 194 15.20 -21.98 -1.87
CA ASP M 194 15.61 -20.68 -2.39
C ASP M 194 16.45 -20.86 -3.64
N LEU M 195 17.41 -21.79 -3.61
CA LEU M 195 18.28 -21.99 -4.77
C LEU M 195 17.48 -22.50 -5.97
N LEU M 196 16.47 -23.33 -5.70
CA LEU M 196 15.71 -23.98 -6.76
C LEU M 196 14.74 -23.02 -7.44
N GLY M 197 14.46 -21.87 -6.82
CA GLY M 197 13.59 -20.90 -7.43
C GLY M 197 12.41 -20.43 -6.59
N TRP M 198 12.34 -20.83 -5.32
CA TRP M 198 11.24 -20.42 -4.44
C TRP M 198 11.66 -19.41 -3.37
N SER M 199 12.69 -18.61 -3.64
CA SER M 199 13.21 -17.73 -2.60
C SER M 199 12.21 -16.66 -2.18
N GLU M 200 11.32 -16.28 -3.09
CA GLU M 200 10.29 -15.28 -2.79
C GLU M 200 9.00 -15.88 -2.24
N ILE M 201 8.92 -17.18 -2.00
CA ILE M 201 7.66 -17.86 -1.70
C ILE M 201 7.73 -18.49 -0.32
N ASP M 202 6.78 -18.15 0.54
CA ASP M 202 6.52 -18.95 1.75
C ASP M 202 5.77 -20.19 1.31
N ILE M 203 6.45 -21.34 1.31
CA ILE M 203 5.89 -22.57 0.77
C ILE M 203 4.70 -23.08 1.58
N PHE M 204 4.59 -22.69 2.84
CA PHE M 204 3.53 -23.12 3.73
C PHE M 204 2.35 -22.17 3.77
N ALA M 205 2.42 -21.03 3.10
CA ALA M 205 1.33 -20.06 3.17
C ALA M 205 0.12 -20.54 2.37
N HIS M 206 -1.07 -20.07 2.77
CA HIS M 206 -2.28 -20.41 2.02
C HIS M 206 -2.26 -19.78 0.64
N SER M 207 -1.88 -18.51 0.56
CA SER M 207 -1.74 -17.84 -0.74
C SER M 207 -0.68 -16.78 -0.65
N SER O 1 16.02 8.91 40.20
CA SER O 1 15.50 7.61 40.58
C SER O 1 15.67 7.31 42.08
N MET O 2 15.54 6.03 42.44
CA MET O 2 15.36 5.59 43.83
C MET O 2 14.21 6.36 44.49
N THR O 3 13.01 6.00 44.05
CA THR O 3 11.78 6.14 44.83
C THR O 3 11.50 4.77 45.46
N GLU O 4 10.65 4.76 46.50
CA GLU O 4 10.45 3.51 47.23
C GLU O 4 9.71 2.50 46.37
N ILE O 5 10.27 1.30 46.26
CA ILE O 5 9.71 0.24 45.43
C ILE O 5 9.80 -1.07 46.20
N ARG O 6 8.66 -1.71 46.41
CA ARG O 6 8.60 -2.96 47.16
C ARG O 6 8.37 -4.08 46.15
N VAL O 7 9.39 -4.93 45.97
CA VAL O 7 9.35 -6.04 45.03
C VAL O 7 8.84 -7.27 45.76
N HIS O 8 7.77 -7.87 45.25
CA HIS O 8 7.13 -9.03 45.87
C HIS O 8 7.25 -10.26 44.99
N GLN O 9 7.09 -11.42 45.62
CA GLN O 9 6.97 -12.70 44.93
C GLN O 9 5.49 -13.07 44.90
N GLY O 10 4.94 -13.24 43.69
CA GLY O 10 3.64 -13.87 43.57
C GLY O 10 2.42 -13.01 43.85
N ASP O 11 2.39 -12.33 45.00
CA ASP O 11 1.25 -11.50 45.39
C ASP O 11 1.75 -10.38 46.29
N LEU O 12 0.86 -9.43 46.58
CA LEU O 12 1.10 -8.50 47.67
C LEU O 12 0.93 -9.22 49.00
N PRO O 13 1.70 -8.84 50.04
CA PRO O 13 1.46 -9.42 51.37
C PRO O 13 0.08 -9.09 51.92
N ASN O 14 -0.39 -7.87 51.73
CA ASN O 14 -1.69 -7.41 52.18
C ASN O 14 -2.10 -6.22 51.34
N LEU O 15 -3.24 -5.63 51.68
CA LEU O 15 -3.75 -4.47 50.97
C LEU O 15 -3.67 -3.20 51.81
N ASP O 16 -2.72 -3.16 52.76
CA ASP O 16 -2.64 -2.02 53.68
C ASP O 16 -2.34 -0.72 52.95
N ASN O 17 -1.67 -0.79 51.79
CA ASN O 17 -1.34 0.42 51.06
C ASN O 17 -2.38 0.74 49.99
N TYR O 18 -3.57 0.13 50.05
CA TYR O 18 -4.54 0.26 48.96
C TYR O 18 -5.95 0.43 49.49
N ARG O 19 -6.10 1.18 50.59
CA ARG O 19 -7.41 1.67 51.01
C ARG O 19 -7.65 3.05 50.43
N ILE O 20 -7.92 3.07 49.11
CA ILE O 20 -7.97 4.29 48.32
C ILE O 20 -9.06 4.16 47.27
N ASP O 21 -9.31 5.28 46.56
CA ASP O 21 -10.37 5.37 45.57
C ASP O 21 -9.95 4.86 44.20
N ALA O 22 -8.65 4.85 43.90
CA ALA O 22 -8.17 4.49 42.56
C ALA O 22 -6.73 4.03 42.67
N VAL O 23 -6.40 2.96 41.96
CA VAL O 23 -5.07 2.36 41.98
C VAL O 23 -4.52 2.35 40.56
N ALA O 24 -3.23 2.67 40.42
CA ALA O 24 -2.55 2.64 39.12
C ALA O 24 -1.97 1.25 38.88
N VAL O 25 -2.27 0.68 37.70
CA VAL O 25 -1.95 -0.71 37.38
C VAL O 25 -1.18 -0.76 36.06
N ASP O 26 -0.23 -1.69 35.98
CA ASP O 26 0.54 -1.93 34.77
C ASP O 26 1.10 -3.34 34.87
N THR O 27 1.38 -3.95 33.71
CA THR O 27 1.94 -5.29 33.66
C THR O 27 3.15 -5.34 32.75
N GLU O 28 3.97 -6.36 32.95
CA GLU O 28 5.02 -6.75 32.01
C GLU O 28 4.80 -8.21 31.64
N THR O 29 5.08 -8.53 30.37
CA THR O 29 4.81 -9.84 29.78
C THR O 29 5.95 -10.24 28.86
N LEU O 30 5.85 -11.43 28.27
CA LEU O 30 6.77 -11.85 27.22
C LEU O 30 6.31 -11.42 25.81
N GLY O 31 5.22 -10.69 25.70
CA GLY O 31 4.79 -10.21 24.40
C GLY O 31 3.34 -9.75 24.42
N LEU O 32 2.81 -9.47 23.23
CA LEU O 32 1.48 -8.90 23.07
C LEU O 32 0.37 -9.94 22.94
N GLN O 33 0.71 -11.24 22.95
CA GLN O 33 -0.25 -12.31 22.70
C GLN O 33 -0.52 -13.10 23.98
N PRO O 34 -1.63 -12.83 24.68
CA PRO O 34 -1.85 -13.44 26.01
C PRO O 34 -1.89 -14.96 26.02
N HIS O 35 -2.32 -15.61 24.94
CA HIS O 35 -2.37 -17.06 24.96
C HIS O 35 -0.99 -17.68 24.80
N ARG O 36 -0.01 -16.93 24.29
CA ARG O 36 1.37 -17.38 24.19
C ARG O 36 2.28 -16.76 25.23
N ASP O 37 2.13 -15.46 25.49
CA ASP O 37 3.13 -14.65 26.21
C ASP O 37 2.65 -14.41 27.63
N ARG O 38 3.27 -15.08 28.60
CA ARG O 38 2.74 -15.09 29.95
C ARG O 38 2.92 -13.75 30.65
N LEU O 39 2.02 -13.49 31.60
CA LEU O 39 2.19 -12.39 32.54
C LEU O 39 3.43 -12.64 33.38
N CYS O 40 4.30 -11.62 33.47
CA CYS O 40 5.59 -11.73 34.14
C CYS O 40 5.69 -10.85 35.37
N VAL O 41 5.15 -9.63 35.31
CA VAL O 41 5.18 -8.68 36.41
C VAL O 41 3.84 -7.93 36.45
N VAL O 42 3.37 -7.63 37.65
CA VAL O 42 2.30 -6.66 37.84
C VAL O 42 2.83 -5.52 38.70
N GLN O 43 2.52 -4.29 38.30
CA GLN O 43 2.98 -3.10 38.99
C GLN O 43 1.79 -2.30 39.49
N LEU O 44 1.93 -1.74 40.68
CA LEU O 44 0.86 -0.99 41.34
C LEU O 44 1.43 0.25 42.00
N SER O 45 0.75 1.38 41.82
CA SER O 45 1.02 2.55 42.63
C SER O 45 -0.30 3.10 43.16
N SER O 46 -0.32 3.42 44.45
CA SER O 46 -1.45 4.08 45.08
C SER O 46 -1.48 5.57 44.80
N GLY O 47 -0.54 6.08 43.98
CA GLY O 47 -0.36 7.49 43.76
C GLY O 47 0.47 8.21 44.81
N ASP O 48 0.94 7.51 45.84
CA ASP O 48 1.67 8.17 46.93
C ASP O 48 3.17 8.30 46.65
N GLY O 49 3.58 8.25 45.39
CA GLY O 49 4.99 8.31 45.04
C GLY O 49 5.75 7.01 45.19
N THR O 50 5.14 5.96 45.73
CA THR O 50 5.76 4.65 45.86
C THR O 50 5.06 3.65 44.95
N ALA O 51 5.69 2.48 44.79
CA ALA O 51 5.19 1.45 43.88
C ALA O 51 5.50 0.06 44.41
N ASP O 52 4.66 -0.90 44.03
CA ASP O 52 4.86 -2.31 44.30
C ASP O 52 5.03 -3.07 42.99
N VAL O 53 6.08 -3.89 42.92
CA VAL O 53 6.42 -4.65 41.72
C VAL O 53 6.29 -6.13 42.09
N ILE O 54 5.37 -6.83 41.45
CA ILE O 54 5.02 -8.21 41.82
C ILE O 54 5.48 -9.14 40.72
N GLN O 55 6.46 -9.98 41.04
CA GLN O 55 6.87 -11.05 40.14
C GLN O 55 5.77 -12.11 40.08
N ILE O 56 5.36 -12.44 38.86
CA ILE O 56 4.43 -13.53 38.61
C ILE O 56 5.22 -14.69 38.05
N ALA O 57 5.02 -15.88 38.62
CA ALA O 57 5.76 -17.05 38.19
C ALA O 57 5.07 -17.74 37.00
N LYS O 58 5.84 -18.51 36.25
CA LYS O 58 5.27 -19.28 35.16
C LYS O 58 4.29 -20.30 35.74
N GLY O 59 3.08 -20.34 35.18
CA GLY O 59 2.05 -21.25 35.65
C GLY O 59 1.27 -20.78 36.86
N GLN O 60 1.62 -19.63 37.46
CA GLN O 60 0.89 -19.12 38.61
C GLN O 60 -0.54 -18.79 38.23
N LYS O 61 -1.48 -19.19 39.09
CA LYS O 61 -2.90 -19.04 38.79
C LYS O 61 -3.68 -18.16 39.76
N SER O 62 -3.14 -17.87 40.95
CA SER O 62 -3.82 -17.03 41.91
C SER O 62 -2.93 -15.89 42.35
N ALA O 63 -3.56 -14.76 42.64
CA ALA O 63 -2.95 -13.69 43.44
C ALA O 63 -4.07 -13.09 44.26
N PRO O 64 -4.44 -13.76 45.37
CA PRO O 64 -5.68 -13.39 46.06
C PRO O 64 -5.76 -11.92 46.47
N ASN O 65 -4.67 -11.38 47.01
CA ASN O 65 -4.67 -9.98 47.40
C ASN O 65 -4.78 -9.07 46.19
N LEU O 66 -3.98 -9.34 45.15
CA LEU O 66 -4.05 -8.53 43.94
C LEU O 66 -5.43 -8.63 43.29
N VAL O 67 -5.98 -9.84 43.23
CA VAL O 67 -7.25 -10.04 42.56
C VAL O 67 -8.39 -9.39 43.34
N ARG O 68 -8.31 -9.42 44.67
CA ARG O 68 -9.27 -8.66 45.48
C ARG O 68 -9.28 -7.20 45.09
N LEU O 69 -8.09 -6.64 44.85
CA LEU O 69 -7.97 -5.25 44.44
C LEU O 69 -8.59 -5.03 43.07
N LEU O 70 -8.32 -5.94 42.13
CA LEU O 70 -8.84 -5.83 40.77
C LEU O 70 -10.36 -6.01 40.70
N SER O 71 -10.94 -6.76 41.65
CA SER O 71 -12.38 -7.04 41.69
C SER O 71 -13.17 -5.98 42.45
N ASP O 72 -12.50 -5.01 43.07
CA ASP O 72 -13.14 -4.09 44.00
C ASP O 72 -13.87 -3.01 43.23
N ARG O 73 -15.21 -3.03 43.29
CA ARG O 73 -16.01 -2.09 42.52
C ARG O 73 -15.82 -0.64 42.97
N ASP O 74 -15.41 -0.41 44.22
CA ASP O 74 -15.21 0.93 44.74
C ASP O 74 -13.85 1.51 44.41
N ILE O 75 -12.96 0.72 43.80
CA ILE O 75 -11.60 1.15 43.52
C ILE O 75 -11.42 1.17 42.01
N THR O 76 -11.24 2.36 41.44
CA THR O 76 -11.02 2.46 40.02
C THR O 76 -9.61 1.98 39.67
N LYS O 77 -9.50 1.12 38.66
CA LYS O 77 -8.20 0.69 38.17
C LYS O 77 -7.78 1.59 37.01
N ILE O 78 -6.64 2.26 37.16
CA ILE O 78 -6.12 3.18 36.16
C ILE O 78 -5.03 2.47 35.38
N PHE O 79 -5.18 2.43 34.05
CA PHE O 79 -4.18 1.90 33.14
C PHE O 79 -3.86 2.95 32.09
N HIS O 80 -2.71 2.77 31.45
CA HIS O 80 -2.48 3.31 30.12
C HIS O 80 -2.65 2.18 29.11
N PHE O 81 -3.63 2.32 28.21
CA PHE O 81 -4.06 1.28 27.28
C PHE O 81 -4.45 0.01 28.04
N GLY O 82 -5.49 0.16 28.88
CA GLY O 82 -6.01 -0.96 29.66
C GLY O 82 -6.51 -2.13 28.83
N ARG O 83 -6.81 -1.91 27.56
CA ARG O 83 -7.21 -3.03 26.70
C ARG O 83 -6.22 -4.19 26.82
N PHE O 84 -4.92 -3.89 26.84
CA PHE O 84 -3.91 -4.94 26.96
C PHE O 84 -3.91 -5.55 28.36
N ASP O 85 -3.70 -4.72 29.40
CA ASP O 85 -3.55 -5.23 30.76
C ASP O 85 -4.77 -6.03 31.21
N LEU O 86 -5.97 -5.56 30.88
CA LEU O 86 -7.17 -6.29 31.28
C LEU O 86 -7.21 -7.68 30.66
N ALA O 87 -6.77 -7.82 29.39
CA ALA O 87 -6.80 -9.11 28.73
C ALA O 87 -5.87 -10.10 29.43
N ILE O 88 -4.62 -9.68 29.67
CA ILE O 88 -3.65 -10.60 30.26
C ILE O 88 -3.96 -10.83 31.74
N LEU O 89 -4.46 -9.82 32.45
CA LEU O 89 -4.86 -10.03 33.83
C LEU O 89 -6.04 -11.01 33.90
N ALA O 90 -7.07 -10.79 33.07
CA ALA O 90 -8.19 -11.73 33.03
C ALA O 90 -7.74 -13.13 32.62
N HIS O 91 -6.85 -13.21 31.64
CA HIS O 91 -6.41 -14.52 31.16
C HIS O 91 -5.63 -15.29 32.22
N THR O 92 -4.81 -14.61 33.00
CA THR O 92 -3.96 -15.30 33.96
C THR O 92 -4.72 -15.71 35.22
N PHE O 93 -5.60 -14.85 35.72
CA PHE O 93 -6.22 -15.03 37.02
C PHE O 93 -7.71 -15.28 36.96
N GLY O 94 -8.32 -15.24 35.77
CA GLY O 94 -9.73 -15.53 35.61
C GLY O 94 -10.68 -14.45 36.05
N VAL O 95 -10.20 -13.25 36.39
CA VAL O 95 -11.04 -12.17 36.89
C VAL O 95 -10.81 -10.93 36.04
N MET O 96 -11.89 -10.36 35.52
CA MET O 96 -11.82 -9.18 34.66
C MET O 96 -12.27 -7.95 35.46
N PRO O 97 -11.38 -6.99 35.74
CA PRO O 97 -11.83 -5.75 36.39
C PRO O 97 -12.86 -5.04 35.53
N ASP O 98 -13.74 -4.26 36.16
CA ASP O 98 -14.74 -3.54 35.39
C ASP O 98 -15.02 -2.12 35.88
N VAL O 99 -14.20 -1.57 36.77
CA VAL O 99 -14.24 -0.14 37.10
C VAL O 99 -12.86 0.39 36.74
N VAL O 100 -12.75 0.99 35.54
CA VAL O 100 -11.44 1.25 34.96
C VAL O 100 -11.40 2.65 34.37
N PHE O 101 -10.17 3.16 34.22
CA PHE O 101 -9.86 4.41 33.56
C PHE O 101 -8.62 4.18 32.70
N CYS O 102 -8.64 4.68 31.46
CA CYS O 102 -7.55 4.46 30.51
C CYS O 102 -7.05 5.79 29.99
N THR O 103 -5.76 6.06 30.16
CA THR O 103 -5.23 7.34 29.73
C THR O 103 -5.02 7.42 28.22
N LYS O 104 -4.98 6.28 27.52
CA LYS O 104 -4.87 6.33 26.07
C LYS O 104 -6.21 6.68 25.43
N ILE O 105 -7.29 6.03 25.87
CA ILE O 105 -8.63 6.45 25.44
C ILE O 105 -8.84 7.92 25.78
N ALA O 106 -8.51 8.31 27.01
CA ALA O 106 -8.71 9.70 27.41
C ALA O 106 -7.86 10.65 26.56
N SER O 107 -6.63 10.25 26.27
CA SER O 107 -5.79 11.03 25.35
C SER O 107 -6.43 11.13 23.97
N LYS O 108 -6.94 10.01 23.43
CA LYS O 108 -7.61 10.06 22.14
C LYS O 108 -8.88 10.91 22.16
N LEU O 109 -9.46 11.17 23.34
CA LEU O 109 -10.66 12.00 23.46
C LEU O 109 -10.37 13.46 23.79
N THR O 110 -9.11 13.85 24.02
CA THR O 110 -8.83 15.20 24.48
C THR O 110 -7.65 15.81 23.72
N ARG O 111 -6.61 15.00 23.52
CA ARG O 111 -5.43 15.43 22.79
C ARG O 111 -5.65 15.29 21.28
N THR O 112 -6.66 16.03 20.83
CA THR O 112 -7.13 15.99 19.45
C THR O 112 -6.22 16.76 18.49
N TYR O 113 -5.11 17.32 18.97
CA TYR O 113 -4.15 18.08 18.18
C TYR O 113 -2.92 17.26 17.85
N THR O 114 -2.99 15.94 18.04
CA THR O 114 -1.84 15.07 17.88
C THR O 114 -2.34 13.69 17.54
N ASP O 115 -1.43 12.88 17.01
CA ASP O 115 -1.70 11.49 16.70
C ASP O 115 -0.76 10.58 17.47
N ARG O 116 0.05 11.16 18.36
CA ARG O 116 0.97 10.42 19.23
C ARG O 116 0.32 10.31 20.60
N HIS O 117 -0.19 9.11 20.91
CA HIS O 117 -0.94 8.87 22.13
C HIS O 117 -0.28 7.85 23.05
N GLY O 118 0.99 7.51 22.81
CA GLY O 118 1.69 6.61 23.71
C GLY O 118 2.00 7.26 25.05
N LEU O 119 2.33 6.40 26.04
CA LEU O 119 2.54 6.89 27.40
C LEU O 119 3.73 7.86 27.47
N LYS O 120 4.84 7.51 26.80
CA LYS O 120 6.00 8.40 26.64
C LYS O 120 5.58 9.80 26.23
N GLU O 121 4.77 9.88 25.18
CA GLU O 121 4.40 11.16 24.61
C GLU O 121 3.45 11.93 25.52
N ILE O 122 2.53 11.22 26.17
CA ILE O 122 1.62 11.88 27.11
C ILE O 122 2.40 12.46 28.29
N CYS O 123 3.35 11.69 28.82
CA CYS O 123 4.08 12.14 29.99
C CYS O 123 4.98 13.33 29.66
N GLY O 124 5.63 13.30 28.50
CA GLY O 124 6.44 14.44 28.10
C GLY O 124 5.63 15.72 28.01
N GLU O 125 4.44 15.64 27.42
CA GLU O 125 3.65 16.84 27.20
C GLU O 125 2.94 17.30 28.47
N LEU O 126 2.26 16.38 29.17
CA LEU O 126 1.44 16.78 30.31
C LEU O 126 2.28 17.05 31.56
N LEU O 127 3.44 16.41 31.70
CA LEU O 127 4.18 16.46 32.94
C LEU O 127 5.64 16.87 32.79
N ASN O 128 6.17 17.00 31.58
CA ASN O 128 7.58 17.30 31.36
C ASN O 128 8.44 16.22 32.04
N VAL O 129 8.24 14.98 31.60
CA VAL O 129 8.77 13.78 32.24
C VAL O 129 9.24 12.83 31.15
N ASN O 130 10.32 12.09 31.44
CA ASN O 130 10.84 11.09 30.51
C ASN O 130 10.73 9.69 31.11
N ILE O 131 10.08 8.79 30.37
CA ILE O 131 9.80 7.41 30.79
C ILE O 131 10.68 6.48 29.96
N SER O 132 11.96 6.37 30.30
CA SER O 132 12.94 5.75 29.41
C SER O 132 12.52 4.35 28.94
N LYS O 133 11.90 4.29 27.76
CA LYS O 133 11.36 3.05 27.19
C LYS O 133 12.45 2.11 26.69
N GLN O 134 13.66 2.22 27.25
CA GLN O 134 14.78 1.40 26.80
C GLN O 134 14.72 -0.02 27.36
N GLN O 135 14.19 -0.19 28.58
CA GLN O 135 14.04 -1.51 29.18
C GLN O 135 12.78 -2.23 28.71
N GLN O 136 12.01 -1.64 27.79
CA GLN O 136 10.85 -2.33 27.22
C GLN O 136 11.25 -3.66 26.58
N SER O 137 12.46 -3.74 26.02
CA SER O 137 13.01 -4.95 25.40
C SER O 137 14.03 -5.57 26.35
N SER O 138 13.56 -6.40 27.28
CA SER O 138 14.43 -7.14 28.18
C SER O 138 13.71 -8.42 28.58
N ASP O 139 14.39 -9.27 29.35
CA ASP O 139 13.81 -10.55 29.74
C ASP O 139 13.02 -10.36 31.01
N TRP O 140 11.71 -10.12 30.85
CA TRP O 140 10.83 -9.93 32.00
C TRP O 140 10.51 -11.22 32.72
N ALA O 141 10.94 -12.38 32.21
CA ALA O 141 10.72 -13.66 32.87
C ALA O 141 11.93 -14.14 33.65
N ALA O 142 12.97 -13.32 33.74
CA ALA O 142 14.17 -13.69 34.49
C ALA O 142 13.84 -14.04 35.94
N GLU O 143 14.55 -15.03 36.47
CA GLU O 143 14.45 -15.41 37.89
C GLU O 143 14.52 -14.18 38.79
N THR O 144 15.60 -13.42 38.65
CA THR O 144 15.84 -12.21 39.44
C THR O 144 15.82 -11.01 38.50
N LEU O 145 14.89 -10.10 38.72
CA LEU O 145 14.83 -8.90 37.90
C LEU O 145 15.95 -7.96 38.32
N SER O 146 16.44 -7.18 37.36
CA SER O 146 17.51 -6.23 37.65
C SER O 146 16.94 -4.98 38.31
N ARG O 147 17.84 -4.22 38.96
CA ARG O 147 17.45 -2.91 39.49
C ARG O 147 16.93 -2.03 38.36
N ALA O 148 17.60 -2.05 37.21
CA ALA O 148 17.12 -1.33 36.04
C ALA O 148 15.71 -1.75 35.65
N GLN O 149 15.42 -3.06 35.65
CA GLN O 149 14.08 -3.52 35.29
C GLN O 149 13.04 -3.08 36.32
N ILE O 150 13.37 -3.22 37.61
CA ILE O 150 12.43 -2.85 38.68
C ILE O 150 12.03 -1.39 38.57
N GLU O 151 12.98 -0.51 38.24
CA GLU O 151 12.67 0.92 38.21
C GLU O 151 11.93 1.33 36.95
N TYR O 152 12.14 0.64 35.82
CA TYR O 152 11.33 0.94 34.65
C TYR O 152 9.88 0.52 34.87
N ALA O 153 9.67 -0.68 35.42
CA ALA O 153 8.31 -1.16 35.65
C ALA O 153 7.60 -0.29 36.68
N ALA O 154 8.33 0.15 37.70
CA ALA O 154 7.72 1.01 38.72
C ALA O 154 7.32 2.37 38.16
N SER O 155 8.14 2.94 37.28
CA SER O 155 7.87 4.28 36.77
C SER O 155 6.66 4.33 35.84
N ASP O 156 6.20 3.20 35.34
CA ASP O 156 5.04 3.19 34.47
C ASP O 156 3.71 3.28 35.22
N VAL O 157 3.73 3.47 36.54
CA VAL O 157 2.50 3.62 37.31
C VAL O 157 2.60 4.84 38.21
N LEU O 158 3.81 5.37 38.40
CA LEU O 158 3.97 6.55 39.25
C LEU O 158 3.21 7.77 38.73
N TYR O 159 2.87 7.78 37.45
CA TYR O 159 2.35 9.00 36.84
C TYR O 159 0.87 8.90 36.48
N LEU O 160 0.26 7.73 36.61
CA LEU O 160 -1.07 7.52 36.07
C LEU O 160 -2.13 8.29 36.86
N HIS O 161 -1.93 8.48 38.16
CA HIS O 161 -2.87 9.28 38.95
C HIS O 161 -2.89 10.74 38.50
N ARG O 162 -1.70 11.35 38.37
CA ARG O 162 -1.65 12.74 37.90
C ARG O 162 -2.21 12.87 36.49
N LEU O 163 -1.94 11.87 35.64
CA LEU O 163 -2.47 11.91 34.27
C LEU O 163 -3.99 11.82 34.26
N LYS O 164 -4.56 10.92 35.05
CA LYS O 164 -6.01 10.85 35.18
C LYS O 164 -6.61 12.20 35.54
N ASP O 165 -6.01 12.90 36.53
CA ASP O 165 -6.56 14.20 36.95
C ASP O 165 -6.53 15.21 35.82
N ILE O 166 -5.40 15.33 35.11
CA ILE O 166 -5.35 16.28 34.01
C ILE O 166 -6.38 15.91 32.94
N PHE O 167 -6.54 14.61 32.65
CA PHE O 167 -7.47 14.20 31.60
C PHE O 167 -8.93 14.42 32.01
N GLU O 168 -9.26 14.19 33.29
CA GLU O 168 -10.62 14.50 33.75
C GLU O 168 -10.92 15.98 33.67
N GLU O 169 -9.91 16.83 33.89
CA GLU O 169 -10.08 18.25 33.64
C GLU O 169 -10.43 18.51 32.18
N ARG O 170 -9.69 17.88 31.26
CA ARG O 170 -9.93 18.10 29.82
C ARG O 170 -11.29 17.56 29.39
N LEU O 171 -11.68 16.39 29.91
CA LEU O 171 -12.98 15.83 29.56
C LEU O 171 -14.11 16.73 30.03
N LYS O 172 -13.93 17.37 31.19
CA LYS O 172 -14.92 18.31 31.68
C LYS O 172 -14.96 19.56 30.81
N ARG O 173 -13.77 20.12 30.49
CA ARG O 173 -13.70 21.34 29.69
C ARG O 173 -14.37 21.16 28.32
N GLU O 174 -14.05 20.07 27.62
CA GLU O 174 -14.61 19.82 26.30
C GLU O 174 -15.95 19.09 26.33
N GLU O 175 -16.52 18.85 27.52
CA GLU O 175 -17.86 18.28 27.69
C GLU O 175 -17.95 16.89 27.05
N ARG O 176 -17.03 16.00 27.44
CA ARG O 176 -16.96 14.65 26.91
C ARG O 176 -16.93 13.60 28.02
N GLU O 177 -17.37 13.97 29.22
CA GLU O 177 -17.30 13.07 30.36
C GLU O 177 -18.14 11.82 30.14
N SER O 178 -19.35 11.99 29.62
CA SER O 178 -20.21 10.83 29.44
C SER O 178 -19.73 9.96 28.28
N VAL O 179 -19.06 10.57 27.30
CA VAL O 179 -18.45 9.79 26.22
C VAL O 179 -17.32 8.93 26.76
N ALA O 180 -16.44 9.52 27.57
CA ALA O 180 -15.36 8.76 28.15
C ALA O 180 -15.89 7.64 29.04
N LYS O 181 -16.91 7.93 29.86
CA LYS O 181 -17.50 6.92 30.73
C LYS O 181 -18.01 5.72 29.93
N ALA O 182 -18.70 5.97 28.82
CA ALA O 182 -19.17 4.86 28.00
C ALA O 182 -18.02 4.03 27.45
N CYS O 183 -16.95 4.70 26.96
CA CYS O 183 -15.79 3.95 26.47
C CYS O 183 -15.16 3.10 27.57
N PHE O 184 -15.01 3.68 28.78
CA PHE O 184 -14.45 2.92 29.89
C PHE O 184 -15.34 1.75 30.28
N GLN O 185 -16.66 1.91 30.17
CA GLN O 185 -17.55 0.83 30.55
C GLN O 185 -17.41 -0.35 29.59
N PHE O 186 -17.28 -0.10 28.29
CA PHE O 186 -17.14 -1.18 27.32
C PHE O 186 -15.77 -1.83 27.37
N LEU O 187 -14.75 -1.10 27.84
CA LEU O 187 -13.36 -1.56 27.72
C LEU O 187 -13.13 -2.99 28.21
N PRO O 188 -13.65 -3.44 29.37
CA PRO O 188 -13.45 -4.85 29.75
C PRO O 188 -14.02 -5.83 28.75
N MET O 189 -15.13 -5.50 28.09
CA MET O 189 -15.62 -6.40 27.05
C MET O 189 -14.77 -6.31 25.80
N ARG O 190 -14.25 -5.12 25.46
CA ARG O 190 -13.28 -5.04 24.37
C ARG O 190 -12.10 -5.95 24.65
N ALA O 191 -11.65 -6.01 25.91
CA ALA O 191 -10.58 -6.92 26.29
C ALA O 191 -11.03 -8.38 26.17
N ASN O 192 -12.27 -8.68 26.58
CA ASN O 192 -12.80 -10.03 26.41
C ASN O 192 -12.85 -10.43 24.95
N LEU O 193 -13.40 -9.55 24.10
CA LEU O 193 -13.41 -9.79 22.67
C LEU O 193 -12.04 -10.22 22.15
N ASP O 194 -10.97 -9.59 22.64
CA ASP O 194 -9.63 -9.96 22.19
C ASP O 194 -9.29 -11.39 22.61
N LEU O 195 -9.53 -11.72 23.89
CA LEU O 195 -9.21 -13.06 24.37
C LEU O 195 -10.00 -14.13 23.63
N LEU O 196 -11.23 -13.81 23.23
CA LEU O 196 -12.12 -14.79 22.62
C LEU O 196 -11.82 -15.00 21.14
N GLY O 197 -11.06 -14.09 20.51
CA GLY O 197 -10.61 -14.27 19.15
C GLY O 197 -10.80 -13.10 18.21
N TRP O 198 -11.32 -11.96 18.68
CA TRP O 198 -11.54 -10.81 17.82
C TRP O 198 -10.50 -9.72 18.00
N SER O 199 -9.27 -10.07 18.38
CA SER O 199 -8.28 -9.04 18.66
C SER O 199 -7.92 -8.25 17.40
N GLU O 200 -8.05 -8.83 16.21
CA GLU O 200 -7.73 -8.13 14.97
C GLU O 200 -8.93 -7.39 14.36
N ILE O 201 -10.05 -7.31 15.06
CA ILE O 201 -11.32 -6.86 14.47
C ILE O 201 -11.84 -5.65 15.25
N ASP O 202 -11.98 -4.52 14.58
CA ASP O 202 -12.80 -3.43 15.10
C ASP O 202 -14.25 -3.89 14.98
N ILE O 203 -14.83 -4.32 16.11
CA ILE O 203 -16.15 -4.93 16.07
C ILE O 203 -17.22 -3.95 15.59
N PHE O 204 -16.94 -2.65 15.57
CA PHE O 204 -17.95 -1.65 15.19
C PHE O 204 -17.79 -1.15 13.75
N ALA O 205 -16.74 -1.56 13.05
CA ALA O 205 -16.48 -1.03 11.71
C ALA O 205 -17.48 -1.61 10.70
N HIS O 206 -17.74 -0.85 9.63
CA HIS O 206 -18.60 -1.35 8.56
C HIS O 206 -17.97 -2.56 7.87
N SER O 207 -16.66 -2.52 7.64
CA SER O 207 -15.93 -3.66 7.10
C SER O 207 -14.50 -3.58 7.58
#